data_4KOT
# 
_entry.id   4KOT 
# 
_audit_conform.dict_name       mmcif_pdbx.dic 
_audit_conform.dict_version    5.379 
_audit_conform.dict_location   http://mmcif.pdb.org/dictionaries/ascii/mmcif_pdbx.dic 
# 
loop_
_database_2.database_id 
_database_2.database_code 
_database_2.pdbx_database_accession 
_database_2.pdbx_DOI 
PDB   4KOT         pdb_00004kot 10.2210/pdb4kot/pdb 
RCSB  RCSB079606   ?            ?                   
WWPDB D_1000079606 ?            ?                   
# 
loop_
_pdbx_database_related.db_name 
_pdbx_database_related.db_id 
_pdbx_database_related.details 
_pdbx_database_related.content_type 
PDB         3PGP           'in complex with AcCoA'                          unspecified 
PDB         4KLV           'in complex with 4-methylumbelliferyl phosphate' unspecified 
PDB         4KLW           'in complex with 2-(aminocarbonyl)benzoate'      unspecified 
PDB         4KOR           'in complex with 7-aminocephalosporanic acid'    unspecified 
PDB         4KOS           'in complex with Cefmetazole'                    unspecified 
PDB         4KOU           'in complex with Cefixime'                       unspecified 
PDB         4KOV           'in complex with Cefuroxime'                     unspecified 
PDB         4KOW           'in complex with Cefoxitin'                      unspecified 
PDB         4KOX           'in complex with Cefalotin'                      unspecified 
PDB         4KOY           'in complex with Cephalosporin C'                unspecified 
PDB         4KUA           'APO FORM'                                       unspecified 
PDB         4KUB           'IN COMPLEX WITH COA'                            unspecified 
TargetTrack MCSG-APC102304 .                                                unspecified 
# 
_pdbx_database_status.status_code                     REL 
_pdbx_database_status.entry_id                        4KOT 
_pdbx_database_status.recvd_initial_deposition_date   2013-05-12 
_pdbx_database_status.deposit_site                    RCSB 
_pdbx_database_status.process_site                    RCSB 
_pdbx_database_status.status_code_sf                  REL 
_pdbx_database_status.status_code_mr                  ? 
_pdbx_database_status.SG_entry                        Y 
_pdbx_database_status.status_code_cs                  ? 
_pdbx_database_status.methods_development_category    ? 
_pdbx_database_status.pdb_format_compatible           Y 
_pdbx_database_status.status_code_nmr_data            ? 
# 
loop_
_audit_author.name 
_audit_author.pdbx_ordinal 
_audit_author.identifier_ORCID 
'Majorek, K.A.'                                 1 ?                   
'Chruszcz, M.'                                  2 ?                   
'Joachimiak, A.'                                3 ?                   
'Minor, W.'                                     4 0000-0001-7075-7090 
'Midwest Center for Structural Genomics (MCSG)' 5 ?                   
# 
_citation.id                        primary 
_citation.title                     
;Structural, Functional, and Inhibition Studies of a Gcn5-related N-Acetyltransferase (GNAT) Superfamily Protein PA4794: A NEW C-TERMINAL LYSINE PROTEIN ACETYLTRANSFERASE FROM PSEUDOMONAS AERUGINOSA.
;
_citation.journal_abbrev            J.Biol.Chem. 
_citation.journal_volume            288 
_citation.page_first                30223 
_citation.page_last                 30235 
_citation.year                      2013 
_citation.journal_id_ASTM           JBCHA3 
_citation.country                   US 
_citation.journal_id_ISSN           0021-9258 
_citation.journal_id_CSD            0071 
_citation.book_publisher            ? 
_citation.pdbx_database_id_PubMed   24003232 
_citation.pdbx_database_id_DOI      10.1074/jbc.M113.501353 
# 
loop_
_citation_author.citation_id 
_citation_author.name 
_citation_author.ordinal 
_citation_author.identifier_ORCID 
primary 'Majorek, K.A.'  1 ?                   
primary 'Kuhn, M.L.'     2 ?                   
primary 'Chruszcz, M.'   3 ?                   
primary 'Anderson, W.F.' 4 ?                   
primary 'Minor, W.'      5 0000-0001-7075-7090 
# 
_cell.entry_id           4KOT 
_cell.length_a           58.750 
_cell.length_b           76.296 
_cell.length_c           39.298 
_cell.angle_alpha        90.00 
_cell.angle_beta         90.00 
_cell.angle_gamma        90.00 
_cell.Z_PDB              4 
_cell.pdbx_unique_axis   ? 
_cell.length_a_esd       ? 
_cell.length_b_esd       ? 
_cell.length_c_esd       ? 
_cell.angle_alpha_esd    ? 
_cell.angle_beta_esd     ? 
_cell.angle_gamma_esd    ? 
# 
_symmetry.entry_id                         4KOT 
_symmetry.space_group_name_H-M             'P 21 21 2' 
_symmetry.pdbx_full_space_group_name_H-M   ? 
_symmetry.cell_setting                     ? 
_symmetry.Int_Tables_number                18 
_symmetry.space_group_name_Hall            ? 
# 
loop_
_entity.id 
_entity.type 
_entity.src_method 
_entity.pdbx_description 
_entity.formula_weight 
_entity.pdbx_number_of_molecules 
_entity.pdbx_ec 
_entity.pdbx_mutation 
_entity.pdbx_fragment 
_entity.details 
1 polymer     man 'Uncharacterized protein' 18000.600 1   ? ? ? ? 
2 non-polymer syn 'SULFATE ION' 96.063    4   ? ? ? ? 
3 non-polymer syn 
;(6R,7R)-3-(acetyloxymethyl)-7-[[(2Z)-2-(2-amino-1,3-thiazol-4-yl)-2-methoxyimino-ethanoyl]amino]-8-oxo-5-thia-1-azabicy clo[4.2.0]oct-2-ene-2-carboxylic acid
;
455.465   1   ? ? ? ? 
4 non-polymer syn 1,2-ETHANEDIOL 62.068    5   ? ? ? ? 
5 water       nat water 18.015    188 ? ? ? ? 
# 
_entity_poly.entity_id                      1 
_entity_poly.type                           'polypeptide(L)' 
_entity_poly.nstd_linkage                   no 
_entity_poly.nstd_monomer                   no 
_entity_poly.pdbx_seq_one_letter_code       
;GHMQLSHRPAETGDLETVAGFPQDRDELFYCYPKAIWPFSVAQLAAAIAERRGSTVAVHDGQVLGFANFYQWQHGDFCAL
GNMMVAPAARGLGVARYLIGVMENLAREQYKARLMKISCFNANAAGLLLYTQLGYQPRAIAERHDPDGRRVALIQMDKPL
EP
;
_entity_poly.pdbx_seq_one_letter_code_can   
;GHMQLSHRPAETGDLETVAGFPQDRDELFYCYPKAIWPFSVAQLAAAIAERRGSTVAVHDGQVLGFANFYQWQHGDFCAL
GNMMVAPAARGLGVARYLIGVMENLAREQYKARLMKISCFNANAAGLLLYTQLGYQPRAIAERHDPDGRRVALIQMDKPL
EP
;
_entity_poly.pdbx_strand_id                 A 
_entity_poly.pdbx_target_identifier         MCSG-APC102304 
# 
loop_
_entity_poly_seq.entity_id 
_entity_poly_seq.num 
_entity_poly_seq.mon_id 
_entity_poly_seq.hetero 
1 1   GLY n 
1 2   HIS n 
1 3   MET n 
1 4   GLN n 
1 5   LEU n 
1 6   SER n 
1 7   HIS n 
1 8   ARG n 
1 9   PRO n 
1 10  ALA n 
1 11  GLU n 
1 12  THR n 
1 13  GLY n 
1 14  ASP n 
1 15  LEU n 
1 16  GLU n 
1 17  THR n 
1 18  VAL n 
1 19  ALA n 
1 20  GLY n 
1 21  PHE n 
1 22  PRO n 
1 23  GLN n 
1 24  ASP n 
1 25  ARG n 
1 26  ASP n 
1 27  GLU n 
1 28  LEU n 
1 29  PHE n 
1 30  TYR n 
1 31  CYS n 
1 32  TYR n 
1 33  PRO n 
1 34  LYS n 
1 35  ALA n 
1 36  ILE n 
1 37  TRP n 
1 38  PRO n 
1 39  PHE n 
1 40  SER n 
1 41  VAL n 
1 42  ALA n 
1 43  GLN n 
1 44  LEU n 
1 45  ALA n 
1 46  ALA n 
1 47  ALA n 
1 48  ILE n 
1 49  ALA n 
1 50  GLU n 
1 51  ARG n 
1 52  ARG n 
1 53  GLY n 
1 54  SER n 
1 55  THR n 
1 56  VAL n 
1 57  ALA n 
1 58  VAL n 
1 59  HIS n 
1 60  ASP n 
1 61  GLY n 
1 62  GLN n 
1 63  VAL n 
1 64  LEU n 
1 65  GLY n 
1 66  PHE n 
1 67  ALA n 
1 68  ASN n 
1 69  PHE n 
1 70  TYR n 
1 71  GLN n 
1 72  TRP n 
1 73  GLN n 
1 74  HIS n 
1 75  GLY n 
1 76  ASP n 
1 77  PHE n 
1 78  CYS n 
1 79  ALA n 
1 80  LEU n 
1 81  GLY n 
1 82  ASN n 
1 83  MET n 
1 84  MET n 
1 85  VAL n 
1 86  ALA n 
1 87  PRO n 
1 88  ALA n 
1 89  ALA n 
1 90  ARG n 
1 91  GLY n 
1 92  LEU n 
1 93  GLY n 
1 94  VAL n 
1 95  ALA n 
1 96  ARG n 
1 97  TYR n 
1 98  LEU n 
1 99  ILE n 
1 100 GLY n 
1 101 VAL n 
1 102 MET n 
1 103 GLU n 
1 104 ASN n 
1 105 LEU n 
1 106 ALA n 
1 107 ARG n 
1 108 GLU n 
1 109 GLN n 
1 110 TYR n 
1 111 LYS n 
1 112 ALA n 
1 113 ARG n 
1 114 LEU n 
1 115 MET n 
1 116 LYS n 
1 117 ILE n 
1 118 SER n 
1 119 CYS n 
1 120 PHE n 
1 121 ASN n 
1 122 ALA n 
1 123 ASN n 
1 124 ALA n 
1 125 ALA n 
1 126 GLY n 
1 127 LEU n 
1 128 LEU n 
1 129 LEU n 
1 130 TYR n 
1 131 THR n 
1 132 GLN n 
1 133 LEU n 
1 134 GLY n 
1 135 TYR n 
1 136 GLN n 
1 137 PRO n 
1 138 ARG n 
1 139 ALA n 
1 140 ILE n 
1 141 ALA n 
1 142 GLU n 
1 143 ARG n 
1 144 HIS n 
1 145 ASP n 
1 146 PRO n 
1 147 ASP n 
1 148 GLY n 
1 149 ARG n 
1 150 ARG n 
1 151 VAL n 
1 152 ALA n 
1 153 LEU n 
1 154 ILE n 
1 155 GLN n 
1 156 MET n 
1 157 ASP n 
1 158 LYS n 
1 159 PRO n 
1 160 LEU n 
1 161 GLU n 
1 162 PRO n 
# 
_entity_src_gen.entity_id                          1 
_entity_src_gen.pdbx_src_id                        1 
_entity_src_gen.pdbx_alt_source_flag               sample 
_entity_src_gen.pdbx_seq_type                      ? 
_entity_src_gen.pdbx_beg_seq_num                   ? 
_entity_src_gen.pdbx_end_seq_num                   ? 
_entity_src_gen.gene_src_common_name               ? 
_entity_src_gen.gene_src_genus                     ? 
_entity_src_gen.pdbx_gene_src_gene                 PA4794 
_entity_src_gen.gene_src_species                   ? 
_entity_src_gen.gene_src_strain                    PAO1 
_entity_src_gen.gene_src_tissue                    ? 
_entity_src_gen.gene_src_tissue_fraction           ? 
_entity_src_gen.gene_src_details                   ? 
_entity_src_gen.pdbx_gene_src_fragment             ? 
_entity_src_gen.pdbx_gene_src_scientific_name      'Pseudomonas aeruginosa' 
_entity_src_gen.pdbx_gene_src_ncbi_taxonomy_id     208964 
_entity_src_gen.pdbx_gene_src_variant              ? 
_entity_src_gen.pdbx_gene_src_cell_line            ? 
_entity_src_gen.pdbx_gene_src_atcc                 ? 
_entity_src_gen.pdbx_gene_src_organ                ? 
_entity_src_gen.pdbx_gene_src_organelle            ? 
_entity_src_gen.pdbx_gene_src_cell                 ? 
_entity_src_gen.pdbx_gene_src_cellular_location    ? 
_entity_src_gen.host_org_common_name               ? 
_entity_src_gen.pdbx_host_org_scientific_name      'Escherichia coli' 
_entity_src_gen.pdbx_host_org_ncbi_taxonomy_id     469008 
_entity_src_gen.host_org_genus                     ? 
_entity_src_gen.pdbx_host_org_gene                 ? 
_entity_src_gen.pdbx_host_org_organ                ? 
_entity_src_gen.host_org_species                   ? 
_entity_src_gen.pdbx_host_org_tissue               ? 
_entity_src_gen.pdbx_host_org_tissue_fraction      ? 
_entity_src_gen.pdbx_host_org_strain               'BL21 (DE3) RIL' 
_entity_src_gen.pdbx_host_org_variant              ? 
_entity_src_gen.pdbx_host_org_cell_line            ? 
_entity_src_gen.pdbx_host_org_atcc                 ? 
_entity_src_gen.pdbx_host_org_culture_collection   ? 
_entity_src_gen.pdbx_host_org_cell                 ? 
_entity_src_gen.pdbx_host_org_organelle            ? 
_entity_src_gen.pdbx_host_org_cellular_location    ? 
_entity_src_gen.pdbx_host_org_vector_type          plasmid 
_entity_src_gen.pdbx_host_org_vector               ? 
_entity_src_gen.host_org_details                   ? 
_entity_src_gen.expression_system_id               ? 
_entity_src_gen.plasmid_name                       p11 
_entity_src_gen.plasmid_details                    ? 
_entity_src_gen.pdbx_description                   ? 
# 
_struct_ref.id                         1 
_struct_ref.db_name                    UNP 
_struct_ref.db_code                    Q9HV14_PSEAE 
_struct_ref.pdbx_db_accession          Q9HV14 
_struct_ref.entity_id                  1 
_struct_ref.pdbx_seq_one_letter_code   
;MQLSHRPAETGDLETVAGFPQDRDELFYCYPKAIWPFSVAQLAAAIAERRGSTVAVHDGQVLGFANFYQWQHGDFCALGN
MMVAPAARGLGVARYLIGVMENLAREQYKARLMKISCFNANAAGLLLYTQLGYQPRAIAERHDPDGRRVALIQMDKPLEP

;
_struct_ref.pdbx_align_begin           1 
_struct_ref.pdbx_db_isoform            ? 
# 
_struct_ref_seq.align_id                      1 
_struct_ref_seq.ref_id                        1 
_struct_ref_seq.pdbx_PDB_id_code              4KOT 
_struct_ref_seq.pdbx_strand_id                A 
_struct_ref_seq.seq_align_beg                 3 
_struct_ref_seq.pdbx_seq_align_beg_ins_code   ? 
_struct_ref_seq.seq_align_end                 162 
_struct_ref_seq.pdbx_seq_align_end_ins_code   ? 
_struct_ref_seq.pdbx_db_accession             Q9HV14 
_struct_ref_seq.db_align_beg                  1 
_struct_ref_seq.pdbx_db_align_beg_ins_code    ? 
_struct_ref_seq.db_align_end                  160 
_struct_ref_seq.pdbx_db_align_end_ins_code    ? 
_struct_ref_seq.pdbx_auth_seq_align_beg       1 
_struct_ref_seq.pdbx_auth_seq_align_end       160 
# 
loop_
_struct_ref_seq_dif.align_id 
_struct_ref_seq_dif.pdbx_pdb_id_code 
_struct_ref_seq_dif.mon_id 
_struct_ref_seq_dif.pdbx_pdb_strand_id 
_struct_ref_seq_dif.seq_num 
_struct_ref_seq_dif.pdbx_pdb_ins_code 
_struct_ref_seq_dif.pdbx_seq_db_name 
_struct_ref_seq_dif.pdbx_seq_db_accession_code 
_struct_ref_seq_dif.db_mon_id 
_struct_ref_seq_dif.pdbx_seq_db_seq_num 
_struct_ref_seq_dif.details 
_struct_ref_seq_dif.pdbx_auth_seq_num 
_struct_ref_seq_dif.pdbx_ordinal 
1 4KOT GLY A 1 ? UNP Q9HV14 ? ? 'expression tag' -1 1 
1 4KOT HIS A 2 ? UNP Q9HV14 ? ? 'expression tag' 0  2 
# 
loop_
_chem_comp.id 
_chem_comp.type 
_chem_comp.mon_nstd_flag 
_chem_comp.name 
_chem_comp.pdbx_synonyms 
_chem_comp.formula 
_chem_comp.formula_weight 
ALA 'L-peptide linking' y ALANINE ?                 'C3 H7 N O2'       89.093  
ARG 'L-peptide linking' y ARGININE ?                 'C6 H15 N4 O2 1'   175.209 
ASN 'L-peptide linking' y ASPARAGINE ?                 'C4 H8 N2 O3'      132.118 
ASP 'L-peptide linking' y 'ASPARTIC ACID' ?                 'C4 H7 N O4'       133.103 
CE3 non-polymer         . 
;(6R,7R)-3-(acetyloxymethyl)-7-[[(2Z)-2-(2-amino-1,3-thiazol-4-yl)-2-methoxyimino-ethanoyl]amino]-8-oxo-5-thia-1-azabicy clo[4.2.0]oct-2-ene-2-carboxylic acid
;
CEFOTAXIME        'C16 H17 N5 O7 S2' 455.465 
CYS 'L-peptide linking' y CYSTEINE ?                 'C3 H7 N O2 S'     121.158 
EDO non-polymer         . 1,2-ETHANEDIOL 'ETHYLENE GLYCOL' 'C2 H6 O2'         62.068  
GLN 'L-peptide linking' y GLUTAMINE ?                 'C5 H10 N2 O3'     146.144 
GLU 'L-peptide linking' y 'GLUTAMIC ACID' ?                 'C5 H9 N O4'       147.129 
GLY 'peptide linking'   y GLYCINE ?                 'C2 H5 N O2'       75.067  
HIS 'L-peptide linking' y HISTIDINE ?                 'C6 H10 N3 O2 1'   156.162 
HOH non-polymer         . WATER ?                 'H2 O'             18.015  
ILE 'L-peptide linking' y ISOLEUCINE ?                 'C6 H13 N O2'      131.173 
LEU 'L-peptide linking' y LEUCINE ?                 'C6 H13 N O2'      131.173 
LYS 'L-peptide linking' y LYSINE ?                 'C6 H15 N2 O2 1'   147.195 
MET 'L-peptide linking' y METHIONINE ?                 'C5 H11 N O2 S'    149.211 
PHE 'L-peptide linking' y PHENYLALANINE ?                 'C9 H11 N O2'      165.189 
PRO 'L-peptide linking' y PROLINE ?                 'C5 H9 N O2'       115.130 
SER 'L-peptide linking' y SERINE ?                 'C3 H7 N O3'       105.093 
SO4 non-polymer         . 'SULFATE ION' ?                 'O4 S -2'          96.063  
THR 'L-peptide linking' y THREONINE ?                 'C4 H9 N O3'       119.119 
TRP 'L-peptide linking' y TRYPTOPHAN ?                 'C11 H12 N2 O2'    204.225 
TYR 'L-peptide linking' y TYROSINE ?                 'C9 H11 N O3'      181.189 
VAL 'L-peptide linking' y VALINE ?                 'C5 H11 N O2'      117.146 
# 
_exptl.entry_id          4KOT 
_exptl.method            'X-RAY DIFFRACTION' 
_exptl.crystals_number   1 
# 
_exptl_crystal.id                    1 
_exptl_crystal.density_meas          ? 
_exptl_crystal.density_Matthews      2.45 
_exptl_crystal.density_percent_sol   49.72 
_exptl_crystal.description           ? 
_exptl_crystal.F_000                 ? 
_exptl_crystal.preparation           ? 
# 
_exptl_crystal_grow.crystal_id      1 
_exptl_crystal_grow.method          'VAPOR DIFFUSION, HANGING DROP' 
_exptl_crystal_grow.temp            289 
_exptl_crystal_grow.temp_details    ? 
_exptl_crystal_grow.pH              6.5 
_exptl_crystal_grow.pdbx_details    '2M ammonium sulfate, 0.1M Bis-Tris pH 6.5, VAPOR DIFFUSION, HANGING DROP, temperature 289K' 
_exptl_crystal_grow.pdbx_pH_range   ? 
# 
_diffrn.id                     1 
_diffrn.ambient_temp           100 
_diffrn.ambient_temp_details   ? 
_diffrn.crystal_id             1 
# 
_diffrn_detector.diffrn_id              1 
_diffrn_detector.detector               CCD 
_diffrn_detector.type                   'MARMOSAIC 300 mm CCD' 
_diffrn_detector.pdbx_collection_date   2013-02-08 
_diffrn_detector.details                'Beryllium Lenses' 
# 
_diffrn_radiation.diffrn_id                        1 
_diffrn_radiation.wavelength_id                    1 
_diffrn_radiation.pdbx_monochromatic_or_laue_m_l   M 
_diffrn_radiation.monochromator                    'Diamond 111' 
_diffrn_radiation.pdbx_diffrn_protocol             'SINGLE WAVELENGTH' 
_diffrn_radiation.pdbx_scattering_type             x-ray 
# 
_diffrn_radiation_wavelength.id           1 
_diffrn_radiation_wavelength.wavelength   0.97856 
_diffrn_radiation_wavelength.wt           1.0 
# 
_diffrn_source.diffrn_id                   1 
_diffrn_source.source                      SYNCHROTRON 
_diffrn_source.type                        'APS BEAMLINE 21-ID-G' 
_diffrn_source.pdbx_synchrotron_site       APS 
_diffrn_source.pdbx_synchrotron_beamline   21-ID-G 
_diffrn_source.pdbx_wavelength             ? 
_diffrn_source.pdbx_wavelength_list        0.97856 
# 
_reflns.entry_id                     4KOT 
_reflns.observed_criterion_sigma_I   -3 
_reflns.observed_criterion_sigma_F   0 
_reflns.d_resolution_low             50.00 
_reflns.d_resolution_high            1.55 
_reflns.number_obs                   26238 
_reflns.number_all                   26238 
_reflns.percent_possible_obs         99.7 
_reflns.pdbx_Rmerge_I_obs            0.039 
_reflns.pdbx_Rsym_value              0.039 
_reflns.pdbx_netI_over_sigmaI        43.9 
_reflns.B_iso_Wilson_estimate        23.3 
_reflns.pdbx_redundancy              5.7 
_reflns.R_free_details               ? 
_reflns.limit_h_max                  ? 
_reflns.limit_h_min                  ? 
_reflns.limit_k_max                  ? 
_reflns.limit_k_min                  ? 
_reflns.limit_l_max                  ? 
_reflns.limit_l_min                  ? 
_reflns.observed_criterion_F_max     ? 
_reflns.observed_criterion_F_min     ? 
_reflns.pdbx_chi_squared             ? 
_reflns.pdbx_scaling_rejects         ? 
_reflns.pdbx_ordinal                 1 
_reflns.pdbx_diffrn_id               1 
# 
_reflns_shell.d_res_high             1.55 
_reflns_shell.d_res_low              1.58 
_reflns_shell.percent_possible_all   98.9 
_reflns_shell.Rmerge_I_obs           0.625 
_reflns_shell.pdbx_Rsym_value        0.625 
_reflns_shell.meanI_over_sigI_obs    2.4 
_reflns_shell.pdbx_redundancy        5.6 
_reflns_shell.percent_possible_obs   ? 
_reflns_shell.number_unique_all      1269 
_reflns_shell.number_measured_all    ? 
_reflns_shell.number_measured_obs    ? 
_reflns_shell.number_unique_obs      ? 
_reflns_shell.pdbx_chi_squared       ? 
_reflns_shell.pdbx_ordinal           1 
_reflns_shell.pdbx_diffrn_id         1 
# 
_refine.entry_id                                 4KOT 
_refine.ls_number_reflns_obs                     24869 
_refine.ls_number_reflns_all                     24869 
_refine.pdbx_ls_sigma_I                          ? 
_refine.pdbx_ls_sigma_F                          0 
_refine.pdbx_data_cutoff_high_absF               ? 
_refine.pdbx_data_cutoff_low_absF                ? 
_refine.pdbx_data_cutoff_high_rms_absF           ? 
_refine.ls_d_res_low                             32.69 
_refine.ls_d_res_high                            1.55 
_refine.ls_percent_reflns_obs                    99.60 
_refine.ls_R_factor_obs                          0.15831 
_refine.ls_R_factor_all                          0.15831 
_refine.ls_R_factor_R_work                       0.15664 
_refine.ls_R_factor_R_free                       0.18975 
_refine.ls_R_factor_R_free_error                 ? 
_refine.ls_R_factor_R_free_error_details         ? 
_refine.ls_percent_reflns_R_free                 5.1 
_refine.ls_number_reflns_R_free                  1327 
_refine.ls_number_parameters                     ? 
_refine.ls_number_restraints                     ? 
_refine.occupancy_min                            ? 
_refine.occupancy_max                            ? 
_refine.correlation_coeff_Fo_to_Fc               0.975 
_refine.correlation_coeff_Fo_to_Fc_free          0.966 
_refine.B_iso_mean                               26.981 
_refine.aniso_B[1][1]                            1.06 
_refine.aniso_B[2][2]                            -1.09 
_refine.aniso_B[3][3]                            0.03 
_refine.aniso_B[1][2]                            0.00 
_refine.aniso_B[1][3]                            -0.00 
_refine.aniso_B[2][3]                            -0.00 
_refine.solvent_model_details                    'BABINET MODEL WITH MASK' 
_refine.solvent_model_param_ksol                 ? 
_refine.solvent_model_param_bsol                 ? 
_refine.pdbx_solvent_vdw_probe_radii             1.20 
_refine.pdbx_solvent_ion_probe_radii             0.80 
_refine.pdbx_solvent_shrinkage_radii             0.80 
_refine.pdbx_ls_cross_valid_method               THROUGHOUT 
_refine.details                                  'HYDROGENS HAVE BEEN ADDED IN THE RIDING POSITIONS' 
_refine.pdbx_starting_model                      2i6c 
_refine.pdbx_method_to_determine_struct          'MOLECULAR REPLACEMENT' 
_refine.pdbx_isotropic_thermal_model             ? 
_refine.pdbx_stereochemistry_target_values       'MAXIMUM LIKELIHOOD' 
_refine.pdbx_stereochem_target_val_spec_case     ? 
_refine.pdbx_R_Free_selection_details            RANDOM 
_refine.pdbx_overall_ESU_R                       0.072 
_refine.pdbx_overall_ESU_R_Free                  0.075 
_refine.overall_SU_ML                            0.049 
_refine.pdbx_overall_phase_error                 ? 
_refine.overall_SU_B                             1.353 
_refine.overall_SU_R_Cruickshank_DPI             ? 
_refine.ls_redundancy_reflns_obs                 ? 
_refine.B_iso_min                                ? 
_refine.B_iso_max                                ? 
_refine.overall_SU_R_free                        ? 
_refine.ls_wR_factor_R_free                      ? 
_refine.ls_wR_factor_R_work                      ? 
_refine.overall_FOM_free_R_set                   ? 
_refine.overall_FOM_work_R_set                   ? 
_refine.pdbx_diffrn_id                           1 
_refine.pdbx_refine_id                           'X-RAY DIFFRACTION' 
_refine.pdbx_TLS_residual_ADP_flag               ? 
_refine.pdbx_overall_SU_R_free_Cruickshank_DPI   ? 
_refine.pdbx_overall_SU_R_Blow_DPI               ? 
_refine.pdbx_overall_SU_R_free_Blow_DPI          ? 
# 
_refine_hist.pdbx_refine_id                   'X-RAY DIFFRACTION' 
_refine_hist.cycle_id                         LAST 
_refine_hist.pdbx_number_atoms_protein        1239 
_refine_hist.pdbx_number_atoms_nucleic_acid   0 
_refine_hist.pdbx_number_atoms_ligand         70 
_refine_hist.number_atoms_solvent             188 
_refine_hist.number_atoms_total               1497 
_refine_hist.d_res_high                       1.55 
_refine_hist.d_res_low                        32.69 
# 
loop_
_refine_ls_restr.type 
_refine_ls_restr.dev_ideal 
_refine_ls_restr.dev_ideal_target 
_refine_ls_restr.weight 
_refine_ls_restr.number 
_refine_ls_restr.pdbx_restraint_function 
_refine_ls_restr.pdbx_refine_id 
r_bond_refined_d             0.020  0.019  ? 1415 ? 'X-RAY DIFFRACTION' 
r_bond_other_d               0.002  0.020  ? 1330 ? 'X-RAY DIFFRACTION' 
r_angle_refined_deg          1.992  1.994  ? 1922 ? 'X-RAY DIFFRACTION' 
r_angle_other_deg            0.921  3.000  ? 3040 ? 'X-RAY DIFFRACTION' 
r_dihedral_angle_1_deg       5.391  5.000  ? 176  ? 'X-RAY DIFFRACTION' 
r_dihedral_angle_2_deg       34.677 22.899 ? 69   ? 'X-RAY DIFFRACTION' 
r_dihedral_angle_3_deg       11.877 15.000 ? 222  ? 'X-RAY DIFFRACTION' 
r_dihedral_angle_4_deg       17.554 15.000 ? 15   ? 'X-RAY DIFFRACTION' 
r_chiral_restr               0.120  0.200  ? 200  ? 'X-RAY DIFFRACTION' 
r_gen_planes_refined         0.011  0.021  ? 1636 ? 'X-RAY DIFFRACTION' 
r_gen_planes_other           0.001  0.020  ? 352  ? 'X-RAY DIFFRACTION' 
r_nbd_refined                ?      ?      ? ?    ? 'X-RAY DIFFRACTION' 
r_nbd_other                  ?      ?      ? ?    ? 'X-RAY DIFFRACTION' 
r_nbtor_refined              ?      ?      ? ?    ? 'X-RAY DIFFRACTION' 
r_nbtor_other                ?      ?      ? ?    ? 'X-RAY DIFFRACTION' 
r_xyhbond_nbd_refined        ?      ?      ? ?    ? 'X-RAY DIFFRACTION' 
r_xyhbond_nbd_other          ?      ?      ? ?    ? 'X-RAY DIFFRACTION' 
r_metal_ion_refined          ?      ?      ? ?    ? 'X-RAY DIFFRACTION' 
r_metal_ion_other            ?      ?      ? ?    ? 'X-RAY DIFFRACTION' 
r_symmetry_vdw_refined       ?      ?      ? ?    ? 'X-RAY DIFFRACTION' 
r_symmetry_vdw_other         ?      ?      ? ?    ? 'X-RAY DIFFRACTION' 
r_symmetry_hbond_refined     ?      ?      ? ?    ? 'X-RAY DIFFRACTION' 
r_symmetry_hbond_other       ?      ?      ? ?    ? 'X-RAY DIFFRACTION' 
r_symmetry_metal_ion_refined ?      ?      ? ?    ? 'X-RAY DIFFRACTION' 
r_symmetry_metal_ion_other   ?      ?      ? ?    ? 'X-RAY DIFFRACTION' 
r_mcbond_it                  ?      ?      ? ?    ? 'X-RAY DIFFRACTION' 
r_mcbond_other               ?      ?      ? ?    ? 'X-RAY DIFFRACTION' 
r_mcangle_it                 ?      ?      ? ?    ? 'X-RAY DIFFRACTION' 
r_scbond_it                  ?      ?      ? ?    ? 'X-RAY DIFFRACTION' 
r_scangle_it                 ?      ?      ? ?    ? 'X-RAY DIFFRACTION' 
r_rigid_bond_restr           ?      ?      ? ?    ? 'X-RAY DIFFRACTION' 
r_sphericity_free            ?      ?      ? ?    ? 'X-RAY DIFFRACTION' 
r_sphericity_bonded          ?      ?      ? ?    ? 'X-RAY DIFFRACTION' 
# 
_refine_ls_shell.pdbx_total_number_of_bins_used   20 
_refine_ls_shell.d_res_high                       1.551 
_refine_ls_shell.d_res_low                        1.592 
_refine_ls_shell.number_reflns_R_work             1785 
_refine_ls_shell.R_factor_R_work                  0.223 
_refine_ls_shell.percent_reflns_obs               98.69 
_refine_ls_shell.R_factor_R_free                  0.233 
_refine_ls_shell.R_factor_R_free_error            ? 
_refine_ls_shell.percent_reflns_R_free            ? 
_refine_ls_shell.number_reflns_R_free             95 
_refine_ls_shell.number_reflns_all                ? 
_refine_ls_shell.R_factor_all                     ? 
_refine_ls_shell.number_reflns_obs                1785 
_refine_ls_shell.redundancy_reflns_obs            ? 
_refine_ls_shell.pdbx_refine_id                   'X-RAY DIFFRACTION' 
# 
_struct.entry_id                  4KOT 
_struct.title                     'Crystal structure of a GNAT superfamily acetyltransferase PA4794 in complex with Cefotaxime' 
_struct.pdbx_model_details        ? 
_struct.pdbx_CASP_flag            ? 
_struct.pdbx_model_type_details   ? 
# 
_struct_keywords.entry_id        4KOT 
_struct_keywords.pdbx_keywords   TRANSFERASE 
_struct_keywords.text            'Structural Genomics, PSI-Biology, Midwest Center for Structural Genomics, MCSG, TRANSFERASE' 
# 
loop_
_struct_asym.id 
_struct_asym.pdbx_blank_PDB_chainid_flag 
_struct_asym.pdbx_modified 
_struct_asym.entity_id 
_struct_asym.details 
A N N 1 ? 
B N N 2 ? 
C N N 2 ? 
D N N 2 ? 
E N N 2 ? 
F N N 3 ? 
G N N 4 ? 
H N N 4 ? 
I N N 4 ? 
J N N 4 ? 
K N N 4 ? 
L N N 5 ? 
# 
_struct_biol.id        1 
_struct_biol.details   ? 
# 
loop_
_struct_conf.conf_type_id 
_struct_conf.id 
_struct_conf.pdbx_PDB_helix_id 
_struct_conf.beg_label_comp_id 
_struct_conf.beg_label_asym_id 
_struct_conf.beg_label_seq_id 
_struct_conf.pdbx_beg_PDB_ins_code 
_struct_conf.end_label_comp_id 
_struct_conf.end_label_asym_id 
_struct_conf.end_label_seq_id 
_struct_conf.pdbx_end_PDB_ins_code 
_struct_conf.beg_auth_comp_id 
_struct_conf.beg_auth_asym_id 
_struct_conf.beg_auth_seq_id 
_struct_conf.end_auth_comp_id 
_struct_conf.end_auth_asym_id 
_struct_conf.end_auth_seq_id 
_struct_conf.pdbx_PDB_helix_class 
_struct_conf.details 
_struct_conf.pdbx_PDB_helix_length 
HELX_P HELX_P1 1 GLU A 11  ? GLY A 13  ? GLU A 9   GLY A 11  5 ? 3  
HELX_P HELX_P2 2 ASP A 14  ? GLY A 20  ? ASP A 12  GLY A 18  1 ? 7  
HELX_P HELX_P3 3 ASP A 24  ? TYR A 32  ? ASP A 22  TYR A 30  1 ? 9  
HELX_P HELX_P4 4 SER A 40  ? ARG A 51  ? SER A 38  ARG A 49  1 ? 12 
HELX_P HELX_P5 5 PRO A 87  ? ARG A 90  ? PRO A 85  ARG A 88  5 ? 4  
HELX_P HELX_P6 6 GLY A 93  ? LYS A 111 ? GLY A 91  LYS A 109 1 ? 19 
HELX_P HELX_P7 7 ASN A 123 ? LEU A 133 ? ASN A 121 LEU A 131 1 ? 11 
# 
_struct_conf_type.id          HELX_P 
_struct_conf_type.criteria    ? 
_struct_conf_type.reference   ? 
# 
_struct_mon_prot_cis.pdbx_id                1 
_struct_mon_prot_cis.label_comp_id          TRP 
_struct_mon_prot_cis.label_seq_id           37 
_struct_mon_prot_cis.label_asym_id          A 
_struct_mon_prot_cis.label_alt_id           . 
_struct_mon_prot_cis.pdbx_PDB_ins_code      ? 
_struct_mon_prot_cis.auth_comp_id           TRP 
_struct_mon_prot_cis.auth_seq_id            35 
_struct_mon_prot_cis.auth_asym_id           A 
_struct_mon_prot_cis.pdbx_label_comp_id_2   PRO 
_struct_mon_prot_cis.pdbx_label_seq_id_2    38 
_struct_mon_prot_cis.pdbx_label_asym_id_2   A 
_struct_mon_prot_cis.pdbx_PDB_ins_code_2    ? 
_struct_mon_prot_cis.pdbx_auth_comp_id_2    PRO 
_struct_mon_prot_cis.pdbx_auth_seq_id_2     36 
_struct_mon_prot_cis.pdbx_auth_asym_id_2    A 
_struct_mon_prot_cis.pdbx_PDB_model_num     1 
_struct_mon_prot_cis.pdbx_omega_angle       4.85 
# 
_struct_sheet.id               A 
_struct_sheet.type             ? 
_struct_sheet.number_strands   7 
_struct_sheet.details          ? 
# 
loop_
_struct_sheet_order.sheet_id 
_struct_sheet_order.range_id_1 
_struct_sheet_order.range_id_2 
_struct_sheet_order.offset 
_struct_sheet_order.sense 
A 1 2 ? anti-parallel 
A 2 3 ? anti-parallel 
A 3 4 ? anti-parallel 
A 4 5 ? parallel      
A 5 6 ? anti-parallel 
A 6 7 ? anti-parallel 
# 
loop_
_struct_sheet_range.sheet_id 
_struct_sheet_range.id 
_struct_sheet_range.beg_label_comp_id 
_struct_sheet_range.beg_label_asym_id 
_struct_sheet_range.beg_label_seq_id 
_struct_sheet_range.pdbx_beg_PDB_ins_code 
_struct_sheet_range.end_label_comp_id 
_struct_sheet_range.end_label_asym_id 
_struct_sheet_range.end_label_seq_id 
_struct_sheet_range.pdbx_end_PDB_ins_code 
_struct_sheet_range.beg_auth_comp_id 
_struct_sheet_range.beg_auth_asym_id 
_struct_sheet_range.beg_auth_seq_id 
_struct_sheet_range.end_auth_comp_id 
_struct_sheet_range.end_auth_asym_id 
_struct_sheet_range.end_auth_seq_id 
A 1 SER A 6   ? PRO A 9   ? SER A 4   PRO A 7   
A 2 ARG A 52  ? HIS A 59  ? ARG A 50  HIS A 57  
A 3 GLN A 62  ? GLN A 73  ? GLN A 60  GLN A 71  
A 4 PHE A 77  ? VAL A 85  ? PHE A 75  VAL A 83  
A 5 LEU A 114 ? PHE A 120 ? LEU A 112 PHE A 118 
A 6 ARG A 150 ? PRO A 159 ? ARG A 148 PRO A 157 
A 7 GLN A 136 ? HIS A 144 ? GLN A 134 HIS A 142 
# 
loop_
_pdbx_struct_sheet_hbond.sheet_id 
_pdbx_struct_sheet_hbond.range_id_1 
_pdbx_struct_sheet_hbond.range_id_2 
_pdbx_struct_sheet_hbond.range_1_label_atom_id 
_pdbx_struct_sheet_hbond.range_1_label_comp_id 
_pdbx_struct_sheet_hbond.range_1_label_asym_id 
_pdbx_struct_sheet_hbond.range_1_label_seq_id 
_pdbx_struct_sheet_hbond.range_1_PDB_ins_code 
_pdbx_struct_sheet_hbond.range_1_auth_atom_id 
_pdbx_struct_sheet_hbond.range_1_auth_comp_id 
_pdbx_struct_sheet_hbond.range_1_auth_asym_id 
_pdbx_struct_sheet_hbond.range_1_auth_seq_id 
_pdbx_struct_sheet_hbond.range_2_label_atom_id 
_pdbx_struct_sheet_hbond.range_2_label_comp_id 
_pdbx_struct_sheet_hbond.range_2_label_asym_id 
_pdbx_struct_sheet_hbond.range_2_label_seq_id 
_pdbx_struct_sheet_hbond.range_2_PDB_ins_code 
_pdbx_struct_sheet_hbond.range_2_auth_atom_id 
_pdbx_struct_sheet_hbond.range_2_auth_comp_id 
_pdbx_struct_sheet_hbond.range_2_auth_asym_id 
_pdbx_struct_sheet_hbond.range_2_auth_seq_id 
A 1 2 N ARG A 8   ? N ARG A 6   O VAL A 56  ? O VAL A 54  
A 2 3 N ALA A 57  ? N ALA A 55  O LEU A 64  ? O LEU A 62  
A 3 4 N ASN A 68  ? N ASN A 66  O GLY A 81  ? O GLY A 79  
A 4 5 N CYS A 78  ? N CYS A 76  O LYS A 116 ? O LYS A 114 
A 5 6 N ILE A 117 ? N ILE A 115 O MET A 156 ? O MET A 154 
A 6 7 O GLN A 155 ? O GLN A 153 N ARG A 138 ? N ARG A 136 
# 
loop_
_struct_site.id 
_struct_site.pdbx_evidence_code 
_struct_site.pdbx_auth_asym_id 
_struct_site.pdbx_auth_comp_id 
_struct_site.pdbx_auth_seq_id 
_struct_site.pdbx_auth_ins_code 
_struct_site.pdbx_num_residues 
_struct_site.details 
AC1 Software A SO4 201 ? 4  'BINDING SITE FOR RESIDUE SO4 A 201' 
AC2 Software A SO4 202 ? 11 'BINDING SITE FOR RESIDUE SO4 A 202' 
AC3 Software A SO4 203 ? 6  'BINDING SITE FOR RESIDUE SO4 A 203' 
AC4 Software A SO4 204 ? 3  'BINDING SITE FOR RESIDUE SO4 A 204' 
AC5 Software A CE3 205 ? 19 'BINDING SITE FOR RESIDUE CE3 A 205' 
AC6 Software A EDO 206 ? 8  'BINDING SITE FOR RESIDUE EDO A 206' 
AC7 Software A EDO 207 ? 3  'BINDING SITE FOR RESIDUE EDO A 207' 
AC8 Software A EDO 208 ? 7  'BINDING SITE FOR RESIDUE EDO A 208' 
AC9 Software A EDO 209 ? 8  'BINDING SITE FOR RESIDUE EDO A 209' 
BC1 Software A EDO 210 ? 7  'BINDING SITE FOR RESIDUE EDO A 210' 
# 
loop_
_struct_site_gen.id 
_struct_site_gen.site_id 
_struct_site_gen.pdbx_num_res 
_struct_site_gen.label_comp_id 
_struct_site_gen.label_asym_id 
_struct_site_gen.label_seq_id 
_struct_site_gen.pdbx_auth_ins_code 
_struct_site_gen.auth_comp_id 
_struct_site_gen.auth_asym_id 
_struct_site_gen.auth_seq_id 
_struct_site_gen.label_atom_id 
_struct_site_gen.label_alt_id 
_struct_site_gen.symmetry 
_struct_site_gen.details 
1  AC1 4  ARG A 52  ? ARG A 50  . ? 1_555 ? 
2  AC1 4  GLY A 53  ? GLY A 51  . ? 1_555 ? 
3  AC1 4  HOH L .   ? HOH A 338 . ? 1_555 ? 
4  AC1 4  HOH L .   ? HOH A 380 . ? 1_555 ? 
5  AC2 11 GLY A 91  ? GLY A 89  . ? 1_555 ? 
6  AC2 11 LEU A 92  ? LEU A 90  . ? 1_555 ? 
7  AC2 11 GLY A 93  ? GLY A 91  . ? 1_555 ? 
8  AC2 11 VAL A 94  ? VAL A 92  . ? 1_555 ? 
9  AC2 11 ALA A 95  ? ALA A 93  . ? 1_555 ? 
10 AC2 11 ARG A 96  ? ARG A 94  . ? 1_555 ? 
11 AC2 11 LEU A 129 ? LEU A 127 . ? 1_555 ? 
12 AC2 11 HOH L .   ? HOH A 328 . ? 1_555 ? 
13 AC2 11 HOH L .   ? HOH A 356 . ? 1_555 ? 
14 AC2 11 HOH L .   ? HOH A 433 . ? 1_555 ? 
15 AC2 11 HOH L .   ? HOH A 482 . ? 1_555 ? 
16 AC3 6  GLN A 62  ? GLN A 60  . ? 3_545 ? 
17 AC3 6  ARG A 143 ? ARG A 141 . ? 1_555 ? 
18 AC3 6  HIS A 144 ? HIS A 142 . ? 1_555 ? 
19 AC3 6  CE3 F .   ? CE3 A 205 . ? 1_555 ? 
20 AC3 6  HOH L .   ? HOH A 411 . ? 1_555 ? 
21 AC3 6  HOH L .   ? HOH A 476 . ? 1_555 ? 
22 AC4 3  GLN A 136 ? GLN A 134 . ? 1_555 ? 
23 AC4 3  ARG A 138 ? ARG A 136 . ? 1_555 ? 
24 AC4 3  HOH L .   ? HOH A 477 . ? 1_555 ? 
25 AC5 19 TYR A 30  ? TYR A 28  . ? 1_555 ? 
26 AC5 19 CYS A 31  ? CYS A 29  . ? 1_555 ? 
27 AC5 19 PRO A 33  ? PRO A 31  . ? 1_555 ? 
28 AC5 19 ARG A 51  ? ARG A 49  . ? 1_555 ? 
29 AC5 19 TYR A 70  ? TYR A 68  . ? 1_555 ? 
30 AC5 19 LEU A 80  ? LEU A 78  . ? 1_555 ? 
31 AC5 19 GLY A 81  ? GLY A 79  . ? 1_555 ? 
32 AC5 19 ASN A 82  ? ASN A 80  . ? 1_555 ? 
33 AC5 19 MET A 83  ? MET A 81  . ? 1_555 ? 
34 AC5 19 SER A 118 ? SER A 116 . ? 1_555 ? 
35 AC5 19 PHE A 120 ? PHE A 118 . ? 1_555 ? 
36 AC5 19 ARG A 143 ? ARG A 141 . ? 1_555 ? 
37 AC5 19 HIS A 144 ? HIS A 142 . ? 1_555 ? 
38 AC5 19 LEU A 153 ? LEU A 151 . ? 1_555 ? 
39 AC5 19 SO4 D .   ? SO4 A 203 . ? 1_555 ? 
40 AC5 19 HOH L .   ? HOH A 304 . ? 1_555 ? 
41 AC5 19 HOH L .   ? HOH A 323 . ? 1_555 ? 
42 AC5 19 HOH L .   ? HOH A 449 . ? 1_555 ? 
43 AC5 19 HOH L .   ? HOH A 485 . ? 1_555 ? 
44 AC6 8  GLU A 27  ? GLU A 25  . ? 1_555 ? 
45 AC6 8  CYS A 31  ? CYS A 29  . ? 1_555 ? 
46 AC6 8  MET A 84  ? MET A 82  . ? 1_555 ? 
47 AC6 8  VAL A 85  ? VAL A 83  . ? 1_555 ? 
48 AC6 8  ARG A 90  ? ARG A 88  . ? 1_555 ? 
49 AC6 8  HOH L .   ? HOH A 405 . ? 1_555 ? 
50 AC6 8  HOH L .   ? HOH A 428 . ? 1_555 ? 
51 AC6 8  HOH L .   ? HOH A 471 . ? 1_555 ? 
52 AC7 3  ASP A 26  ? ASP A 24  . ? 1_555 ? 
53 AC7 3  ASP A 145 ? ASP A 143 . ? 1_555 ? 
54 AC7 3  HOH L .   ? HOH A 324 . ? 1_555 ? 
55 AC8 7  GLU A 16  ? GLU A 14  . ? 1_555 ? 
56 AC8 7  ALA A 19  ? ALA A 17  . ? 1_555 ? 
57 AC8 7  GLY A 20  ? GLY A 18  . ? 1_555 ? 
58 AC8 7  PHE A 39  ? PHE A 37  . ? 1_555 ? 
59 AC8 7  LYS A 111 ? LYS A 109 . ? 1_554 ? 
60 AC8 7  ARG A 113 ? ARG A 111 . ? 1_554 ? 
61 AC8 7  HOH L .   ? HOH A 384 . ? 1_555 ? 
62 AC9 8  LEU A 128 ? LEU A 126 . ? 2_655 ? 
63 AC9 8  THR A 131 ? THR A 129 . ? 2_655 ? 
64 AC9 8  GLN A 132 ? GLN A 130 . ? 2_655 ? 
65 AC9 8  ILE A 140 ? ILE A 138 . ? 1_555 ? 
66 AC9 8  GLU A 142 ? GLU A 140 . ? 1_555 ? 
67 AC9 8  ARG A 150 ? ARG A 148 . ? 1_555 ? 
68 AC9 8  HOH L .   ? HOH A 346 . ? 1_555 ? 
69 AC9 8  HOH L .   ? HOH A 424 . ? 1_555 ? 
70 BC1 7  PHE A 29  ? PHE A 27  . ? 1_555 ? 
71 BC1 7  PRO A 33  ? PRO A 31  . ? 1_555 ? 
72 BC1 7  ASP A 60  ? ASP A 58  . ? 3_545 ? 
73 BC1 7  GLY A 61  ? GLY A 59  . ? 3_545 ? 
74 BC1 7  HIS A 144 ? HIS A 142 . ? 1_555 ? 
75 BC1 7  PRO A 146 ? PRO A 144 . ? 1_555 ? 
76 BC1 7  HOH L .   ? HOH A 487 . ? 1_555 ? 
# 
_atom_sites.entry_id                    4KOT 
_atom_sites.fract_transf_matrix[1][1]   -0.00019654 
_atom_sites.fract_transf_matrix[1][2]   0.00816930 
_atom_sites.fract_transf_matrix[1][3]   0.01493112 
_atom_sites.fract_transf_matrix[2][1]   -0.01065651 
_atom_sites.fract_transf_matrix[2][2]   -0.00675269 
_atom_sites.fract_transf_matrix[2][3]   0.00355434 
_atom_sites.fract_transf_matrix[3][1]   0.01481254 
_atom_sites.fract_transf_matrix[3][2]   -0.01806944 
_atom_sites.fract_transf_matrix[3][3]   0.01008136 
_atom_sites.fract_transf_vector[1]      0.292732 
_atom_sites.fract_transf_vector[2]      0.161217 
_atom_sites.fract_transf_vector[3]      0.226341 
# 
loop_
_atom_type.symbol 
C 
N 
O 
S 
# 
loop_
_atom_site.group_PDB 
_atom_site.id 
_atom_site.type_symbol 
_atom_site.label_atom_id 
_atom_site.label_alt_id 
_atom_site.label_comp_id 
_atom_site.label_asym_id 
_atom_site.label_entity_id 
_atom_site.label_seq_id 
_atom_site.pdbx_PDB_ins_code 
_atom_site.Cartn_x 
_atom_site.Cartn_y 
_atom_site.Cartn_z 
_atom_site.occupancy 
_atom_site.B_iso_or_equiv 
_atom_site.pdbx_formal_charge 
_atom_site.auth_seq_id 
_atom_site.auth_comp_id 
_atom_site.auth_asym_id 
_atom_site.auth_atom_id 
_atom_site.pdbx_PDB_model_num 
ATOM   1    N N   . MET A 1 3   ? -15.824 -1.569  12.904  1.00 86.81 ? 1   MET A N   1 
ATOM   2    C CA  . MET A 1 3   ? -15.648 -1.854  11.441  1.00 82.30 ? 1   MET A CA  1 
ATOM   3    C C   . MET A 1 3   ? -15.574 -3.365  11.185  1.00 77.01 ? 1   MET A C   1 
ATOM   4    O O   . MET A 1 3   ? -14.628 -4.017  11.626  1.00 76.88 ? 1   MET A O   1 
ATOM   5    C CB  . MET A 1 3   ? -14.380 -1.165  10.906  1.00 80.81 ? 1   MET A CB  1 
ATOM   6    C CG  . MET A 1 3   ? -14.419 0.360   10.948  1.00 79.10 ? 1   MET A CG  1 
ATOM   7    S SD  . MET A 1 3   ? -15.539 1.107   9.742   1.00 78.99 ? 1   MET A SD  1 
ATOM   8    C CE  . MET A 1 3   ? -14.643 0.779   8.224   1.00 71.50 ? 1   MET A CE  1 
ATOM   9    N N   . GLN A 1 4   ? -16.569 -3.917  10.477  1.00 77.64 ? 2   GLN A N   1 
ATOM   10   C CA  . GLN A 1 4   ? -16.605 -5.368  10.140  1.00 71.26 ? 2   GLN A CA  1 
ATOM   11   C C   . GLN A 1 4   ? -15.903 -5.758  8.801   1.00 56.19 ? 2   GLN A C   1 
ATOM   12   O O   . GLN A 1 4   ? -16.553 -6.134  7.788   1.00 58.02 ? 2   GLN A O   1 
ATOM   13   C CB  . GLN A 1 4   ? -18.057 -5.896  10.176  1.00 71.84 ? 2   GLN A CB  1 
ATOM   14   C CG  . GLN A 1 4   ? -18.221 -7.372  9.810   1.00 76.54 ? 2   GLN A CG  1 
ATOM   15   C CD  . GLN A 1 4   ? -17.150 -8.272  10.419  1.00 80.42 ? 2   GLN A CD  1 
ATOM   16   O OE1 . GLN A 1 4   ? -16.699 -8.043  11.543  1.00 83.00 ? 2   GLN A OE1 1 
ATOM   17   N NE2 . GLN A 1 4   ? -16.745 -9.305  9.681   1.00 79.90 ? 2   GLN A NE2 1 
ATOM   18   N N   . LEU A 1 5   ? -14.572 -5.733  8.830   1.00 40.78 ? 3   LEU A N   1 
ATOM   19   C CA  . LEU A 1 5   ? -13.786 -5.833  7.600   1.00 35.06 ? 3   LEU A CA  1 
ATOM   20   C C   . LEU A 1 5   ? -13.514 -7.267  7.135   1.00 30.81 ? 3   LEU A C   1 
ATOM   21   O O   . LEU A 1 5   ? -13.294 -8.172  7.940   1.00 32.84 ? 3   LEU A O   1 
ATOM   22   C CB  . LEU A 1 5   ? -12.474 -5.055  7.751   1.00 34.55 ? 3   LEU A CB  1 
ATOM   23   C CG  . LEU A 1 5   ? -12.659 -3.534  7.810   1.00 34.03 ? 3   LEU A CG  1 
ATOM   24   C CD1 . LEU A 1 5   ? -11.554 -2.758  8.516   1.00 35.17 ? 3   LEU A CD1 1 
ATOM   25   C CD2 . LEU A 1 5   ? -12.750 -3.023  6.382   1.00 36.70 ? 3   LEU A CD2 1 
ATOM   26   N N   . SER A 1 6   ? -13.512 -7.477  5.816   1.00 24.93 ? 4   SER A N   1 
ATOM   27   C CA  . SER A 1 6   ? -13.074 -8.709  5.217   1.00 26.25 ? 4   SER A CA  1 
ATOM   28   C C   . SER A 1 6   ? -12.089 -8.344  4.102   1.00 24.76 ? 4   SER A C   1 
ATOM   29   O O   . SER A 1 6   ? -11.940 -7.162  3.789   1.00 23.17 ? 4   SER A O   1 
ATOM   30   C CB  . SER A 1 6   ? -14.300 -9.502  4.677   1.00 26.30 ? 4   SER A CB  1 
ATOM   31   O OG  . SER A 1 6   ? -14.998 -8.766  3.677   1.00 30.84 ? 4   SER A OG  1 
ATOM   32   N N   . HIS A 1 7   ? -11.485 -9.333  3.488   1.00 24.86 ? 5   HIS A N   1 
ATOM   33   C CA  . HIS A 1 7   ? -10.573 -9.108  2.422   1.00 22.34 ? 5   HIS A CA  1 
ATOM   34   C C   . HIS A 1 7   ? -10.617 -10.225 1.379   1.00 23.46 ? 5   HIS A C   1 
ATOM   35   O O   . HIS A 1 7   ? -11.118 -11.323 1.670   1.00 25.04 ? 5   HIS A O   1 
ATOM   36   C CB  . HIS A 1 7   ? -9.157  -8.928  2.979   1.00 23.38 ? 5   HIS A CB  1 
ATOM   37   C CG  . HIS A 1 7   ? -8.586  -10.197 3.530   1.00 24.19 ? 5   HIS A CG  1 
ATOM   38   N ND1 . HIS A 1 7   ? -8.747  -10.550 4.861   1.00 28.94 ? 5   HIS A ND1 1 
ATOM   39   C CD2 . HIS A 1 7   ? -7.910  -11.203 2.946   1.00 25.41 ? 5   HIS A CD2 1 
ATOM   40   C CE1 . HIS A 1 7   ? -8.174  -11.721 5.054   1.00 28.45 ? 5   HIS A CE1 1 
ATOM   41   N NE2 . HIS A 1 7   ? -7.689  -12.154 3.914   1.00 31.17 ? 5   HIS A NE2 1 
ATOM   42   N N   . ARG A 1 8   ? -10.190 -9.947  0.170   1.00 20.95 ? 6   ARG A N   1 
ATOM   43   C CA  . ARG A 1 8   ? -10.097 -10.935 -0.934  1.00 18.90 ? 6   ARG A CA  1 
ATOM   44   C C   . ARG A 1 8   ? -9.201  -10.374 -1.985  1.00 21.01 ? 6   ARG A C   1 
ATOM   45   O O   . ARG A 1 8   ? -8.895  -9.137  -1.966  1.00 19.90 ? 6   ARG A O   1 
ATOM   46   C CB  . ARG A 1 8   ? -11.492 -11.241 -1.548  1.00 20.29 ? 6   ARG A CB  1 
ATOM   47   C CG  . ARG A 1 8   ? -12.275 -9.992  -1.973  1.00 21.04 ? 6   ARG A CG  1 
ATOM   48   C CD  . ARG A 1 8   ? -13.489 -10.366 -2.842  1.00 21.07 ? 6   ARG A CD  1 
ATOM   49   N NE  . ARG A 1 8   ? -14.285 -9.170  -3.164  1.00 20.47 ? 6   ARG A NE  1 
ATOM   50   C CZ  . ARG A 1 8   ? -13.946 -8.285  -4.105  1.00 19.52 ? 6   ARG A CZ  1 
ATOM   51   N NH1 . ARG A 1 8   ? -12.857 -8.430  -4.871  1.00 20.37 ? 6   ARG A NH1 1 
ATOM   52   N NH2 . ARG A 1 8   ? -14.741 -7.240  -4.297  1.00 20.81 ? 6   ARG A NH2 1 
ATOM   53   N N   . PRO A 1 9   ? -8.685  -11.183 -2.924  1.00 20.47 ? 7   PRO A N   1 
ATOM   54   C CA  . PRO A 1 9   ? -7.894  -10.695 -3.996  1.00 19.02 ? 7   PRO A CA  1 
ATOM   55   C C   . PRO A 1 9   ? -8.669  -9.669  -4.800  1.00 18.11 ? 7   PRO A C   1 
ATOM   56   O O   . PRO A 1 9   ? -9.928  -9.763  -4.960  1.00 20.65 ? 7   PRO A O   1 
ATOM   57   C CB  . PRO A 1 9   ? -7.532  -11.945 -4.842  1.00 22.04 ? 7   PRO A CB  1 
ATOM   58   C CG  . PRO A 1 9   ? -7.612  -13.009 -3.832  1.00 22.67 ? 7   PRO A CG  1 
ATOM   59   C CD  . PRO A 1 9   ? -8.677  -12.682 -2.855  1.00 21.71 ? 7   PRO A CD  1 
ATOM   60   N N   . ALA A 1 10  ? -7.986  -8.671  -5.261  1.00 19.08 ? 8   ALA A N   1 
ATOM   61   C CA  . ALA A 1 10  ? -8.581  -7.677  -6.148  1.00 19.68 ? 8   ALA A CA  1 
ATOM   62   C C   . ALA A 1 10  ? -9.104  -8.342  -7.459  1.00 19.93 ? 8   ALA A C   1 
ATOM   63   O O   . ALA A 1 10  ? -8.469  -9.260  -8.018  1.00 22.52 ? 8   ALA A O   1 
ATOM   64   C CB  . ALA A 1 10  ? -7.588  -6.568  -6.502  1.00 20.56 ? 8   ALA A CB  1 
ATOM   65   N N   . GLU A 1 11  ? -10.207 -7.788  -8.010  1.00 20.64 ? 9   GLU A N   1 
ATOM   66   C CA  . GLU A 1 11  ? -10.867 -8.291  -9.223  1.00 22.07 ? 9   GLU A CA  1 
ATOM   67   C C   . GLU A 1 11  ? -11.029 -7.137  -10.171 1.00 21.53 ? 9   GLU A C   1 
ATOM   68   O O   . GLU A 1 11  ? -11.026 -5.959  -9.772  1.00 21.64 ? 9   GLU A O   1 
ATOM   69   C CB  . GLU A 1 11  ? -12.239 -8.910  -8.858  1.00 22.37 ? 9   GLU A CB  1 
ATOM   70   C CG  . GLU A 1 11  ? -12.072 -10.092 -7.894  1.00 22.80 ? 9   GLU A CG  1 
ATOM   71   C CD  . GLU A 1 11  ? -13.400 -10.711 -7.397  1.00 27.83 ? 9   GLU A CD  1 
ATOM   72   O OE1 . GLU A 1 11  ? -14.512 -10.195 -7.697  1.00 27.25 ? 9   GLU A OE1 1 
ATOM   73   O OE2 . GLU A 1 11  ? -13.349 -11.737 -6.677  1.00 28.69 ? 9   GLU A OE2 1 
ATOM   74   N N   A THR A 1 12  ? -11.199 -7.468  -11.437 0.50 22.07 ? 10  THR A N   1 
ATOM   75   N N   B THR A 1 12  ? -11.174 -7.441  -11.455 0.50 22.24 ? 10  THR A N   1 
ATOM   76   C CA  A THR A 1 12  ? -11.435 -6.488  -12.488 0.50 22.03 ? 10  THR A CA  1 
ATOM   77   C CA  B THR A 1 12  ? -11.360 -6.397  -12.472 0.50 22.61 ? 10  THR A CA  1 
ATOM   78   C C   A THR A 1 12  ? -12.523 -5.516  -12.137 0.50 20.66 ? 10  THR A C   1 
ATOM   79   C C   B THR A 1 12  ? -12.531 -5.480  -12.135 0.50 20.92 ? 10  THR A C   1 
ATOM   80   O O   A THR A 1 12  ? -12.377 -4.313  -12.337 0.50 22.44 ? 10  THR A O   1 
ATOM   81   O O   B THR A 1 12  ? -12.438 -4.257  -12.311 0.50 22.50 ? 10  THR A O   1 
ATOM   82   C CB  A THR A 1 12  ? -11.785 -7.204  -13.813 0.50 25.81 ? 10  THR A CB  1 
ATOM   83   C CB  B THR A 1 12  ? -11.428 -6.958  -13.939 0.50 26.45 ? 10  THR A CB  1 
ATOM   84   O OG1 A THR A 1 12  ? -10.686 -8.022  -14.205 0.50 26.59 ? 10  THR A OG1 1 
ATOM   85   O OG1 B THR A 1 12  ? -12.647 -7.678  -14.144 0.50 29.49 ? 10  THR A OG1 1 
ATOM   86   C CG2 A THR A 1 12  ? -12.122 -6.190  -14.885 0.50 25.01 ? 10  THR A CG2 1 
ATOM   87   C CG2 B THR A 1 12  ? -10.251 -7.871  -14.237 0.50 27.23 ? 10  THR A CG2 1 
ATOM   88   N N   . GLY A 1 13  ? -13.617 -6.022  -11.559 1.00 20.91 ? 11  GLY A N   1 
ATOM   89   C CA  . GLY A 1 13  ? -14.731 -5.186  -11.198 1.00 22.09 ? 11  GLY A CA  1 
ATOM   90   C C   . GLY A 1 13  ? -14.508 -4.143  -10.105 1.00 21.91 ? 11  GLY A C   1 
ATOM   91   O O   . GLY A 1 13  ? -15.229 -3.157  -9.965  1.00 22.56 ? 11  GLY A O   1 
ATOM   92   N N   . ASP A 1 14  ? -13.454 -4.342  -9.363  1.00 18.88 ? 12  ASP A N   1 
ATOM   93   C CA  . ASP A 1 14  ? -13.052 -3.374  -8.316  1.00 19.96 ? 12  ASP A CA  1 
ATOM   94   C C   . ASP A 1 14  ? -12.248 -2.195  -8.787  1.00 19.85 ? 12  ASP A C   1 
ATOM   95   O O   . ASP A 1 14  ? -12.089 -1.232  -8.010  1.00 20.87 ? 12  ASP A O   1 
ATOM   96   C CB  . ASP A 1 14  ? -12.136 -4.090  -7.296  1.00 18.78 ? 12  ASP A CB  1 
ATOM   97   C CG  . ASP A 1 14  ? -12.733 -5.273  -6.654  1.00 20.10 ? 12  ASP A CG  1 
ATOM   98   O OD1 . ASP A 1 14  ? -13.968 -5.366  -6.383  1.00 21.32 ? 12  ASP A OD1 1 
ATOM   99   O OD2 . ASP A 1 14  ? -11.943 -6.240  -6.318  1.00 21.44 ? 12  ASP A OD2 1 
ATOM   100  N N   A LEU A 1 15  ? -11.723 -2.264  -9.997  0.70 18.02 ? 13  LEU A N   1 
ATOM   101  N N   B LEU A 1 15  ? -11.698 -2.251  -9.979  0.30 18.41 ? 13  LEU A N   1 
ATOM   102  C CA  A LEU A 1 15  ? -10.726 -1.249  -10.508 0.70 22.18 ? 13  LEU A CA  1 
ATOM   103  C CA  B LEU A 1 15  ? -10.698 -1.238  -10.337 0.30 19.65 ? 13  LEU A CA  1 
ATOM   104  C C   A LEU A 1 15  ? -11.232 0.138   -10.522 0.70 20.97 ? 13  LEU A C   1 
ATOM   105  C C   B LEU A 1 15  ? -11.235 0.148   -10.485 0.30 20.03 ? 13  LEU A C   1 
ATOM   106  O O   A LEU A 1 15  ? -10.536 1.074   -10.056 0.70 19.66 ? 13  LEU A O   1 
ATOM   107  O O   B LEU A 1 15  ? -10.561 1.093   -10.048 0.30 19.89 ? 13  LEU A O   1 
ATOM   108  C CB  A LEU A 1 15  ? -10.189 -1.609  -11.907 0.70 23.51 ? 13  LEU A CB  1 
ATOM   109  C CB  B LEU A 1 15  ? -9.904  -1.660  -11.542 0.30 18.70 ? 13  LEU A CB  1 
ATOM   110  C CG  A LEU A 1 15  ? -9.444  -3.000  -12.106 0.70 26.74 ? 13  LEU A CG  1 
ATOM   111  C CG  B LEU A 1 15  ? -9.233  -3.040  -11.347 0.30 18.44 ? 13  LEU A CG  1 
ATOM   112  C CD1 A LEU A 1 15  ? -9.314  -3.343  -13.582 0.70 28.67 ? 13  LEU A CD1 1 
ATOM   113  C CD1 B LEU A 1 15  ? -8.158  -3.168  -12.412 0.30 17.69 ? 13  LEU A CD1 1 
ATOM   114  C CD2 A LEU A 1 15  ? -8.102  -3.107  -11.415 0.70 28.79 ? 13  LEU A CD2 1 
ATOM   115  C CD2 B LEU A 1 15  ? -8.623  -3.265  -9.954  0.30 19.43 ? 13  LEU A CD2 1 
ATOM   116  N N   . GLU A 1 16  ? -12.440 0.304   -11.026 1.00 20.20 ? 14  GLU A N   1 
ATOM   117  C CA  . GLU A 1 16  ? -12.938 1.671   -11.119 1.00 22.28 ? 14  GLU A CA  1 
ATOM   118  C C   . GLU A 1 16  ? -13.108 2.298   -9.725  1.00 20.83 ? 14  GLU A C   1 
ATOM   119  O O   . GLU A 1 16  ? -12.783 3.495   -9.531  1.00 22.79 ? 14  GLU A O   1 
ATOM   120  C CB  . GLU A 1 16  ? -14.263 1.707   -11.905 1.00 25.84 ? 14  GLU A CB  1 
ATOM   121  C CG  . GLU A 1 16  ? -14.775 3.109   -12.151 1.00 33.08 ? 14  GLU A CG  1 
ATOM   122  C CD  . GLU A 1 16  ? -14.007 3.928   -13.218 1.00 43.82 ? 14  GLU A CD  1 
ATOM   123  O OE1 . GLU A 1 16  ? -13.606 3.416   -14.296 1.00 52.16 ? 14  GLU A OE1 1 
ATOM   124  O OE2 . GLU A 1 16  ? -13.820 5.140   -12.998 1.00 51.34 ? 14  GLU A OE2 1 
ATOM   125  N N   . THR A 1 17  ? -13.574 1.544   -8.741  1.00 19.26 ? 15  THR A N   1 
ATOM   126  C CA  . THR A 1 17  ? -13.719 2.015   -7.364  1.00 19.31 ? 15  THR A CA  1 
ATOM   127  C C   . THR A 1 17  ? -12.373 2.414   -6.795  1.00 19.00 ? 15  THR A C   1 
ATOM   128  O O   . THR A 1 17  ? -12.179 3.533   -6.310  1.00 19.75 ? 15  THR A O   1 
ATOM   129  C CB  . THR A 1 17  ? -14.382 0.942   -6.524  1.00 22.10 ? 15  THR A CB  1 
ATOM   130  O OG1 . THR A 1 17  ? -15.722 0.720   -7.073  1.00 25.59 ? 15  THR A OG1 1 
ATOM   131  C CG2 . THR A 1 17  ? -14.440 1.348   -5.073  1.00 21.80 ? 15  THR A CG2 1 
ATOM   132  N N   . VAL A 1 18  ? -11.405 1.485   -6.868  1.00 18.28 ? 16  VAL A N   1 
ATOM   133  C CA  . VAL A 1 18  ? -10.067 1.750   -6.298  1.00 17.69 ? 16  VAL A CA  1 
ATOM   134  C C   . VAL A 1 18  ? -9.365  2.947   -6.968  1.00 18.99 ? 16  VAL A C   1 
ATOM   135  O O   . VAL A 1 18  ? -8.711  3.814   -6.301  1.00 19.57 ? 16  VAL A O   1 
ATOM   136  C CB  . VAL A 1 18  ? -9.228  0.506   -6.312  1.00 17.64 ? 16  VAL A CB  1 
ATOM   137  C CG1 . VAL A 1 18  ? -7.789  0.828   -5.881  1.00 17.97 ? 16  VAL A CG1 1 
ATOM   138  C CG2 . VAL A 1 18  ? -9.891  -0.570  -5.418  1.00 17.48 ? 16  VAL A CG2 1 
ATOM   139  N N   . ALA A 1 19  ? -9.493  3.058   -8.277  1.00 17.68 ? 17  ALA A N   1 
ATOM   140  C CA  . ALA A 1 19  ? -8.888  4.163   -8.991  1.00 19.61 ? 17  ALA A CA  1 
ATOM   141  C C   . ALA A 1 19  ? -9.445  5.546   -8.586  1.00 18.84 ? 17  ALA A C   1 
ATOM   142  O O   . ALA A 1 19  ? -8.777  6.542   -8.843  1.00 20.14 ? 17  ALA A O   1 
ATOM   143  C CB  . ALA A 1 19  ? -9.006  3.958   -10.488 1.00 21.76 ? 17  ALA A CB  1 
ATOM   144  N N   . GLY A 1 20  ? -10.620 5.530   -8.029  1.00 20.45 ? 18  GLY A N   1 
ATOM   145  C CA  . GLY A 1 20  ? -11.241 6.719   -7.436  1.00 22.06 ? 18  GLY A CA  1 
ATOM   146  C C   . GLY A 1 20  ? -10.701 7.166   -6.119  1.00 22.75 ? 18  GLY A C   1 
ATOM   147  O O   . GLY A 1 20  ? -11.076 8.225   -5.609  1.00 25.06 ? 18  GLY A O   1 
ATOM   148  N N   . PHE A 1 21  ? -9.866  6.369   -5.448  1.00 19.11 ? 19  PHE A N   1 
ATOM   149  C CA  . PHE A 1 21  ? -9.475  6.721   -4.114  1.00 20.44 ? 19  PHE A CA  1 
ATOM   150  C C   . PHE A 1 21  ? -8.526  7.933   -4.015  1.00 21.12 ? 19  PHE A C   1 
ATOM   151  O O   . PHE A 1 21  ? -8.743  8.744   -3.141  1.00 23.69 ? 19  PHE A O   1 
ATOM   152  C CB  . PHE A 1 21  ? -8.824  5.497   -3.386  1.00 20.70 ? 19  PHE A CB  1 
ATOM   153  C CG  . PHE A 1 21  ? -9.764  4.331   -3.104  1.00 20.79 ? 19  PHE A CG  1 
ATOM   154  C CD1 . PHE A 1 21  ? -11.142 4.448   -3.245  1.00 20.87 ? 19  PHE A CD1 1 
ATOM   155  C CD2 . PHE A 1 21  ? -9.248  3.123   -2.608  1.00 20.57 ? 19  PHE A CD2 1 
ATOM   156  C CE1 . PHE A 1 21  ? -11.978 3.385   -2.942  1.00 20.89 ? 19  PHE A CE1 1 
ATOM   157  C CE2 . PHE A 1 21  ? -10.074 2.058   -2.316  1.00 22.14 ? 19  PHE A CE2 1 
ATOM   158  C CZ  . PHE A 1 21  ? -11.433 2.185   -2.433  1.00 21.16 ? 19  PHE A CZ  1 
ATOM   159  N N   . PRO A 1 22  ? -7.463  7.975   -4.816  1.00 20.47 ? 20  PRO A N   1 
ATOM   160  C CA  . PRO A 1 22  ? -6.580  9.154   -4.626  1.00 20.35 ? 20  PRO A CA  1 
ATOM   161  C C   . PRO A 1 22  ? -7.345  10.438  -4.998  1.00 20.96 ? 20  PRO A C   1 
ATOM   162  O O   . PRO A 1 22  ? -7.820  10.528  -6.113  1.00 21.89 ? 20  PRO A O   1 
ATOM   163  C CB  . PRO A 1 22  ? -5.423  8.919   -5.551  1.00 21.37 ? 20  PRO A CB  1 
ATOM   164  C CG  . PRO A 1 22  ? -5.452  7.427   -5.831  1.00 22.75 ? 20  PRO A CG  1 
ATOM   165  C CD  . PRO A 1 22  ? -6.902  7.035   -5.803  1.00 19.69 ? 20  PRO A CD  1 
ATOM   166  N N   . GLN A 1 23  ? -7.276  11.412  -4.109  1.00 22.10 ? 21  GLN A N   1 
ATOM   167  C CA  . GLN A 1 23  ? -8.076  12.663  -4.278  1.00 22.93 ? 21  GLN A CA  1 
ATOM   168  C C   . GLN A 1 23  ? -7.333  13.805  -4.874  1.00 26.70 ? 21  GLN A C   1 
ATOM   169  O O   . GLN A 1 23  ? -7.938  14.823  -5.277  1.00 26.92 ? 21  GLN A O   1 
ATOM   170  C CB  . GLN A 1 23  ? -8.628  13.028  -2.928  1.00 25.71 ? 21  GLN A CB  1 
ATOM   171  C CG  . GLN A 1 23  ? -9.644  12.044  -2.435  1.00 27.99 ? 21  GLN A CG  1 
ATOM   172  C CD  . GLN A 1 23  ? -10.781 11.817  -3.450  1.00 34.51 ? 21  GLN A CD  1 
ATOM   173  O OE1 . GLN A 1 23  ? -10.928 10.717  -4.111  1.00 32.68 ? 21  GLN A OE1 1 
ATOM   174  N NE2 . GLN A 1 23  ? -11.505 12.873  -3.716  1.00 29.41 ? 21  GLN A NE2 1 
ATOM   175  N N   . ASP A 1 24  ? -6.023  13.700  -4.990  1.00 23.48 ? 22  ASP A N   1 
ATOM   176  C CA  . ASP A 1 24  ? -5.219  14.784  -5.578  1.00 27.57 ? 22  ASP A CA  1 
ATOM   177  C C   . ASP A 1 24  ? -3.845  14.247  -5.952  1.00 29.07 ? 22  ASP A C   1 
ATOM   178  O O   . ASP A 1 24  ? -3.537  13.071  -5.649  1.00 24.44 ? 22  ASP A O   1 
ATOM   179  C CB  . ASP A 1 24  ? -5.131  16.053  -4.634  1.00 28.79 ? 22  ASP A CB  1 
ATOM   180  C CG  . ASP A 1 24  ? -4.524  15.785  -3.266  1.00 34.14 ? 22  ASP A CG  1 
ATOM   181  O OD1 . ASP A 1 24  ? -3.585  14.999  -3.149  1.00 31.63 ? 22  ASP A OD1 1 
ATOM   182  O OD2 . ASP A 1 24  ? -4.941  16.400  -2.270  1.00 37.29 ? 22  ASP A OD2 1 
ATOM   183  N N   . ARG A 1 25  ? -3.042  15.071  -6.608  1.00 27.46 ? 23  ARG A N   1 
ATOM   184  C CA  . ARG A 1 25  ? -1.731  14.628  -7.108  1.00 27.86 ? 23  ARG A CA  1 
ATOM   185  C C   . ARG A 1 25  ? -0.838  14.164  -6.028  1.00 27.68 ? 23  ARG A C   1 
ATOM   186  O O   . ARG A 1 25  ? -0.041  13.227  -6.273  1.00 27.95 ? 23  ARG A O   1 
ATOM   187  C CB  . ARG A 1 25  ? -1.018  15.786  -7.763  1.00 31.54 ? 23  ARG A CB  1 
ATOM   188  C CG  . ARG A 1 25  ? -1.566  16.058  -9.092  1.00 32.26 ? 23  ARG A CG  1 
ATOM   189  C CD  . ARG A 1 25  ? -1.259  17.503  -9.423  1.00 37.14 ? 23  ARG A CD  1 
ATOM   190  N NE  . ARG A 1 25  ? -1.653  17.754  -10.810 1.00 40.87 ? 23  ARG A NE  1 
ATOM   191  C CZ  . ARG A 1 25  ? -2.855  18.165  -11.179 1.00 42.76 ? 23  ARG A CZ  1 
ATOM   192  N NH1 . ARG A 1 25  ? -3.817  18.338  -10.282 1.00 44.68 ? 23  ARG A NH1 1 
ATOM   193  N NH2 . ARG A 1 25  ? -3.091  18.362  -12.464 1.00 45.68 ? 23  ARG A NH2 1 
ATOM   194  N N   . ASP A 1 26  ? -0.917  14.790  -4.886  1.00 26.17 ? 24  ASP A N   1 
ATOM   195  C CA  . ASP A 1 26  ? -0.086  14.409  -3.711  1.00 30.00 ? 24  ASP A CA  1 
ATOM   196  C C   . ASP A 1 26  ? -0.424  13.001  -3.272  1.00 27.84 ? 24  ASP A C   1 
ATOM   197  O O   . ASP A 1 26  ? 0.457   12.134  -3.114  1.00 26.25 ? 24  ASP A O   1 
ATOM   198  C CB  . ASP A 1 26  ? -0.220  15.375  -2.534  1.00 31.02 ? 24  ASP A CB  1 
ATOM   199  C CG  . ASP A 1 26  ? 0.325   16.783  -2.855  1.00 36.22 ? 24  ASP A CG  1 
ATOM   200  O OD1 . ASP A 1 26  ? 0.977   17.015  -3.913  1.00 44.39 ? 24  ASP A OD1 1 
ATOM   201  O OD2 . ASP A 1 26  ? -0.020  17.658  -2.031  1.00 43.29 ? 24  ASP A OD2 1 
ATOM   202  N N   . GLU A 1 27  ? -1.706  12.749  -3.043  1.00 24.81 ? 25  GLU A N   1 
ATOM   203  C CA  . GLU A 1 27  ? -2.126  11.422  -2.624  1.00 21.98 ? 25  GLU A CA  1 
ATOM   204  C C   . GLU A 1 27  ? -1.710  10.392  -3.643  1.00 23.50 ? 25  GLU A C   1 
ATOM   205  O O   . GLU A 1 27  ? -1.277  9.264   -3.234  1.00 21.51 ? 25  GLU A O   1 
ATOM   206  C CB  . GLU A 1 27  ? -3.654  11.303  -2.397  1.00 21.97 ? 25  GLU A CB  1 
ATOM   207  C CG  . GLU A 1 27  ? -4.146  12.086  -1.179  1.00 24.59 ? 25  GLU A CG  1 
ATOM   208  C CD  . GLU A 1 27  ? -5.588  11.843  -0.816  1.00 28.55 ? 25  GLU A CD  1 
ATOM   209  O OE1 . GLU A 1 27  ? -6.260  11.012  -1.480  1.00 24.45 ? 25  GLU A OE1 1 
ATOM   210  O OE2 . GLU A 1 27  ? -6.077  12.362  0.200   1.00 32.01 ? 25  GLU A OE2 1 
ATOM   211  N N   . LEU A 1 28  ? -1.864  10.658  -4.933  1.00 21.41 ? 26  LEU A N   1 
ATOM   212  C CA  . LEU A 1 28  ? -1.474  9.678   -5.964  1.00 18.62 ? 26  LEU A CA  1 
ATOM   213  C C   . LEU A 1 28  ? 0.039   9.396   -5.909  1.00 19.71 ? 26  LEU A C   1 
ATOM   214  O O   . LEU A 1 28  ? 0.493   8.240   -5.952  1.00 20.80 ? 26  LEU A O   1 
ATOM   215  C CB  . LEU A 1 28  ? -1.933  10.049  -7.377  1.00 18.33 ? 26  LEU A CB  1 
ATOM   216  C CG  . LEU A 1 28  ? -1.520  9.111   -8.487  1.00 20.34 ? 26  LEU A CG  1 
ATOM   217  C CD1 . LEU A 1 28  ? -2.178  7.733   -8.331  1.00 20.72 ? 26  LEU A CD1 1 
ATOM   218  C CD2 . LEU A 1 28  ? -1.841  9.647   -9.885  1.00 22.01 ? 26  LEU A CD2 1 
ATOM   219  N N   . PHE A 1 29  ? 0.805   10.488  -5.780  1.00 22.26 ? 27  PHE A N   1 
ATOM   220  C CA  . PHE A 1 29  ? 2.265   10.347  -5.677  1.00 21.13 ? 27  PHE A CA  1 
ATOM   221  C C   . PHE A 1 29  ? 2.654   9.542   -4.453  1.00 19.26 ? 27  PHE A C   1 
ATOM   222  O O   . PHE A 1 29  ? 3.576   8.673   -4.636  1.00 21.75 ? 27  PHE A O   1 
ATOM   223  C CB  . PHE A 1 29  ? 2.893   11.771  -5.533  1.00 23.16 ? 27  PHE A CB  1 
ATOM   224  C CG  . PHE A 1 29  ? 4.415   11.752  -5.434  1.00 20.03 ? 27  PHE A CG  1 
ATOM   225  C CD1 . PHE A 1 29  ? 5.114   11.389  -6.529  1.00 20.06 ? 27  PHE A CD1 1 
ATOM   226  C CD2 . PHE A 1 29  ? 5.070   12.148  -4.340  1.00 22.67 ? 27  PHE A CD2 1 
ATOM   227  C CE1 . PHE A 1 29  ? 6.520   11.303  -6.532  1.00 20.72 ? 27  PHE A CE1 1 
ATOM   228  C CE2 . PHE A 1 29  ? 6.492   12.061  -4.310  1.00 21.06 ? 27  PHE A CE2 1 
ATOM   229  C CZ  . PHE A 1 29  ? 7.172   11.691  -5.391  1.00 18.92 ? 27  PHE A CZ  1 
ATOM   230  N N   . TYR A 1 30  ? 2.006   9.714   -3.324  1.00 20.90 ? 28  TYR A N   1 
ATOM   231  C CA  . TYR A 1 30  ? 2.421   9.001   -2.092  1.00 21.76 ? 28  TYR A CA  1 
ATOM   232  C C   . TYR A 1 30  ? 2.213   7.520   -2.230  1.00 21.29 ? 28  TYR A C   1 
ATOM   233  O O   . TYR A 1 30  ? 2.932   6.728   -1.605  1.00 21.88 ? 28  TYR A O   1 
ATOM   234  C CB  . TYR A 1 30  ? 1.679   9.452   -0.854  1.00 26.50 ? 28  TYR A CB  1 
ATOM   235  C CG  . TYR A 1 30  ? 1.850   10.903  -0.493  1.00 28.93 ? 28  TYR A CG  1 
ATOM   236  C CD1 . TYR A 1 30  ? 2.984   11.618  -0.868  1.00 26.09 ? 28  TYR A CD1 1 
ATOM   237  C CD2 . TYR A 1 30  ? 0.855   11.512  0.283   1.00 34.30 ? 28  TYR A CD2 1 
ATOM   238  C CE1 . TYR A 1 30  ? 3.117   12.975  -0.530  1.00 34.83 ? 28  TYR A CE1 1 
ATOM   239  C CE2 . TYR A 1 30  ? 0.965   12.841  0.616   1.00 37.07 ? 28  TYR A CE2 1 
ATOM   240  C CZ  . TYR A 1 30  ? 2.064   13.552  0.204   1.00 37.27 ? 28  TYR A CZ  1 
ATOM   241  O OH  . TYR A 1 30  ? 2.064   14.868  0.628   1.00 42.74 ? 28  TYR A OH  1 
ATOM   242  N N   . CYS A 1 31  ? 1.183   7.107   -2.972  1.00 19.79 ? 29  CYS A N   1 
ATOM   243  C CA  . CYS A 1 31  ? 0.805   5.673   -3.085  1.00 19.12 ? 29  CYS A CA  1 
ATOM   244  C C   . CYS A 1 31  ? 1.258   4.991   -4.332  1.00 19.16 ? 29  CYS A C   1 
ATOM   245  O O   . CYS A 1 31  ? 1.243   3.746   -4.424  1.00 18.06 ? 29  CYS A O   1 
ATOM   246  C CB  . CYS A 1 31  ? -0.639  5.420   -2.793  1.00 18.61 ? 29  CYS A CB  1 
ATOM   247  S SG  . CYS A 1 31  ? -1.749  5.963   -4.136  1.00 22.66 ? 29  CYS A SG  1 
ATOM   248  N N   . TYR A 1 32  ? 1.642   5.756   -5.362  1.00 17.72 ? 30  TYR A N   1 
ATOM   249  C CA  . TYR A 1 32  ? 2.024   5.245   -6.623  1.00 17.39 ? 30  TYR A CA  1 
ATOM   250  C C   . TYR A 1 32  ? 2.827   6.277   -7.403  1.00 20.17 ? 30  TYR A C   1 
ATOM   251  O O   . TYR A 1 32  ? 2.317   6.934   -8.306  1.00 18.92 ? 30  TYR A O   1 
ATOM   252  C CB  . TYR A 1 32  ? 0.744   4.760   -7.394  1.00 18.54 ? 30  TYR A CB  1 
ATOM   253  C CG  . TYR A 1 32  ? 0.964   3.953   -8.644  1.00 19.23 ? 30  TYR A CG  1 
ATOM   254  C CD1 . TYR A 1 32  ? 2.214   3.677   -9.157  1.00 23.37 ? 30  TYR A CD1 1 
ATOM   255  C CD2 . TYR A 1 32  ? -0.190  3.452   -9.315  1.00 20.89 ? 30  TYR A CD2 1 
ATOM   256  C CE1 . TYR A 1 32  ? 2.294   2.922   -10.342 1.00 25.56 ? 30  TYR A CE1 1 
ATOM   257  C CE2 . TYR A 1 32  ? -0.104  2.744   -10.459 1.00 25.44 ? 30  TYR A CE2 1 
ATOM   258  C CZ  . TYR A 1 32  ? 1.101   2.518   -10.971 1.00 26.24 ? 30  TYR A CZ  1 
ATOM   259  O OH  . TYR A 1 32  ? 1.104   1.817   -12.139 1.00 35.28 ? 30  TYR A OH  1 
ATOM   260  N N   . PRO A 1 33  ? 4.065   6.507   -7.008  1.00 19.28 ? 31  PRO A N   1 
ATOM   261  C CA  . PRO A 1 33  ? 4.806   7.618   -7.612  1.00 20.56 ? 31  PRO A CA  1 
ATOM   262  C C   . PRO A 1 33  ? 5.079   7.527   -9.122  1.00 21.35 ? 31  PRO A C   1 
ATOM   263  O O   . PRO A 1 33  ? 5.241   8.581   -9.776  1.00 24.25 ? 31  PRO A O   1 
ATOM   264  C CB  . PRO A 1 33  ? 6.109   7.686   -6.752  1.00 21.82 ? 31  PRO A CB  1 
ATOM   265  C CG  . PRO A 1 33  ? 6.182   6.372   -6.065  1.00 20.72 ? 31  PRO A CG  1 
ATOM   266  C CD  . PRO A 1 33  ? 4.771   5.915   -5.850  1.00 19.71 ? 31  PRO A CD  1 
ATOM   267  N N   . LYS A 1 34  ? 5.043   6.351   -9.690  1.00 20.96 ? 32  LYS A N   1 
ATOM   268  C CA  . LYS A 1 34  ? 5.270   6.151   -11.128 1.00 21.71 ? 32  LYS A CA  1 
ATOM   269  C C   . LYS A 1 34  ? 4.029   6.611   -11.898 1.00 22.96 ? 32  LYS A C   1 
ATOM   270  O O   . LYS A 1 34  ? 4.146   6.917   -13.085 1.00 26.05 ? 32  LYS A O   1 
ATOM   271  C CB  . LYS A 1 34  ? 5.635   4.708   -11.483 1.00 27.68 ? 32  LYS A CB  1 
ATOM   272  C CG  . LYS A 1 34  ? 6.318   4.535   -12.847 1.00 36.91 ? 32  LYS A CG  1 
ATOM   273  C CD  . LYS A 1 34  ? 6.549   3.081   -13.273 1.00 42.87 ? 32  LYS A CD  1 
ATOM   274  N N   . ALA A 1 35  ? 2.874   6.604   -11.259 1.00 20.52 ? 33  ALA A N   1 
ATOM   275  C CA  . ALA A 1 35  ? 1.634   7.057   -11.951 1.00 21.96 ? 33  ALA A CA  1 
ATOM   276  C C   . ALA A 1 35  ? 1.646   8.526   -12.317 1.00 23.79 ? 33  ALA A C   1 
ATOM   277  O O   . ALA A 1 35  ? 2.351   9.367   -11.753 1.00 22.88 ? 33  ALA A O   1 
ATOM   278  C CB  . ALA A 1 35  ? 0.431   6.742   -11.097 1.00 21.71 ? 33  ALA A CB  1 
ATOM   279  N N   . ILE A 1 36  ? 0.785   8.826   -13.291 1.00 24.27 ? 34  ILE A N   1 
ATOM   280  C CA  . ILE A 1 36  ? 0.569   10.200  -13.746 1.00 27.56 ? 34  ILE A CA  1 
ATOM   281  C C   . ILE A 1 36  ? -0.872  10.585  -13.499 1.00 25.60 ? 34  ILE A C   1 
ATOM   282  O O   . ILE A 1 36  ? -1.777  9.749   -13.672 1.00 28.57 ? 34  ILE A O   1 
ATOM   283  C CB  . ILE A 1 36  ? 0.873   10.296  -15.236 1.00 29.74 ? 34  ILE A CB  1 
ATOM   284  C CG1 . ILE A 1 36  ? 2.316   9.839   -15.549 1.00 36.43 ? 34  ILE A CG1 1 
ATOM   285  C CG2 . ILE A 1 36  ? 0.718   11.730  -15.734 1.00 36.92 ? 34  ILE A CG2 1 
ATOM   286  C CD1 . ILE A 1 36  ? 2.513   9.553   -17.028 1.00 42.94 ? 34  ILE A CD1 1 
ATOM   287  N N   . TRP A 1 37  ? -1.054  11.776  -12.951 1.00 26.28 ? 35  TRP A N   1 
ATOM   288  C CA  . TRP A 1 37  ? -2.387  12.343  -12.705 1.00 24.66 ? 35  TRP A CA  1 
ATOM   289  C C   . TRP A 1 37  ? -2.975  12.836  -14.035 1.00 28.93 ? 35  TRP A C   1 
ATOM   290  O O   . TRP A 1 37  ? -2.266  13.503  -14.778 1.00 28.18 ? 35  TRP A O   1 
ATOM   291  C CB  . TRP A 1 37  ? -2.269  13.504  -11.725 1.00 27.92 ? 35  TRP A CB  1 
ATOM   292  C CG  . TRP A 1 37  ? -3.570  14.032  -11.305 1.00 26.54 ? 35  TRP A CG  1 
ATOM   293  C CD1 . TRP A 1 37  ? -4.309  15.050  -11.938 1.00 28.57 ? 35  TRP A CD1 1 
ATOM   294  C CD2 . TRP A 1 37  ? -4.383  13.599  -10.202 1.00 23.55 ? 35  TRP A CD2 1 
ATOM   295  N NE1 . TRP A 1 37  ? -5.476  15.238  -11.283 1.00 28.28 ? 35  TRP A NE1 1 
ATOM   296  C CE2 . TRP A 1 37  ? -5.577  14.365  -10.228 1.00 27.01 ? 35  TRP A CE2 1 
ATOM   297  C CE3 . TRP A 1 37  ? -4.258  12.619  -9.226  1.00 24.52 ? 35  TRP A CE3 1 
ATOM   298  C CZ2 . TRP A 1 37  ? -6.592  14.198  -9.306  1.00 24.82 ? 35  TRP A CZ2 1 
ATOM   299  C CZ3 . TRP A 1 37  ? -5.272  12.441  -8.307  1.00 25.03 ? 35  TRP A CZ3 1 
ATOM   300  C CH2 . TRP A 1 37  ? -6.463  13.245  -8.351  1.00 27.06 ? 35  TRP A CH2 1 
ATOM   301  N N   . PRO A 1 38  ? -4.253  12.507  -14.314 1.00 25.36 ? 36  PRO A N   1 
ATOM   302  C CA  . PRO A 1 38  ? -5.188  11.803  -13.432 1.00 23.77 ? 36  PRO A CA  1 
ATOM   303  C C   . PRO A 1 38  ? -4.997  10.281  -13.506 1.00 20.31 ? 36  PRO A C   1 
ATOM   304  O O   . PRO A 1 38  ? -4.631  9.734   -14.556 1.00 23.66 ? 36  PRO A O   1 
ATOM   305  C CB  . PRO A 1 38  ? -6.562  12.253  -13.951 1.00 28.49 ? 36  PRO A CB  1 
ATOM   306  C CG  . PRO A 1 38  ? -6.335  12.447  -15.371 1.00 27.05 ? 36  PRO A CG  1 
ATOM   307  C CD  . PRO A 1 38  ? -4.984  13.102  -15.468 1.00 27.90 ? 36  PRO A CD  1 
ATOM   308  N N   . PHE A 1 39  ? -5.343  9.710   -12.382 1.00 22.35 ? 37  PHE A N   1 
ATOM   309  C CA  . PHE A 1 39  ? -5.264  8.255   -12.247 1.00 22.88 ? 37  PHE A CA  1 
ATOM   310  C C   . PHE A 1 39  ? -6.381  7.621   -13.109 1.00 27.62 ? 37  PHE A C   1 
ATOM   311  O O   . PHE A 1 39  ? -7.363  8.265   -13.532 1.00 26.64 ? 37  PHE A O   1 
ATOM   312  C CB  . PHE A 1 39  ? -5.394  7.828   -10.809 1.00 19.73 ? 37  PHE A CB  1 
ATOM   313  C CG  . PHE A 1 39  ? -4.883  6.425   -10.509 1.00 20.68 ? 37  PHE A CG  1 
ATOM   314  C CD1 . PHE A 1 39  ? -3.685  5.982   -11.109 1.00 23.23 ? 37  PHE A CD1 1 
ATOM   315  C CD2 . PHE A 1 39  ? -5.509  5.660   -9.544  1.00 20.41 ? 37  PHE A CD2 1 
ATOM   316  C CE1 . PHE A 1 39  ? -3.178  4.695   -10.786 1.00 23.29 ? 37  PHE A CE1 1 
ATOM   317  C CE2 . PHE A 1 39  ? -4.970  4.360   -9.195  1.00 20.73 ? 37  PHE A CE2 1 
ATOM   318  C CZ  . PHE A 1 39  ? -3.842  3.931   -9.839  1.00 22.52 ? 37  PHE A CZ  1 
ATOM   319  N N   . SER A 1 40  ? -6.199  6.361   -13.437 1.00 22.64 ? 38  SER A N   1 
ATOM   320  C CA  . SER A 1 40  ? -7.091  5.632   -14.337 1.00 23.80 ? 38  SER A CA  1 
ATOM   321  C C   . SER A 1 40  ? -7.076  4.164   -14.062 1.00 23.73 ? 38  SER A C   1 
ATOM   322  O O   . SER A 1 40  ? -6.091  3.626   -13.519 1.00 21.12 ? 38  SER A O   1 
ATOM   323  C CB  . SER A 1 40  ? -6.698  5.847   -15.768 1.00 23.71 ? 38  SER A CB  1 
ATOM   324  O OG  . SER A 1 40  ? -5.442  5.289   -16.055 1.00 27.63 ? 38  SER A OG  1 
ATOM   325  N N   . VAL A 1 41  ? -8.112  3.465   -14.517 1.00 22.58 ? 39  VAL A N   1 
ATOM   326  C CA  . VAL A 1 41  ? -8.145  2.028   -14.403 1.00 22.75 ? 39  VAL A CA  1 
ATOM   327  C C   . VAL A 1 41  ? -6.977  1.398   -15.131 1.00 23.89 ? 39  VAL A C   1 
ATOM   328  O O   . VAL A 1 41  ? -6.361  0.444   -14.655 1.00 23.58 ? 39  VAL A O   1 
ATOM   329  C CB  . VAL A 1 41  ? -9.513  1.469   -14.881 1.00 26.67 ? 39  VAL A CB  1 
ATOM   330  C CG1 . VAL A 1 41  ? -9.465  -0.034  -15.039 1.00 29.15 ? 39  VAL A CG1 1 
ATOM   331  C CG2 . VAL A 1 41  ? -10.629 1.970   -13.942 1.00 24.80 ? 39  VAL A CG2 1 
ATOM   332  N N   . ALA A 1 42  ? -6.648  1.911   -16.294 1.00 24.11 ? 40  ALA A N   1 
ATOM   333  C CA  . ALA A 1 42  ? -5.562  1.317   -17.077 1.00 25.01 ? 40  ALA A CA  1 
ATOM   334  C C   . ALA A 1 42  ? -4.238  1.422   -16.269 1.00 24.25 ? 40  ALA A C   1 
ATOM   335  O O   . ALA A 1 42  ? -3.476  0.466   -16.272 1.00 25.01 ? 40  ALA A O   1 
ATOM   336  C CB  . ALA A 1 42  ? -5.432  2.004   -18.443 1.00 29.16 ? 40  ALA A CB  1 
ATOM   337  N N   . GLN A 1 43  ? -3.983  2.532   -15.594 1.00 21.50 ? 41  GLN A N   1 
ATOM   338  C CA  . GLN A 1 43  ? -2.729  2.649   -14.773 1.00 22.20 ? 41  GLN A CA  1 
ATOM   339  C C   . GLN A 1 43  ? -2.767  1.641   -13.625 1.00 22.52 ? 41  GLN A C   1 
ATOM   340  O O   . GLN A 1 43  ? -1.716  1.029   -13.245 1.00 22.34 ? 41  GLN A O   1 
ATOM   341  C CB  . GLN A 1 43  ? -2.514  4.040   -14.280 1.00 23.44 ? 41  GLN A CB  1 
ATOM   342  C CG  . GLN A 1 43  ? -2.120  5.018   -15.388 1.00 23.52 ? 41  GLN A CG  1 
ATOM   343  C CD  . GLN A 1 43  ? -1.756  6.339   -14.835 1.00 25.91 ? 41  GLN A CD  1 
ATOM   344  O OE1 . GLN A 1 43  ? -0.643  6.553   -14.392 1.00 25.77 ? 41  GLN A OE1 1 
ATOM   345  N NE2 . GLN A 1 43  ? -2.713  7.271   -14.825 1.00 27.32 ? 41  GLN A NE2 1 
ATOM   346  N N   . LEU A 1 44  ? -3.930  1.502   -13.013 1.00 20.93 ? 42  LEU A N   1 
ATOM   347  C CA  . LEU A 1 44  ? -4.047  0.600   -11.867 1.00 19.98 ? 42  LEU A CA  1 
ATOM   348  C C   . LEU A 1 44  ? -3.854  -0.842  -12.331 1.00 20.00 ? 42  LEU A C   1 
ATOM   349  O O   . LEU A 1 44  ? -3.148  -1.663  -11.684 1.00 20.68 ? 42  LEU A O   1 
ATOM   350  C CB  . LEU A 1 44  ? -5.386  0.799   -11.147 1.00 18.95 ? 42  LEU A CB  1 
ATOM   351  C CG  . LEU A 1 44  ? -5.699  -0.108  -9.973  1.00 18.89 ? 42  LEU A CG  1 
ATOM   352  C CD1 . LEU A 1 44  ? -4.663  -0.015  -8.878  1.00 20.78 ? 42  LEU A CD1 1 
ATOM   353  C CD2 . LEU A 1 44  ? -7.046  0.149   -9.345  1.00 20.21 ? 42  LEU A CD2 1 
ATOM   354  N N   . ALA A 1 45  ? -4.523  -1.210  -13.414 1.00 20.96 ? 43  ALA A N   1 
ATOM   355  C CA  . ALA A 1 45  ? -4.352  -2.574  -13.905 1.00 21.73 ? 43  ALA A CA  1 
ATOM   356  C C   . ALA A 1 45  ? -2.931  -2.881  -14.312 1.00 22.55 ? 43  ALA A C   1 
ATOM   357  O O   . ALA A 1 45  ? -2.488  -4.034  -14.074 1.00 22.62 ? 43  ALA A O   1 
ATOM   358  C CB  . ALA A 1 45  ? -5.297  -2.798  -15.120 1.00 23.52 ? 43  ALA A CB  1 
ATOM   359  N N   . ALA A 1 46  ? -2.186  -1.913  -14.836 1.00 22.46 ? 44  ALA A N   1 
ATOM   360  C CA  . ALA A 1 46  ? -0.764  -2.097  -15.213 1.00 24.26 ? 44  ALA A CA  1 
ATOM   361  C C   . ALA A 1 46  ? 0.007   -2.447  -13.961 1.00 26.00 ? 44  ALA A C   1 
ATOM   362  O O   . ALA A 1 46  ? 0.895   -3.340  -13.975 1.00 26.40 ? 44  ALA A O   1 
ATOM   363  C CB  . ALA A 1 46  ? -0.198  -0.864  -15.860 1.00 27.81 ? 44  ALA A CB  1 
ATOM   364  N N   . ALA A 1 47  ? -0.241  -1.687  -12.892 1.00 22.24 ? 45  ALA A N   1 
ATOM   365  C CA  . ALA A 1 47  ? 0.451   -1.957  -11.606 1.00 20.98 ? 45  ALA A CA  1 
ATOM   366  C C   . ALA A 1 47  ? 0.138   -3.365  -11.123 1.00 22.36 ? 45  ALA A C   1 
ATOM   367  O O   . ALA A 1 47  ? 1.022   -4.149  -10.734 1.00 22.88 ? 45  ALA A O   1 
ATOM   368  C CB  . ALA A 1 47  ? 0.063   -0.932  -10.561 1.00 22.84 ? 45  ALA A CB  1 
ATOM   369  N N   . ILE A 1 48  ? -1.128  -3.729  -11.073 1.00 22.02 ? 46  ILE A N   1 
ATOM   370  C CA  . ILE A 1 48  ? -1.541  -5.041  -10.643 1.00 21.21 ? 46  ILE A CA  1 
ATOM   371  C C   . ILE A 1 48  ? -0.844  -6.183  -11.461 1.00 23.11 ? 46  ILE A C   1 
ATOM   372  O O   . ILE A 1 48  ? -0.323  -7.165  -10.873 1.00 23.18 ? 46  ILE A O   1 
ATOM   373  C CB  . ILE A 1 48  ? -3.052  -5.173  -10.691 1.00 23.32 ? 46  ILE A CB  1 
ATOM   374  C CG1 . ILE A 1 48  ? -3.726  -4.313  -9.627  1.00 22.06 ? 46  ILE A CG1 1 
ATOM   375  C CG2 . ILE A 1 48  ? -3.468  -6.613  -10.515 1.00 24.36 ? 46  ILE A CG2 1 
ATOM   376  C CD1 . ILE A 1 48  ? -5.238  -4.233  -9.723  1.00 24.05 ? 46  ILE A CD1 1 
ATOM   377  N N   . ALA A 1 49  ? -0.730  -5.967  -12.757 1.00 23.46 ? 47  ALA A N   1 
ATOM   378  C CA  . ALA A 1 49  ? -0.105  -7.006  -13.641 1.00 24.23 ? 47  ALA A CA  1 
ATOM   379  C C   . ALA A 1 49  ? 1.354   -7.194  -13.315 1.00 25.07 ? 47  ALA A C   1 
ATOM   380  O O   . ALA A 1 49  ? 1.854   -8.341  -13.440 1.00 30.18 ? 47  ALA A O   1 
ATOM   381  C CB  . ALA A 1 49  ? -0.244  -6.637  -15.128 1.00 26.61 ? 47  ALA A CB  1 
ATOM   382  N N   . GLU A 1 50  ? 2.079   -6.165  -12.929 1.00 23.80 ? 48  GLU A N   1 
ATOM   383  C CA  . GLU A 1 50  ? 3.507   -6.317  -12.654 1.00 27.69 ? 48  GLU A CA  1 
ATOM   384  C C   . GLU A 1 50  ? 3.850   -6.518  -11.200 1.00 27.54 ? 48  GLU A C   1 
ATOM   385  O O   . GLU A 1 50  ? 5.043   -6.549  -10.848 1.00 30.06 ? 48  GLU A O   1 
ATOM   386  C CB  . GLU A 1 50  ? 4.319   -5.200  -13.270 1.00 34.95 ? 48  GLU A CB  1 
ATOM   387  C CG  . GLU A 1 50  ? 4.167   -3.878  -12.603 1.00 38.16 ? 48  GLU A CG  1 
ATOM   388  C CD  . GLU A 1 50  ? 4.721   -2.719  -13.452 1.00 50.38 ? 48  GLU A CD  1 
ATOM   389  O OE1 . GLU A 1 50  ? 5.107   -2.920  -14.642 1.00 54.29 ? 48  GLU A OE1 1 
ATOM   390  O OE2 . GLU A 1 50  ? 4.766   -1.588  -12.932 1.00 45.90 ? 48  GLU A OE2 1 
ATOM   391  N N   . ARG A 1 51  ? 2.832   -6.636  -10.339 1.00 22.31 ? 49  ARG A N   1 
ATOM   392  C CA  . ARG A 1 51  ? 3.048   -6.785  -8.899  1.00 21.56 ? 49  ARG A CA  1 
ATOM   393  C C   . ARG A 1 51  ? 2.443   -8.089  -8.442  1.00 21.64 ? 49  ARG A C   1 
ATOM   394  O O   . ARG A 1 51  ? 2.011   -8.931  -9.261  1.00 22.27 ? 49  ARG A O   1 
ATOM   395  C CB  . ARG A 1 51  ? 2.390   -5.590  -8.188  1.00 20.18 ? 49  ARG A CB  1 
ATOM   396  C CG  . ARG A 1 51  ? 3.162   -4.342  -8.467  1.00 20.67 ? 49  ARG A CG  1 
ATOM   397  C CD  . ARG A 1 51  ? 2.570   -3.152  -7.718  1.00 19.66 ? 49  ARG A CD  1 
ATOM   398  N NE  . ARG A 1 51  ? 3.234   -1.879  -8.053  1.00 22.39 ? 49  ARG A NE  1 
ATOM   399  C CZ  . ARG A 1 51  ? 3.313   -0.841  -7.248  1.00 18.88 ? 49  ARG A CZ  1 
ATOM   400  N NH1 . ARG A 1 51  ? 3.952   0.246   -7.645  1.00 20.61 ? 49  ARG A NH1 1 
ATOM   401  N NH2 . ARG A 1 51  ? 2.940   -0.914  -6.007  1.00 17.18 ? 49  ARG A NH2 1 
ATOM   402  N N   . ARG A 1 52  ? 2.440   -8.305  -7.144  1.00 19.73 ? 50  ARG A N   1 
ATOM   403  C CA  A ARG A 1 52  ? 1.848   -9.464  -6.524  0.80 20.75 ? 50  ARG A CA  1 
ATOM   404  C CA  B ARG A 1 52  ? 1.826   -9.490  -6.537  0.20 20.79 ? 50  ARG A CA  1 
ATOM   405  C C   . ARG A 1 52  ? 0.963   -9.115  -5.353  1.00 19.05 ? 50  ARG A C   1 
ATOM   406  O O   . ARG A 1 52  ? 1.140   -8.052  -4.733  1.00 20.37 ? 50  ARG A O   1 
ATOM   407  C CB  A ARG A 1 52  ? 2.970   -10.475 -6.054  0.80 22.66 ? 50  ARG A CB  1 
ATOM   408  C CB  B ARG A 1 52  ? 2.891   -10.493 -6.049  0.20 22.17 ? 50  ARG A CB  1 
ATOM   409  C CG  A ARG A 1 52  ? 3.924   -10.907 -7.152  0.80 27.08 ? 50  ARG A CG  1 
ATOM   410  C CG  B ARG A 1 52  ? 3.699   -11.159 -7.142  0.20 24.21 ? 50  ARG A CG  1 
ATOM   411  C CD  A ARG A 1 52  ? 3.302   -11.947 -8.071  0.80 30.07 ? 50  ARG A CD  1 
ATOM   412  C CD  B ARG A 1 52  ? 3.228   -12.565 -7.491  0.20 25.44 ? 50  ARG A CD  1 
ATOM   413  N NE  A ARG A 1 52  ? 4.264   -12.430 -9.103  0.80 33.30 ? 50  ARG A NE  1 
ATOM   414  N NE  B ARG A 1 52  ? 4.237   -13.195 -8.349  0.20 27.58 ? 50  ARG A NE  1 
ATOM   415  C CZ  A ARG A 1 52  ? 4.495   -11.858 -10.292 0.80 36.90 ? 50  ARG A CZ  1 
ATOM   416  C CZ  B ARG A 1 52  ? 4.978   -14.253 -8.028  0.20 27.11 ? 50  ARG A CZ  1 
ATOM   417  N NH1 A ARG A 1 52  ? 3.878   -10.738 -10.696 0.80 35.99 ? 50  ARG A NH1 1 
ATOM   418  N NH1 B ARG A 1 52  ? 4.801   -14.883 -6.877  0.20 25.79 ? 50  ARG A NH1 1 
ATOM   419  N NH2 A ARG A 1 52  ? 5.383   -12.413 -11.098 0.80 40.74 ? 50  ARG A NH2 1 
ATOM   420  N NH2 B ARG A 1 52  ? 5.870   -14.707 -8.900  0.20 29.13 ? 50  ARG A NH2 1 
ATOM   421  N N   . GLY A 1 53  ? -0.002  -9.952  -5.016  1.00 19.23 ? 51  GLY A N   1 
ATOM   422  C CA  . GLY A 1 53  ? -0.706  -9.813  -3.805  1.00 18.94 ? 51  GLY A CA  1 
ATOM   423  C C   . GLY A 1 53  ? -1.777  -8.691  -3.755  1.00 16.24 ? 51  GLY A C   1 
ATOM   424  O O   . GLY A 1 53  ? -2.096  -8.285  -2.652  1.00 18.50 ? 51  GLY A O   1 
ATOM   425  N N   . SER A 1 54  ? -2.244  -8.266  -4.919  1.00 18.25 ? 52  SER A N   1 
ATOM   426  C CA  . SER A 1 54  ? -3.244  -7.157  -4.892  1.00 17.23 ? 52  SER A CA  1 
ATOM   427  C C   . SER A 1 54  ? -4.535  -7.627  -4.199  1.00 18.10 ? 52  SER A C   1 
ATOM   428  O O   . SER A 1 54  ? -5.180  -8.619  -4.608  1.00 19.21 ? 52  SER A O   1 
ATOM   429  C CB  . SER A 1 54  ? -3.494  -6.681  -6.307  1.00 16.75 ? 52  SER A CB  1 
ATOM   430  O OG  . SER A 1 54  ? -2.388  -5.990  -6.851  1.00 18.81 ? 52  SER A OG  1 
ATOM   431  N N   . THR A 1 55  ? -4.905  -6.907  -3.143  1.00 17.62 ? 53  THR A N   1 
ATOM   432  C CA  . THR A 1 55  ? -5.890  -7.236  -2.192  1.00 16.34 ? 53  THR A CA  1 
ATOM   433  C C   . THR A 1 55  ? -6.802  -6.053  -1.874  1.00 18.93 ? 53  THR A C   1 
ATOM   434  O O   . THR A 1 55  ? -6.348  -4.933  -1.745  1.00 19.07 ? 53  THR A O   1 
ATOM   435  C CB  . THR A 1 55  ? -5.227  -7.729  -0.865  1.00 18.33 ? 53  THR A CB  1 
ATOM   436  O OG1 . THR A 1 55  ? -4.333  -8.844  -1.201  1.00 20.14 ? 53  THR A OG1 1 
ATOM   437  C CG2 . THR A 1 55  ? -6.187  -8.138  0.188   1.00 20.21 ? 53  THR A CG2 1 
ATOM   438  N N   . VAL A 1 56  ? -8.121  -6.327  -1.720  1.00 18.42 ? 54  VAL A N   1 
ATOM   439  C CA  . VAL A 1 56  ? -9.046  -5.325  -1.323  1.00 19.59 ? 54  VAL A CA  1 
ATOM   440  C C   . VAL A 1 56  ? -9.586  -5.644  0.050   1.00 21.25 ? 54  VAL A C   1 
ATOM   441  O O   . VAL A 1 56  ? -9.716  -6.818  0.442   1.00 19.56 ? 54  VAL A O   1 
ATOM   442  C CB  . VAL A 1 56  ? -10.209 -5.098  -2.311  1.00 18.84 ? 54  VAL A CB  1 
ATOM   443  C CG1 . VAL A 1 56  ? -9.724  -4.473  -3.608  1.00 20.16 ? 54  VAL A CG1 1 
ATOM   444  C CG2 . VAL A 1 56  ? -10.990 -6.375  -2.529  1.00 21.65 ? 54  VAL A CG2 1 
ATOM   445  N N   . ALA A 1 57  ? -9.860  -4.589  0.801   1.00 19.13 ? 55  ALA A N   1 
ATOM   446  C CA  . ALA A 1 57  ? -10.609 -4.646  2.038   1.00 19.03 ? 55  ALA A CA  1 
ATOM   447  C C   . ALA A 1 57  ? -12.033 -4.150  1.851   1.00 19.69 ? 55  ALA A C   1 
ATOM   448  O O   . ALA A 1 57  ? -12.268 -3.126  1.187   1.00 20.20 ? 55  ALA A O   1 
ATOM   449  C CB  . ALA A 1 57  ? -9.924  -3.794  3.115   1.00 21.19 ? 55  ALA A CB  1 
ATOM   450  N N   . VAL A 1 58  ? -12.969 -4.898  2.434   1.00 20.31 ? 56  VAL A N   1 
ATOM   451  C CA  . VAL A 1 58  ? -14.405 -4.682  2.209   1.00 21.84 ? 56  VAL A CA  1 
ATOM   452  C C   . VAL A 1 58  ? -15.115 -4.495  3.533   1.00 22.47 ? 56  VAL A C   1 
ATOM   453  O O   . VAL A 1 58  ? -14.890 -5.221  4.497   1.00 23.43 ? 56  VAL A O   1 
ATOM   454  C CB  . VAL A 1 58  ? -15.032 -5.879  1.459   1.00 22.87 ? 56  VAL A CB  1 
ATOM   455  C CG1 . VAL A 1 58  ? -16.555 -5.708  1.312   1.00 23.74 ? 56  VAL A CG1 1 
ATOM   456  C CG2 . VAL A 1 58  ? -14.359 -6.057  0.092   1.00 24.68 ? 56  VAL A CG2 1 
ATOM   457  N N   . HIS A 1 59  ? -16.016 -3.535  3.572   1.00 22.85 ? 57  HIS A N   1 
ATOM   458  C CA  . HIS A 1 59  ? -16.898 -3.349  4.756   1.00 26.17 ? 57  HIS A CA  1 
ATOM   459  C C   . HIS A 1 59  ? -18.298 -2.960  4.266   1.00 26.17 ? 57  HIS A C   1 
ATOM   460  O O   . HIS A 1 59  ? -18.456 -2.094  3.443   1.00 26.71 ? 57  HIS A O   1 
ATOM   461  C CB  . HIS A 1 59  ? -16.347 -2.215  5.635   1.00 30.96 ? 57  HIS A CB  1 
ATOM   462  C CG  . HIS A 1 59  ? -17.328 -1.723  6.651   1.00 34.85 ? 57  HIS A CG  1 
ATOM   463  N ND1 . HIS A 1 59  ? -17.604 -2.416  7.800   1.00 42.23 ? 57  HIS A ND1 1 
ATOM   464  C CD2 . HIS A 1 59  ? -18.143 -0.651  6.649   1.00 35.39 ? 57  HIS A CD2 1 
ATOM   465  C CE1 . HIS A 1 59  ? -18.522 -1.770  8.494   1.00 38.42 ? 57  HIS A CE1 1 
ATOM   466  N NE2 . HIS A 1 59  ? -18.876 -0.699  7.810   1.00 38.12 ? 57  HIS A NE2 1 
ATOM   467  N N   . ASP A 1 60  ? -19.312 -3.651  4.820   1.00 29.35 ? 58  ASP A N   1 
ATOM   468  C CA  . ASP A 1 60  ? -20.722 -3.385  4.422   1.00 32.42 ? 58  ASP A CA  1 
ATOM   469  C C   . ASP A 1 60  ? -20.893 -3.339  2.908   1.00 30.16 ? 58  ASP A C   1 
ATOM   470  O O   . ASP A 1 60  ? -21.516 -2.431  2.393   1.00 29.17 ? 58  ASP A O   1 
ATOM   471  C CB  . ASP A 1 60  ? -21.190 -2.069  5.028   1.00 38.27 ? 58  ASP A CB  1 
ATOM   472  C CG  . ASP A 1 60  ? -22.755 -1.925  5.032   1.00 42.58 ? 58  ASP A CG  1 
ATOM   473  O OD1 . ASP A 1 60  ? -23.477 -2.944  4.851   1.00 46.62 ? 58  ASP A OD1 1 
ATOM   474  O OD2 . ASP A 1 60  ? -23.227 -0.786  5.189   1.00 50.02 ? 58  ASP A OD2 1 
ATOM   475  N N   . GLY A 1 61  ? -20.319 -4.296  2.181   1.00 30.68 ? 59  GLY A N   1 
ATOM   476  C CA  . GLY A 1 61  ? -20.483 -4.356  0.733   1.00 29.46 ? 59  GLY A CA  1 
ATOM   477  C C   . GLY A 1 61  ? -19.697 -3.315  -0.064  1.00 27.51 ? 59  GLY A C   1 
ATOM   478  O O   . GLY A 1 61  ? -19.796 -3.239  -1.267  1.00 29.87 ? 59  GLY A O   1 
ATOM   479  N N   . GLN A 1 62  ? -18.839 -2.537  0.609   1.00 23.82 ? 60  GLN A N   1 
ATOM   480  C CA  A GLN A 1 62  ? -18.023 -1.570  -0.084  0.50 22.79 ? 60  GLN A CA  1 
ATOM   481  C CA  B GLN A 1 62  ? -18.019 -1.547  -0.069  0.50 24.21 ? 60  GLN A CA  1 
ATOM   482  C C   . GLN A 1 62  ? -16.507 -1.855  -0.011  1.00 20.75 ? 60  GLN A C   1 
ATOM   483  O O   . GLN A 1 62  ? -15.934 -2.172  1.039   1.00 24.93 ? 60  GLN A O   1 
ATOM   484  C CB  A GLN A 1 62  ? -18.250 -0.185  0.456   0.50 26.07 ? 60  GLN A CB  1 
ATOM   485  C CB  B GLN A 1 62  ? -18.235 -0.169  0.523   0.50 28.95 ? 60  GLN A CB  1 
ATOM   486  C CG  A GLN A 1 62  ? -19.718 0.233   0.447   0.50 28.51 ? 60  GLN A CG  1 
ATOM   487  C CG  B GLN A 1 62  ? -19.710 0.217   0.643   0.50 33.90 ? 60  GLN A CG  1 
ATOM   488  C CD  A GLN A 1 62  ? -19.875 1.714   0.668   0.50 33.93 ? 60  GLN A CD  1 
ATOM   489  C CD  B GLN A 1 62  ? -20.190 1.100   -0.480  0.50 42.58 ? 60  GLN A CD  1 
ATOM   490  O OE1 A GLN A 1 62  ? -20.399 2.417   -0.203  0.50 43.49 ? 60  GLN A OE1 1 
ATOM   491  O OE1 B GLN A 1 62  ? -20.114 0.742   -1.667  0.50 41.69 ? 60  GLN A OE1 1 
ATOM   492  N NE2 A GLN A 1 62  ? -19.414 2.212   1.817   0.50 31.59 ? 60  GLN A NE2 1 
ATOM   493  N NE2 B GLN A 1 62  ? -20.706 2.277   -0.110  0.50 50.67 ? 60  GLN A NE2 1 
ATOM   494  N N   . VAL A 1 63  ? -15.914 -1.757  -1.210  1.00 20.32 ? 61  VAL A N   1 
ATOM   495  C CA  . VAL A 1 63  ? -14.451 -1.810  -1.290  1.00 21.66 ? 61  VAL A CA  1 
ATOM   496  C C   . VAL A 1 63  ? -13.903 -0.460  -0.728  1.00 19.83 ? 61  VAL A C   1 
ATOM   497  O O   . VAL A 1 63  ? -14.214 0.607   -1.259  1.00 21.52 ? 61  VAL A O   1 
ATOM   498  C CB  . VAL A 1 63  ? -13.979 -2.047  -2.737  1.00 20.89 ? 61  VAL A CB  1 
ATOM   499  C CG1 . VAL A 1 63  ? -12.469 -1.899  -2.825  1.00 21.70 ? 61  VAL A CG1 1 
ATOM   500  C CG2 . VAL A 1 63  ? -14.423 -3.421  -3.285  1.00 22.55 ? 61  VAL A CG2 1 
ATOM   501  N N   . LEU A 1 64  ? -13.120 -0.561  0.363   1.00 20.31 ? 62  LEU A N   1 
ATOM   502  C CA  . LEU A 1 64  ? -12.670 0.653   1.066   1.00 20.54 ? 62  LEU A CA  1 
ATOM   503  C C   . LEU A 1 64  ? -11.153 0.754   1.079   1.00 21.30 ? 62  LEU A C   1 
ATOM   504  O O   . LEU A 1 64  ? -10.638 1.808   1.461   1.00 20.67 ? 62  LEU A O   1 
ATOM   505  C CB  . LEU A 1 64  ? -13.163 0.658   2.515   1.00 22.65 ? 62  LEU A CB  1 
ATOM   506  C CG  . LEU A 1 64  ? -14.696 0.782   2.795   1.00 25.47 ? 62  LEU A CG  1 
ATOM   507  C CD1 . LEU A 1 64  ? -14.981 0.879   4.247   1.00 28.65 ? 62  LEU A CD1 1 
ATOM   508  C CD2 . LEU A 1 64  ? -15.334 1.911   2.030   1.00 25.99 ? 62  LEU A CD2 1 
ATOM   509  N N   . GLY A 1 65  ? -10.422 -0.303  0.746   1.00 20.45 ? 63  GLY A N   1 
ATOM   510  C CA  . GLY A 1 65  ? -8.951  -0.242  0.764   1.00 19.54 ? 63  GLY A CA  1 
ATOM   511  C C   . GLY A 1 65  ? -8.338  -1.186  -0.226  1.00 17.58 ? 63  GLY A C   1 
ATOM   512  O O   . GLY A 1 65  ? -9.025  -2.161  -0.690  1.00 18.07 ? 63  GLY A O   1 
ATOM   513  N N   . PHE A 1 66  ? -7.098  -0.935  -0.606  1.00 17.08 ? 64  PHE A N   1 
ATOM   514  C CA  . PHE A 1 66  ? -6.363  -1.682  -1.615  1.00 16.51 ? 64  PHE A CA  1 
ATOM   515  C C   . PHE A 1 66  ? -4.909  -1.654  -1.246  1.00 17.69 ? 64  PHE A C   1 
ATOM   516  O O   . PHE A 1 66  ? -4.406  -0.611  -0.749  1.00 17.50 ? 64  PHE A O   1 
ATOM   517  C CB  . PHE A 1 66  ? -6.584  -1.092  -3.015  1.00 16.78 ? 64  PHE A CB  1 
ATOM   518  C CG  . PHE A 1 66  ? -5.777  -1.735  -4.117  1.00 17.07 ? 64  PHE A CG  1 
ATOM   519  C CD1 . PHE A 1 66  ? -6.304  -2.831  -4.824  1.00 18.61 ? 64  PHE A CD1 1 
ATOM   520  C CD2 . PHE A 1 66  ? -4.531  -1.286  -4.482  1.00 17.00 ? 64  PHE A CD2 1 
ATOM   521  C CE1 . PHE A 1 66  ? -5.588  -3.396  -5.837  1.00 18.52 ? 64  PHE A CE1 1 
ATOM   522  C CE2 . PHE A 1 66  ? -3.836  -1.818  -5.508  1.00 16.72 ? 64  PHE A CE2 1 
ATOM   523  C CZ  . PHE A 1 66  ? -4.351  -2.910  -6.184  1.00 18.03 ? 64  PHE A CZ  1 
ATOM   524  N N   . ALA A 1 67  ? -4.149  -2.764  -1.482  1.00 18.13 ? 65  ALA A N   1 
ATOM   525  C CA  . ALA A 1 67  ? -2.692  -2.710  -1.327  1.00 17.51 ? 65  ALA A CA  1 
ATOM   526  C C   . ALA A 1 67  ? -2.112  -3.878  -2.143  1.00 16.67 ? 65  ALA A C   1 
ATOM   527  O O   . ALA A 1 67  ? -2.872  -4.824  -2.521  1.00 16.45 ? 65  ALA A O   1 
ATOM   528  C CB  . ALA A 1 67  ? -2.305  -2.896  0.143   1.00 18.87 ? 65  ALA A CB  1 
ATOM   529  N N   . ASN A 1 68  ? -0.793  -3.864  -2.377  1.00 16.75 ? 66  ASN A N   1 
ATOM   530  C CA  . ASN A 1 68  ? -0.136  -4.984  -3.040  1.00 18.17 ? 66  ASN A CA  1 
ATOM   531  C C   . ASN A 1 68  ? 1.354   -4.996  -2.596  1.00 18.15 ? 66  ASN A C   1 
ATOM   532  O O   . ASN A 1 68  ? 1.721   -4.241  -1.718  1.00 19.60 ? 66  ASN A O   1 
ATOM   533  C CB  . ASN A 1 68  ? -0.304  -4.912  -4.564  1.00 18.62 ? 66  ASN A CB  1 
ATOM   534  C CG  . ASN A 1 68  ? 0.147   -3.619  -5.179  1.00 16.99 ? 66  ASN A CG  1 
ATOM   535  O OD1 . ASN A 1 68  ? 1.106   -2.982  -4.743  1.00 17.24 ? 66  ASN A OD1 1 
ATOM   536  N ND2 . ASN A 1 68  ? -0.593  -3.199  -6.241  1.00 17.75 ? 66  ASN A ND2 1 
ATOM   537  N N   . PHE A 1 69  ? 2.141   -5.861  -3.243  1.00 19.19 ? 67  PHE A N   1 
ATOM   538  C CA  . PHE A 1 69  ? 3.583   -5.806  -3.069  1.00 19.03 ? 67  PHE A CA  1 
ATOM   539  C C   . PHE A 1 69  ? 4.295   -5.385  -4.364  1.00 20.76 ? 67  PHE A C   1 
ATOM   540  O O   . PHE A 1 69  ? 4.003   -5.922  -5.449  1.00 20.50 ? 67  PHE A O   1 
ATOM   541  C CB  . PHE A 1 69  ? 4.124   -7.213  -2.698  1.00 17.98 ? 67  PHE A CB  1 
ATOM   542  C CG  . PHE A 1 69  ? 3.546   -7.834  -1.448  1.00 17.84 ? 67  PHE A CG  1 
ATOM   543  C CD1 . PHE A 1 69  ? 3.553   -7.156  -0.245  1.00 18.70 ? 67  PHE A CD1 1 
ATOM   544  C CD2 . PHE A 1 69  ? 3.139   -9.182  -1.441  1.00 20.55 ? 67  PHE A CD2 1 
ATOM   545  C CE1 . PHE A 1 69  ? 3.037   -7.702  0.918   1.00 19.81 ? 67  PHE A CE1 1 
ATOM   546  C CE2 . PHE A 1 69  ? 2.611   -9.717  -0.268  1.00 21.88 ? 67  PHE A CE2 1 
ATOM   547  C CZ  . PHE A 1 69  ? 2.587   -9.015  0.884   1.00 19.07 ? 67  PHE A CZ  1 
ATOM   548  N N   . TYR A 1 70  ? 5.226   -4.437  -4.280  1.00 19.92 ? 68  TYR A N   1 
ATOM   549  C CA  . TYR A 1 70  ? 5.963   -4.095  -5.471  1.00 21.41 ? 68  TYR A CA  1 
ATOM   550  C C   . TYR A 1 70  ? 7.327   -4.749  -5.489  1.00 24.18 ? 68  TYR A C   1 
ATOM   551  O O   . TYR A 1 70  ? 8.032   -4.664  -6.466  1.00 25.25 ? 68  TYR A O   1 
ATOM   552  C CB  . TYR A 1 70  ? 6.103   -2.575  -5.733  1.00 22.10 ? 68  TYR A CB  1 
ATOM   553  C CG  . TYR A 1 70  ? 6.881   -1.827  -4.700  1.00 23.64 ? 68  TYR A CG  1 
ATOM   554  C CD1 . TYR A 1 70  ? 6.266   -1.364  -3.592  1.00 29.79 ? 68  TYR A CD1 1 
ATOM   555  C CD2 . TYR A 1 70  ? 8.254   -1.695  -4.777  1.00 23.53 ? 68  TYR A CD2 1 
ATOM   556  C CE1 . TYR A 1 70  ? 6.937   -0.692  -2.632  1.00 29.18 ? 68  TYR A CE1 1 
ATOM   557  C CE2 . TYR A 1 70  ? 8.956   -0.944  -3.816  1.00 26.69 ? 68  TYR A CE2 1 
ATOM   558  C CZ  . TYR A 1 70  ? 8.239   -0.508  -2.717  1.00 28.89 ? 68  TYR A CZ  1 
ATOM   559  O OH  . TYR A 1 70  ? 8.753   0.218   -1.702  1.00 38.32 ? 68  TYR A OH  1 
ATOM   560  N N   . GLN A 1 71  ? 7.723   -5.346  -4.385  1.00 21.56 ? 69  GLN A N   1 
ATOM   561  C CA  . GLN A 1 71  ? 8.921   -6.261  -4.328  1.00 23.63 ? 69  GLN A CA  1 
ATOM   562  C C   . GLN A 1 71  ? 8.587   -7.401  -3.439  1.00 24.01 ? 69  GLN A C   1 
ATOM   563  O O   . GLN A 1 71  ? 7.819   -7.296  -2.501  1.00 22.06 ? 69  GLN A O   1 
ATOM   564  C CB  . GLN A 1 71  ? 10.165  -5.610  -3.680  1.00 26.29 ? 69  GLN A CB  1 
ATOM   565  C CG  . GLN A 1 71  ? 10.671  -4.446  -4.434  1.00 28.55 ? 69  GLN A CG  1 
ATOM   566  C CD  . GLN A 1 71  ? 11.807  -3.691  -3.700  1.00 35.21 ? 69  GLN A CD  1 
ATOM   567  O OE1 . GLN A 1 71  ? 12.059  -3.891  -2.526  1.00 35.48 ? 69  GLN A OE1 1 
ATOM   568  N NE2 . GLN A 1 71  ? 12.412  -2.738  -4.406  1.00 39.52 ? 69  GLN A NE2 1 
ATOM   569  N N   . TRP A 1 72  ? 9.109   -8.573  -3.802  1.00 25.05 ? 70  TRP A N   1 
ATOM   570  C CA  . TRP A 1 72  ? 8.851   -9.779  -3.065  1.00 22.21 ? 70  TRP A CA  1 
ATOM   571  C C   . TRP A 1 72  ? 10.072  -10.699 -3.285  1.00 27.87 ? 70  TRP A C   1 
ATOM   572  O O   . TRP A 1 72  ? 10.599  -10.793 -4.388  1.00 30.37 ? 70  TRP A O   1 
ATOM   573  C CB  . TRP A 1 72  ? 7.571   -10.485 -3.529  1.00 25.49 ? 70  TRP A CB  1 
ATOM   574  C CG  . TRP A 1 72  ? 7.540   -10.755 -4.939  1.00 27.62 ? 70  TRP A CG  1 
ATOM   575  C CD1 . TRP A 1 72  ? 7.899   -11.933 -5.593  1.00 28.69 ? 70  TRP A CD1 1 
ATOM   576  C CD2 . TRP A 1 72  ? 7.090   -9.873  -5.979  1.00 24.52 ? 70  TRP A CD2 1 
ATOM   577  N NE1 . TRP A 1 72  ? 7.759   -11.787 -6.916  1.00 29.86 ? 70  TRP A NE1 1 
ATOM   578  C CE2 . TRP A 1 72  ? 7.223   -10.553 -7.195  1.00 27.12 ? 70  TRP A CE2 1 
ATOM   579  C CE3 . TRP A 1 72  ? 6.556   -8.571  -5.993  1.00 23.52 ? 70  TRP A CE3 1 
ATOM   580  C CZ2 . TRP A 1 72  ? 6.934   -9.968  -8.428  1.00 27.36 ? 70  TRP A CZ2 1 
ATOM   581  C CZ3 . TRP A 1 72  ? 6.246   -8.011  -7.227  1.00 25.42 ? 70  TRP A CZ3 1 
ATOM   582  C CH2 . TRP A 1 72  ? 6.481   -8.679  -8.429  1.00 26.00 ? 70  TRP A CH2 1 
ATOM   583  N N   . GLN A 1 73  ? 10.538  -11.297 -2.196  1.00 26.17 ? 71  GLN A N   1 
ATOM   584  C CA  . GLN A 1 73  ? 11.752  -12.107 -2.264  1.00 26.77 ? 71  GLN A CA  1 
ATOM   585  C C   . GLN A 1 73  ? 11.514  -13.246 -1.295  1.00 23.09 ? 71  GLN A C   1 
ATOM   586  O O   . GLN A 1 73  ? 11.478  -13.059 -0.082  1.00 24.07 ? 71  GLN A O   1 
ATOM   587  C CB  . GLN A 1 73  ? 12.997  -11.274 -1.938  1.00 30.26 ? 71  GLN A CB  1 
ATOM   588  C CG  . GLN A 1 73  ? 13.363  -10.163 -2.935  1.00 42.66 ? 71  GLN A CG  1 
ATOM   589  C CD  . GLN A 1 73  ? 13.781  -10.692 -4.322  1.00 49.03 ? 71  GLN A CD  1 
ATOM   590  O OE1 . GLN A 1 73  ? 14.387  -11.768 -4.453  1.00 50.62 ? 71  GLN A OE1 1 
ATOM   591  N NE2 . GLN A 1 73  ? 13.437  -9.931  -5.367  1.00 58.81 ? 71  GLN A NE2 1 
ATOM   592  N N   . HIS A 1 74  ? 11.189  -14.415 -1.883  1.00 26.68 ? 72  HIS A N   1 
ATOM   593  C CA  A HIS A 1 74  ? 10.806  -15.625 -1.086  0.70 26.20 ? 72  HIS A CA  1 
ATOM   594  C CA  B HIS A 1 74  ? 10.837  -15.608 -1.108  0.30 26.46 ? 72  HIS A CA  1 
ATOM   595  C C   . HIS A 1 74  ? 11.875  -15.897 -0.017  1.00 24.78 ? 72  HIS A C   1 
ATOM   596  O O   . HIS A 1 74  ? 13.069  -15.886 -0.296  1.00 25.60 ? 72  HIS A O   1 
ATOM   597  C CB  A HIS A 1 74  ? 10.615  -16.924 -1.941  0.70 29.44 ? 72  HIS A CB  1 
ATOM   598  C CB  B HIS A 1 74  ? 10.708  -16.817 -2.041  0.30 28.39 ? 72  HIS A CB  1 
ATOM   599  C CG  A HIS A 1 74  ? 9.824   -18.008 -1.242  0.70 29.84 ? 72  HIS A CG  1 
ATOM   600  C CG  B HIS A 1 74  ? 9.415   -16.854 -2.789  0.30 28.28 ? 72  HIS A CG  1 
ATOM   601  N ND1 A HIS A 1 74  ? 10.401  -19.032 -0.516  0.70 31.78 ? 72  HIS A ND1 1 
ATOM   602  N ND1 B HIS A 1 74  ? 9.213   -16.159 -3.963  0.30 29.15 ? 72  HIS A ND1 1 
ATOM   603  C CD2 A HIS A 1 74  ? 8.488   -18.223 -1.174  0.70 31.03 ? 72  HIS A CD2 1 
ATOM   604  C CD2 B HIS A 1 74  ? 8.253   -17.495 -2.525  0.30 27.52 ? 72  HIS A CD2 1 
ATOM   605  C CE1 A HIS A 1 74  ? 9.455   -19.809 -0.013  0.70 30.73 ? 72  HIS A CE1 1 
ATOM   606  C CE1 B HIS A 1 74  ? 7.984   -16.378 -4.394  0.30 28.61 ? 72  HIS A CE1 1 
ATOM   607  N NE2 A HIS A 1 74  ? 8.287   -19.344 -0.406  0.70 33.94 ? 72  HIS A NE2 1 
ATOM   608  N NE2 B HIS A 1 74  ? 7.381   -17.187 -3.539  0.30 27.14 ? 72  HIS A NE2 1 
ATOM   609  N N   . GLY A 1 75  ? 11.399  -16.084 1.201   1.00 24.33 ? 73  GLY A N   1 
ATOM   610  C CA  . GLY A 1 75  ? 12.262  -16.383 2.352   1.00 24.17 ? 73  GLY A CA  1 
ATOM   611  C C   . GLY A 1 75  ? 12.950  -15.196 2.955   1.00 22.92 ? 73  GLY A C   1 
ATOM   612  O O   . GLY A 1 75  ? 13.747  -15.319 3.902   1.00 23.83 ? 73  GLY A O   1 
ATOM   613  N N   . ASP A 1 76  ? 12.585  -13.976 2.447   1.00 21.27 ? 74  ASP A N   1 
ATOM   614  C CA  . ASP A 1 76  ? 13.356  -12.762 2.763   1.00 21.09 ? 74  ASP A CA  1 
ATOM   615  C C   . ASP A 1 76  ? 12.438  -11.627 3.241   1.00 17.42 ? 74  ASP A C   1 
ATOM   616  O O   . ASP A 1 76  ? 12.212  -11.396 4.435   1.00 20.68 ? 74  ASP A O   1 
ATOM   617  C CB  . ASP A 1 76  ? 14.294  -12.420 1.605   1.00 22.15 ? 74  ASP A CB  1 
ATOM   618  C CG  . ASP A 1 76  ? 15.346  -11.377 1.928   1.00 21.78 ? 74  ASP A CG  1 
ATOM   619  O OD1 . ASP A 1 76  ? 15.428  -10.942 3.060   1.00 27.00 ? 74  ASP A OD1 1 
ATOM   620  O OD2 . ASP A 1 76  ? 16.097  -11.112 0.961   1.00 27.84 ? 74  ASP A OD2 1 
ATOM   621  N N   . PHE A 1 77  ? 11.818  -10.929 2.245   1.00 20.23 ? 75  PHE A N   1 
ATOM   622  C CA  . PHE A 1 77  ? 10.981  -9.788  2.578   1.00 19.63 ? 75  PHE A CA  1 
ATOM   623  C C   . PHE A 1 77  ? 9.945   -9.586  1.465   1.00 20.08 ? 75  PHE A C   1 
ATOM   624  O O   . PHE A 1 77  ? 10.108  -10.028 0.355   1.00 21.69 ? 75  PHE A O   1 
ATOM   625  C CB  . PHE A 1 77  ? 11.839  -8.472  2.719   1.00 19.12 ? 75  PHE A CB  1 
ATOM   626  C CG  . PHE A 1 77  ? 12.403  -7.986  1.459   1.00 21.44 ? 75  PHE A CG  1 
ATOM   627  C CD1 . PHE A 1 77  ? 13.654  -8.385  0.996   1.00 24.23 ? 75  PHE A CD1 1 
ATOM   628  C CD2 . PHE A 1 77  ? 11.702  -7.052  0.708   1.00 25.21 ? 75  PHE A CD2 1 
ATOM   629  C CE1 . PHE A 1 77  ? 14.166  -7.925  -0.232  1.00 26.91 ? 75  PHE A CE1 1 
ATOM   630  C CE2 . PHE A 1 77  ? 12.215  -6.563  -0.484  1.00 26.85 ? 75  PHE A CE2 1 
ATOM   631  C CZ  . PHE A 1 77  ? 13.430  -7.011  -0.968  1.00 29.27 ? 75  PHE A CZ  1 
ATOM   632  N N   . CYS A 1 78  ? 8.931   -8.772  1.773   1.00 19.04 ? 76  CYS A N   1 
ATOM   633  C CA  . CYS A 1 78  ? 8.119   -8.138  0.727   1.00 19.68 ? 76  CYS A CA  1 
ATOM   634  C C   . CYS A 1 78  ? 8.119   -6.629  1.026   1.00 19.00 ? 76  CYS A C   1 
ATOM   635  O O   . CYS A 1 78  ? 8.362   -6.214  2.161   1.00 19.22 ? 76  CYS A O   1 
ATOM   636  C CB  . CYS A 1 78  ? 6.724   -8.633  0.814   1.00 19.37 ? 76  CYS A CB  1 
ATOM   637  S SG  . CYS A 1 78  ? 6.590   -10.445 0.420   1.00 22.10 ? 76  CYS A SG  1 
ATOM   638  N N   . ALA A 1 79  ? 7.783   -5.826  -0.010  1.00 19.49 ? 77  ALA A N   1 
ATOM   639  C CA  . ALA A 1 79  ? 7.686   -4.360  0.140   1.00 18.89 ? 77  ALA A CA  1 
ATOM   640  C C   . ALA A 1 79  ? 6.265   -3.993  -0.263  1.00 17.31 ? 77  ALA A C   1 
ATOM   641  O O   . ALA A 1 79  ? 5.815   -4.341  -1.355  1.00 17.50 ? 77  ALA A O   1 
ATOM   642  C CB  . ALA A 1 79  ? 8.636   -3.650  -0.761  1.00 19.52 ? 77  ALA A CB  1 
ATOM   643  N N   . LEU A 1 80  ? 5.575   -3.348  0.670   1.00 18.11 ? 78  LEU A N   1 
ATOM   644  C CA  . LEU A 1 80  ? 4.181   -2.959  0.554   1.00 19.32 ? 78  LEU A CA  1 
ATOM   645  C C   . LEU A 1 80  ? 4.031   -1.753  -0.349  1.00 20.83 ? 78  LEU A C   1 
ATOM   646  O O   . LEU A 1 80  ? 4.793   -0.815  -0.240  1.00 23.47 ? 78  LEU A O   1 
ATOM   647  C CB  . LEU A 1 80  ? 3.608   -2.604  1.906   1.00 22.22 ? 78  LEU A CB  1 
ATOM   648  C CG  . LEU A 1 80  ? 2.121   -2.118  1.922   1.00 25.03 ? 78  LEU A CG  1 
ATOM   649  C CD1 . LEU A 1 80  ? 1.371   -3.415  1.885   1.00 26.16 ? 78  LEU A CD1 1 
ATOM   650  C CD2 . LEU A 1 80  ? 1.764   -1.290  3.143   1.00 27.90 ? 78  LEU A CD2 1 
ATOM   651  N N   . GLY A 1 81  ? 3.067   -1.821  -1.263  1.00 18.55 ? 79  GLY A N   1 
ATOM   652  C CA  . GLY A 1 81  ? 2.823   -0.763  -2.217  1.00 22.13 ? 79  GLY A CA  1 
ATOM   653  C C   . GLY A 1 81  ? 1.360   -0.469  -2.415  1.00 19.28 ? 79  GLY A C   1 
ATOM   654  O O   . GLY A 1 81  ? 0.507   -1.205  -1.994  1.00 19.25 ? 79  GLY A O   1 
ATOM   655  N N   . ASN A 1 82  ? 1.154   0.654   -3.104  1.00 17.07 ? 80  ASN A N   1 
ATOM   656  C CA  . ASN A 1 82  ? -0.184  1.068   -3.583  1.00 17.13 ? 80  ASN A CA  1 
ATOM   657  C C   . ASN A 1 82  ? -1.184  1.047   -2.471  1.00 18.64 ? 80  ASN A C   1 
ATOM   658  O O   . ASN A 1 82  ? -2.359  0.599   -2.681  1.00 18.13 ? 80  ASN A O   1 
ATOM   659  C CB  . ASN A 1 82  ? -0.678  0.186   -4.760  1.00 18.26 ? 80  ASN A CB  1 
ATOM   660  C CG  . ASN A 1 82  ? -0.010  0.396   -6.104  1.00 17.24 ? 80  ASN A CG  1 
ATOM   661  O OD1 . ASN A 1 82  ? -0.160  -0.445  -7.006  1.00 18.59 ? 80  ASN A OD1 1 
ATOM   662  N ND2 . ASN A 1 82  ? 0.734   1.472   -6.322  1.00 17.01 ? 80  ASN A ND2 1 
ATOM   663  N N   . MET A 1 83  ? -0.832  1.556   -1.294  1.00 18.09 ? 81  MET A N   1 
ATOM   664  C CA  . MET A 1 83  ? -1.731  1.552   -0.159  1.00 18.78 ? 81  MET A CA  1 
ATOM   665  C C   . MET A 1 83  ? -2.740  2.697   -0.308  1.00 19.10 ? 81  MET A C   1 
ATOM   666  O O   . MET A 1 83  ? -2.348  3.868   -0.288  1.00 22.52 ? 81  MET A O   1 
ATOM   667  C CB  . MET A 1 83  ? -0.932  1.665   1.174   1.00 23.78 ? 81  MET A CB  1 
ATOM   668  C CG  . MET A 1 83  ? -1.737  1.700   2.455   1.00 30.18 ? 81  MET A CG  1 
ATOM   669  S SD  . MET A 1 83  ? -2.327  0.039   2.959   1.00 30.48 ? 81  MET A SD  1 
ATOM   670  C CE  . MET A 1 83  ? -3.954  0.406   2.579   1.00 29.90 ? 81  MET A CE  1 
ATOM   671  N N   . MET A 1 84  ? -3.995  2.344   -0.566  1.00 19.58 ? 82  MET A N   1 
ATOM   672  C CA  . MET A 1 84  ? -5.051  3.305   -0.918  1.00 20.40 ? 82  MET A CA  1 
ATOM   673  C C   . MET A 1 84  ? -6.270  3.029   -0.108  1.00 23.04 ? 82  MET A C   1 
ATOM   674  O O   . MET A 1 84  ? -6.657  1.873   0.090   1.00 23.42 ? 82  MET A O   1 
ATOM   675  C CB  . MET A 1 84  ? -5.390  3.220   -2.388  1.00 23.54 ? 82  MET A CB  1 
ATOM   676  C CG  . MET A 1 84  ? -4.272  3.368   -3.335  1.00 23.62 ? 82  MET A CG  1 
ATOM   677  S SD  . MET A 1 84  ? -4.856  3.413   -5.054  1.00 25.58 ? 82  MET A SD  1 
ATOM   678  C CE  . MET A 1 84  ? -3.404  2.975   -5.910  1.00 27.78 ? 82  MET A CE  1 
ATOM   679  N N   . VAL A 1 85  ? -6.895  4.098   0.390   1.00 20.50 ? 83  VAL A N   1 
ATOM   680  C CA  . VAL A 1 85  ? -8.113  3.990   1.225   1.00 20.80 ? 83  VAL A CA  1 
ATOM   681  C C   . VAL A 1 85  ? -9.135  4.992   0.681   1.00 19.84 ? 83  VAL A C   1 
ATOM   682  O O   . VAL A 1 85  ? -8.829  6.156   0.323   1.00 22.30 ? 83  VAL A O   1 
ATOM   683  C CB  . VAL A 1 85  ? -7.790  4.256   2.723   1.00 21.42 ? 83  VAL A CB  1 
ATOM   684  C CG1 . VAL A 1 85  ? -9.055  4.329   3.618   1.00 22.93 ? 83  VAL A CG1 1 
ATOM   685  C CG2 . VAL A 1 85  ? -6.742  3.246   3.229   1.00 24.47 ? 83  VAL A CG2 1 
ATOM   686  N N   . ALA A 1 86  ? -10.375 4.549   0.648   1.00 19.78 ? 84  ALA A N   1 
ATOM   687  C CA  . ALA A 1 86  ? -11.487 5.405   0.227   1.00 21.80 ? 84  ALA A CA  1 
ATOM   688  C C   . ALA A 1 86  ? -11.560 6.666   1.112   1.00 22.97 ? 84  ALA A C   1 
ATOM   689  O O   . ALA A 1 86  ? -11.407 6.559   2.323   1.00 23.56 ? 84  ALA A O   1 
ATOM   690  C CB  . ALA A 1 86  ? -12.778 4.642   0.341   1.00 22.27 ? 84  ALA A CB  1 
ATOM   691  N N   . PRO A 1 87  ? -11.812 7.805   0.486   1.00 26.81 ? 85  PRO A N   1 
ATOM   692  C CA  . PRO A 1 87  ? -11.846 9.055   1.244   1.00 32.71 ? 85  PRO A CA  1 
ATOM   693  C C   . PRO A 1 87  ? -12.922 9.103   2.351   1.00 33.81 ? 85  PRO A C   1 
ATOM   694  O O   . PRO A 1 87  ? -12.650 9.684   3.400   1.00 38.71 ? 85  PRO A O   1 
ATOM   695  C CB  . PRO A 1 87  ? -12.064 10.116  0.139   1.00 33.27 ? 85  PRO A CB  1 
ATOM   696  C CG  . PRO A 1 87  ? -12.716 9.370   -0.987  1.00 35.56 ? 85  PRO A CG  1 
ATOM   697  C CD  . PRO A 1 87  ? -11.931 8.069   -0.957  1.00 31.74 ? 85  PRO A CD  1 
ATOM   698  N N   . ALA A 1 88  ? -14.037 8.386   2.205   1.00 33.02 ? 86  ALA A N   1 
ATOM   699  C CA  . ALA A 1 88  ? -15.053 8.324   3.317   1.00 36.16 ? 86  ALA A CA  1 
ATOM   700  C C   . ALA A 1 88  ? -14.677 7.396   4.487   1.00 39.04 ? 86  ALA A C   1 
ATOM   701  O O   . ALA A 1 88  ? -15.308 7.452   5.540   1.00 40.87 ? 86  ALA A O   1 
ATOM   702  C CB  . ALA A 1 88  ? -16.434 7.964   2.773   1.00 40.83 ? 86  ALA A CB  1 
ATOM   703  N N   . ALA A 1 89  ? -13.628 6.574   4.331   1.00 26.70 ? 87  ALA A N   1 
ATOM   704  C CA  . ALA A 1 89  ? -13.163 5.665   5.363   1.00 28.83 ? 87  ALA A CA  1 
ATOM   705  C C   . ALA A 1 89  ? -11.791 5.951   5.950   1.00 26.93 ? 87  ALA A C   1 
ATOM   706  O O   . ALA A 1 89  ? -11.202 5.078   6.581   1.00 29.47 ? 87  ALA A O   1 
ATOM   707  C CB  . ALA A 1 89  ? -13.187 4.258   4.813   1.00 29.52 ? 87  ALA A CB  1 
ATOM   708  N N   . ARG A 1 90  ? -11.258 7.163   5.761   1.00 31.26 ? 88  ARG A N   1 
ATOM   709  C CA  . ARG A 1 90  ? -9.947  7.504   6.319   1.00 31.43 ? 88  ARG A CA  1 
ATOM   710  C C   . ARG A 1 90  ? -9.972  7.556   7.871   1.00 28.69 ? 88  ARG A C   1 
ATOM   711  O O   . ARG A 1 90  ? -10.930 8.040   8.445   1.00 31.55 ? 88  ARG A O   1 
ATOM   712  C CB  . ARG A 1 90  ? -9.500  8.883   5.810   1.00 31.05 ? 88  ARG A CB  1 
ATOM   713  C CG  . ARG A 1 90  ? -9.433  9.082   4.289   1.00 35.00 ? 88  ARG A CG  1 
ATOM   714  C CD  . ARG A 1 90  ? -8.233  8.380   3.690   1.00 34.01 ? 88  ARG A CD  1 
ATOM   715  N NE  . ARG A 1 90  ? -8.250  8.331   2.191   1.00 29.26 ? 88  ARG A NE  1 
ATOM   716  C CZ  . ARG A 1 90  ? -7.817  9.265   1.346   1.00 28.98 ? 88  ARG A CZ  1 
ATOM   717  N NH1 . ARG A 1 90  ? -7.353  10.436  1.772   1.00 31.13 ? 88  ARG A NH1 1 
ATOM   718  N NH2 . ARG A 1 90  ? -7.895  9.058   0.022   1.00 26.66 ? 88  ARG A NH2 1 
ATOM   719  N N   . GLY A 1 91  ? -8.957  6.977   8.489   1.00 27.49 ? 89  GLY A N   1 
ATOM   720  C CA  . GLY A 1 91  ? -8.819  7.015   9.955   1.00 27.85 ? 89  GLY A CA  1 
ATOM   721  C C   . GLY A 1 91  ? -9.730  6.101   10.716  1.00 33.95 ? 89  GLY A C   1 
ATOM   722  O O   . GLY A 1 91  ? -9.769  6.192   11.954  1.00 30.30 ? 89  GLY A O   1 
ATOM   723  N N   . LEU A 1 92  ? -10.444 5.202   10.006  1.00 27.26 ? 90  LEU A N   1 
ATOM   724  C CA  . LEU A 1 92  ? -11.328 4.245   10.627  1.00 30.43 ? 90  LEU A CA  1 
ATOM   725  C C   . LEU A 1 92  ? -10.710 2.883   10.781  1.00 29.27 ? 90  LEU A C   1 
ATOM   726  O O   . LEU A 1 92  ? -11.377 1.939   11.196  1.00 32.50 ? 90  LEU A O   1 
ATOM   727  C CB  . LEU A 1 92  ? -12.653 4.135   9.904   1.00 29.56 ? 90  LEU A CB  1 
ATOM   728  C CG  . LEU A 1 92  ? -13.363 5.444   9.634   1.00 33.42 ? 90  LEU A CG  1 
ATOM   729  C CD1 . LEU A 1 92  ? -14.710 5.193   8.963   1.00 34.15 ? 90  LEU A CD1 1 
ATOM   730  C CD2 . LEU A 1 92  ? -13.527 6.229   10.919  1.00 37.09 ? 90  LEU A CD2 1 
ATOM   731  N N   . GLY A 1 93  ? -9.433  2.763   10.493  1.00 27.58 ? 91  GLY A N   1 
ATOM   732  C CA  . GLY A 1 93  ? -8.792  1.436   10.715  1.00 28.08 ? 91  GLY A CA  1 
ATOM   733  C C   . GLY A 1 93  ? -8.640  0.569   9.460   1.00 24.23 ? 91  GLY A C   1 
ATOM   734  O O   . GLY A 1 93  ? -8.195  -0.561  9.555   1.00 25.01 ? 91  GLY A O   1 
ATOM   735  N N   . VAL A 1 94  ? -9.018  1.060   8.309   1.00 23.81 ? 92  VAL A N   1 
ATOM   736  C CA  . VAL A 1 94  ? -8.919  0.232   7.102   1.00 23.17 ? 92  VAL A CA  1 
ATOM   737  C C   . VAL A 1 94  ? -7.470  -0.031  6.731   1.00 22.03 ? 92  VAL A C   1 
ATOM   738  O O   . VAL A 1 94  ? -7.126  -1.165  6.389   1.00 19.93 ? 92  VAL A O   1 
ATOM   739  C CB  . VAL A 1 94  ? -9.633  0.853   5.897   1.00 24.26 ? 92  VAL A CB  1 
ATOM   740  C CG1 . VAL A 1 94  ? -9.459  0.037   4.594   1.00 23.19 ? 92  VAL A CG1 1 
ATOM   741  C CG2 . VAL A 1 94  ? -11.092 1.039   6.230   1.00 23.01 ? 92  VAL A CG2 1 
ATOM   742  N N   . ALA A 1 95  ? -6.597  0.973   6.776   1.00 23.11 ? 93  ALA A N   1 
ATOM   743  C CA  . ALA A 1 95  ? -5.213  0.735   6.420   1.00 20.63 ? 93  ALA A CA  1 
ATOM   744  C C   . ALA A 1 95  ? -4.572  -0.215  7.414   1.00 20.80 ? 93  ALA A C   1 
ATOM   745  O O   . ALA A 1 95  ? -3.811  -1.088  7.007   1.00 22.29 ? 93  ALA A O   1 
ATOM   746  C CB  . ALA A 1 95  ? -4.426  2.055   6.302   1.00 22.36 ? 93  ALA A CB  1 
ATOM   747  N N   . ARG A 1 96  ? -4.805  -0.006  8.714   1.00 23.19 ? 94  ARG A N   1 
ATOM   748  C CA  A ARG A 1 96  ? -4.249  -0.829  9.751   0.50 23.94 ? 94  ARG A CA  1 
ATOM   749  C CA  B ARG A 1 96  ? -4.191  -0.867  9.730   0.50 23.74 ? 94  ARG A CA  1 
ATOM   750  C C   . ARG A 1 96  ? -4.634  -2.314  9.499   1.00 22.03 ? 94  ARG A C   1 
ATOM   751  O O   . ARG A 1 96  ? -3.829  -3.237  9.561   1.00 22.52 ? 94  ARG A O   1 
ATOM   752  C CB  A ARG A 1 96  ? -4.840  -0.219  11.022  0.50 28.13 ? 94  ARG A CB  1 
ATOM   753  C CB  B ARG A 1 96  ? -4.513  -0.399  11.165  0.50 27.42 ? 94  ARG A CB  1 
ATOM   754  C CG  A ARG A 1 96  ? -4.661  -0.885  12.334  0.50 33.16 ? 94  ARG A CG  1 
ATOM   755  C CG  B ARG A 1 96  ? -4.476  -1.503  12.219  0.50 32.05 ? 94  ARG A CG  1 
ATOM   756  C CD  A ARG A 1 96  ? -5.288  0.118   13.316  0.50 34.22 ? 94  ARG A CD  1 
ATOM   757  C CD  B ARG A 1 96  ? -5.041  -1.027  13.576  0.50 38.38 ? 94  ARG A CD  1 
ATOM   758  N NE  A ARG A 1 96  ? -4.945  1.495   12.927  0.50 37.38 ? 94  ARG A NE  1 
ATOM   759  N NE  B ARG A 1 96  ? -4.434  0.224   14.033  0.50 43.74 ? 94  ARG A NE  1 
ATOM   760  C CZ  A ARG A 1 96  ? -5.752  2.543   13.045  0.50 39.18 ? 94  ARG A CZ  1 
ATOM   761  C CZ  B ARG A 1 96  ? -3.583  0.320   15.058  0.50 47.29 ? 94  ARG A CZ  1 
ATOM   762  N NH1 A ARG A 1 96  ? -5.346  3.741   12.650  0.50 44.50 ? 94  ARG A NH1 1 
ATOM   763  N NH1 B ARG A 1 96  ? -3.083  1.505   15.395  0.50 45.58 ? 94  ARG A NH1 1 
ATOM   764  N NH2 A ARG A 1 96  ? -6.964  2.411   13.574  0.50 43.69 ? 94  ARG A NH2 1 
ATOM   765  N NH2 B ARG A 1 96  ? -3.237  -0.769  15.738  0.50 47.48 ? 94  ARG A NH2 1 
ATOM   766  N N   . TYR A 1 97  ? -5.915  -2.529  9.212   1.00 21.71 ? 95  TYR A N   1 
ATOM   767  C CA  . TYR A 1 97  ? -6.419  -3.857  8.875   1.00 20.90 ? 95  TYR A CA  1 
ATOM   768  C C   . TYR A 1 97  ? -5.732  -4.475  7.664   1.00 20.48 ? 95  TYR A C   1 
ATOM   769  O O   . TYR A 1 97  ? -5.253  -5.614  7.734   1.00 21.45 ? 95  TYR A O   1 
ATOM   770  C CB  . TYR A 1 97  ? -7.943  -3.787  8.677   1.00 21.35 ? 95  TYR A CB  1 
ATOM   771  C CG  . TYR A 1 97  ? -8.516  -5.070  8.169   1.00 22.01 ? 95  TYR A CG  1 
ATOM   772  C CD1 . TYR A 1 97  ? -8.802  -6.124  9.005   1.00 24.67 ? 95  TYR A CD1 1 
ATOM   773  C CD2 . TYR A 1 97  ? -8.784  -5.217  6.825   1.00 21.33 ? 95  TYR A CD2 1 
ATOM   774  C CE1 . TYR A 1 97  ? -9.301  -7.333  8.485   1.00 24.19 ? 95  TYR A CE1 1 
ATOM   775  C CE2 . TYR A 1 97  ? -9.331  -6.397  6.322   1.00 22.65 ? 95  TYR A CE2 1 
ATOM   776  C CZ  . TYR A 1 97  ? -9.574  -7.442  7.151   1.00 25.65 ? 95  TYR A CZ  1 
ATOM   777  O OH  . TYR A 1 97  ? -10.090 -8.655  6.697   1.00 28.27 ? 95  TYR A OH  1 
ATOM   778  N N   . LEU A 1 98  ? -5.688  -3.731  6.580   1.00 21.00 ? 96  LEU A N   1 
ATOM   779  C CA  . LEU A 1 98  ? -5.090  -4.282  5.366   1.00 23.06 ? 96  LEU A CA  1 
ATOM   780  C C   . LEU A 1 98  ? -3.589  -4.530  5.531   1.00 20.24 ? 96  LEU A C   1 
ATOM   781  O O   . LEU A 1 98  ? -3.072  -5.512  5.045   1.00 21.29 ? 96  LEU A O   1 
ATOM   782  C CB  . LEU A 1 98  ? -5.451  -3.377  4.197   1.00 25.41 ? 96  LEU A CB  1 
ATOM   783  C CG  . LEU A 1 98  ? -5.306  -3.943  2.815   1.00 28.10 ? 96  LEU A CG  1 
ATOM   784  C CD1 . LEU A 1 98  ? -5.865  -5.334  2.622   1.00 28.51 ? 96  LEU A CD1 1 
ATOM   785  C CD2 . LEU A 1 98  ? -5.961  -2.936  1.912   1.00 27.51 ? 96  LEU A CD2 1 
ATOM   786  N N   . ILE A 1 99  ? -2.888  -3.677  6.274   1.00 19.85 ? 97  ILE A N   1 
ATOM   787  C CA  . ILE A 1 99  ? -1.468  -3.893  6.541   1.00 20.89 ? 97  ILE A CA  1 
ATOM   788  C C   . ILE A 1 99  ? -1.297  -5.205  7.311   1.00 19.67 ? 97  ILE A C   1 
ATOM   789  O O   . ILE A 1 99  ? -0.434  -6.027  6.952   1.00 19.98 ? 97  ILE A O   1 
ATOM   790  C CB  . ILE A 1 99  ? -0.818  -2.701  7.228   1.00 22.63 ? 97  ILE A CB  1 
ATOM   791  C CG1 . ILE A 1 99  ? -0.853  -1.509  6.284   1.00 24.48 ? 97  ILE A CG1 1 
ATOM   792  C CG2 . ILE A 1 99  ? 0.592   -3.075  7.694   1.00 25.38 ? 97  ILE A CG2 1 
ATOM   793  C CD1 . ILE A 1 99  ? -0.612  -0.169  6.943   1.00 27.02 ? 97  ILE A CD1 1 
ATOM   794  N N   . GLY A 1 100 ? -2.149  -5.458  8.293   1.00 19.58 ? 98  GLY A N   1 
ATOM   795  C CA  . GLY A 1 100 ? -2.124  -6.762  8.946   1.00 20.09 ? 98  GLY A CA  1 
ATOM   796  C C   . GLY A 1 100 ? -2.362  -7.966  8.037   1.00 19.65 ? 98  GLY A C   1 
ATOM   797  O O   . GLY A 1 100 ? -1.683  -9.036  8.105   1.00 21.66 ? 98  GLY A O   1 
ATOM   798  N N   . VAL A 1 101 ? -3.322  -7.809  7.109   1.00 19.03 ? 99  VAL A N   1 
ATOM   799  C CA  . VAL A 1 101 ? -3.616  -8.847  6.134   1.00 21.04 ? 99  VAL A CA  1 
ATOM   800  C C   . VAL A 1 101 ? -2.377  -9.083  5.284   1.00 20.08 ? 99  VAL A C   1 
ATOM   801  O O   . VAL A 1 101 ? -1.989  -10.219 4.983   1.00 20.35 ? 99  VAL A O   1 
ATOM   802  C CB  . VAL A 1 101 ? -4.831  -8.461  5.259   1.00 21.45 ? 99  VAL A CB  1 
ATOM   803  C CG1 . VAL A 1 101 ? -5.010  -9.379  4.047   1.00 22.63 ? 99  VAL A CG1 1 
ATOM   804  C CG2 . VAL A 1 101 ? -6.050  -8.454  6.104   1.00 22.66 ? 99  VAL A CG2 1 
ATOM   805  N N   . MET A 1 102 ? -1.734  -8.018  4.809   1.00 18.09 ? 100 MET A N   1 
ATOM   806  C CA  . MET A 1 102 ? -0.573  -8.123  3.943   1.00 17.62 ? 100 MET A CA  1 
ATOM   807  C C   . MET A 1 102 ? 0.652   -8.713  4.674   1.00 18.26 ? 100 MET A C   1 
ATOM   808  O O   . MET A 1 102 ? 1.423   -9.410  4.047   1.00 19.34 ? 100 MET A O   1 
ATOM   809  C CB  . MET A 1 102 ? -0.226  -6.790  3.273   1.00 19.62 ? 100 MET A CB  1 
ATOM   810  C CG  . MET A 1 102 ? -1.335  -6.152  2.482   1.00 18.83 ? 100 MET A CG  1 
ATOM   811  S SD  . MET A 1 102 ? -1.893  -7.168  1.079   1.00 20.27 ? 100 MET A SD  1 
ATOM   812  C CE  . MET A 1 102 ? -0.524  -6.978  -0.024  1.00 20.71 ? 100 MET A CE  1 
ATOM   813  N N   . GLU A 1 103 ? 0.808   -8.380  5.919   1.00 19.27 ? 101 GLU A N   1 
ATOM   814  C CA  . GLU A 1 103 ? 1.871   -9.048  6.770   1.00 19.02 ? 101 GLU A CA  1 
ATOM   815  C C   . GLU A 1 103 ? 1.669   -10.552 6.818   1.00 20.87 ? 101 GLU A C   1 
ATOM   816  O O   . GLU A 1 103 ? 2.616   -11.297 6.614   1.00 20.80 ? 101 GLU A O   1 
ATOM   817  C CB  . GLU A 1 103 ? 1.925   -8.435  8.172   1.00 18.78 ? 101 GLU A CB  1 
ATOM   818  C CG  . GLU A 1 103 ? 2.466   -7.016  8.195   1.00 19.49 ? 101 GLU A CG  1 
ATOM   819  C CD  . GLU A 1 103 ? 2.311   -6.354  9.547   1.00 23.16 ? 101 GLU A CD  1 
ATOM   820  O OE1 . GLU A 1 103 ? 1.617   -6.939  10.454  1.00 27.95 ? 101 GLU A OE1 1 
ATOM   821  O OE2 . GLU A 1 103 ? 2.805   -5.236  9.770   1.00 21.79 ? 101 GLU A OE2 1 
ATOM   822  N N   . ASN A 1 104 ? 0.443   -10.954 7.031   1.00 20.91 ? 102 ASN A N   1 
ATOM   823  C CA  . ASN A 1 104 ? 0.128   -12.405 7.029   1.00 22.59 ? 102 ASN A CA  1 
ATOM   824  C C   . ASN A 1 104 ? 0.391   -13.022 5.708   1.00 23.51 ? 102 ASN A C   1 
ATOM   825  O O   . ASN A 1 104 ? 1.036   -14.092 5.603   1.00 21.72 ? 102 ASN A O   1 
ATOM   826  C CB  . ASN A 1 104 ? -1.300  -12.653 7.450   1.00 24.10 ? 102 ASN A CB  1 
ATOM   827  C CG  . ASN A 1 104 ? -1.495  -12.432 8.917   1.00 32.24 ? 102 ASN A CG  1 
ATOM   828  O OD1 . ASN A 1 104 ? -0.526  -12.519 9.708   1.00 40.45 ? 102 ASN A OD1 1 
ATOM   829  N ND2 . ASN A 1 104 ? -2.723  -12.184 9.325   1.00 38.12 ? 102 ASN A ND2 1 
ATOM   830  N N   . LEU A 1 105 ? 0.004   -12.377 4.601   1.00 20.27 ? 103 LEU A N   1 
ATOM   831  C CA  . LEU A 1 105 ? 0.203   -12.944 3.299   1.00 23.98 ? 103 LEU A CA  1 
ATOM   832  C C   . LEU A 1 105 ? 1.746   -13.067 3.008   1.00 23.21 ? 103 LEU A C   1 
ATOM   833  O O   . LEU A 1 105 ? 2.225   -14.015 2.449   1.00 23.12 ? 103 LEU A O   1 
ATOM   834  C CB  . LEU A 1 105 ? -0.394  -11.999 2.258   1.00 24.55 ? 103 LEU A CB  1 
ATOM   835  C CG  . LEU A 1 105 ? -0.186  -12.322 0.805   1.00 24.12 ? 103 LEU A CG  1 
ATOM   836  C CD1 . LEU A 1 105 ? -0.901  -13.640 0.466   1.00 27.06 ? 103 LEU A CD1 1 
ATOM   837  C CD2 . LEU A 1 105 ? -0.779  -11.264 -0.101  1.00 24.46 ? 103 LEU A CD2 1 
ATOM   838  N N   . ALA A 1 106 ? 2.507   -12.036 3.430   1.00 20.70 ? 104 ALA A N   1 
ATOM   839  C CA  . ALA A 1 106 ? 3.951   -12.060 3.227   1.00 21.60 ? 104 ALA A CA  1 
ATOM   840  C C   . ALA A 1 106 ? 4.579   -13.242 4.006   1.00 21.27 ? 104 ALA A C   1 
ATOM   841  O O   . ALA A 1 106 ? 5.418   -13.927 3.465   1.00 21.74 ? 104 ALA A O   1 
ATOM   842  C CB  . ALA A 1 106 ? 4.587   -10.775 3.701   1.00 21.49 ? 104 ALA A CB  1 
ATOM   843  N N   . ARG A 1 107 ? 4.168   -13.417 5.218   1.00 22.09 ? 105 ARG A N   1 
ATOM   844  C CA  . ARG A 1 107 ? 4.696   -14.542 6.053   1.00 27.95 ? 105 ARG A CA  1 
ATOM   845  C C   . ARG A 1 107 ? 4.297   -15.883 5.468   1.00 31.53 ? 105 ARG A C   1 
ATOM   846  O O   . ARG A 1 107 ? 5.126   -16.793 5.301   1.00 31.19 ? 105 ARG A O   1 
ATOM   847  C CB  . ARG A 1 107 ? 4.087   -14.471 7.424   1.00 31.69 ? 105 ARG A CB  1 
ATOM   848  C CG  . ARG A 1 107 ? 4.767   -13.651 8.440   1.00 38.85 ? 105 ARG A CG  1 
ATOM   849  C CD  . ARG A 1 107 ? 4.268   -14.034 9.846   1.00 44.83 ? 105 ARG A CD  1 
ATOM   850  N NE  . ARG A 1 107 ? 2.871   -13.663 10.038  1.00 41.95 ? 105 ARG A NE  1 
ATOM   851  C CZ  . ARG A 1 107 ? 2.448   -12.424 10.325  1.00 48.64 ? 105 ARG A CZ  1 
ATOM   852  N N   . GLU A 1 108 ? 3.010   -16.016 5.179   1.00 30.13 ? 106 GLU A N   1 
ATOM   853  C CA  A GLU A 1 108 ? 2.457   -17.342 4.806   0.50 32.97 ? 106 GLU A CA  1 
ATOM   854  C CA  B GLU A 1 108 ? 2.420   -17.319 4.803   0.50 33.56 ? 106 GLU A CA  1 
ATOM   855  C C   . GLU A 1 108 ? 2.790   -17.751 3.375   1.00 33.08 ? 106 GLU A C   1 
ATOM   856  O O   . GLU A 1 108 ? 3.257   -18.891 3.132   1.00 38.05 ? 106 GLU A O   1 
ATOM   857  C CB  A GLU A 1 108 ? 0.935   -17.404 5.040   0.50 34.42 ? 106 GLU A CB  1 
ATOM   858  C CB  B GLU A 1 108 ? 0.880   -17.284 5.051   0.50 35.69 ? 106 GLU A CB  1 
ATOM   859  C CG  A GLU A 1 108 ? 0.495   -17.153 6.476   0.50 37.50 ? 106 GLU A CG  1 
ATOM   860  C CG  B GLU A 1 108 ? 0.539   -17.302 6.544   0.50 39.68 ? 106 GLU A CG  1 
ATOM   861  C CD  A GLU A 1 108 ? 1.068   -18.124 7.521   0.50 40.98 ? 106 GLU A CD  1 
ATOM   862  C CD  B GLU A 1 108 ? -0.881  -16.858 6.918   0.50 43.87 ? 106 GLU A CD  1 
ATOM   863  O OE1 A GLU A 1 108 ? 1.290   -19.315 7.210   0.50 41.14 ? 106 GLU A OE1 1 
ATOM   864  O OE1 B GLU A 1 108 ? -1.804  -17.018 6.106   0.50 46.50 ? 106 GLU A OE1 1 
ATOM   865  O OE2 A GLU A 1 108 ? 1.270   -17.691 8.684   0.50 45.20 ? 106 GLU A OE2 1 
ATOM   866  O OE2 B GLU A 1 108 ? -1.079  -16.376 8.057   0.50 45.18 ? 106 GLU A OE2 1 
ATOM   867  N N   . GLN A 1 109 ? 2.593   -16.870 2.413   1.00 28.63 ? 107 GLN A N   1 
ATOM   868  C CA  . GLN A 1 109 ? 2.869   -17.172 1.052   1.00 31.14 ? 107 GLN A CA  1 
ATOM   869  C C   . GLN A 1 109 ? 4.332   -16.959 0.597   1.00 31.04 ? 107 GLN A C   1 
ATOM   870  O O   . GLN A 1 109 ? 4.834   -17.663 -0.276  1.00 33.57 ? 107 GLN A O   1 
ATOM   871  C CB  . GLN A 1 109 ? 1.896   -16.391 0.156   1.00 38.61 ? 107 GLN A CB  1 
ATOM   872  C CG  . GLN A 1 109 ? 2.291   -16.418 -1.302  1.00 46.28 ? 107 GLN A CG  1 
ATOM   873  C CD  . GLN A 1 109 ? 1.129   -16.212 -2.258  1.00 64.32 ? 107 GLN A CD  1 
ATOM   874  O OE1 . GLN A 1 109 ? -0.050  -16.155 -1.865  1.00 63.12 ? 107 GLN A OE1 1 
ATOM   875  N NE2 . GLN A 1 109 ? 1.463   -16.121 -3.544  1.00 73.80 ? 107 GLN A NE2 1 
ATOM   876  N N   . TYR A 1 110 ? 5.048   -15.966 1.142   1.00 23.18 ? 108 TYR A N   1 
ATOM   877  C CA  . TYR A 1 110 ? 6.393   -15.708 0.653   1.00 22.39 ? 108 TYR A CA  1 
ATOM   878  C C   . TYR A 1 110 ? 7.449   -16.068 1.693   1.00 21.42 ? 108 TYR A C   1 
ATOM   879  O O   . TYR A 1 110 ? 8.630   -15.845 1.405   1.00 25.11 ? 108 TYR A O   1 
ATOM   880  C CB  . TYR A 1 110 ? 6.567   -14.188 0.320   1.00 22.66 ? 108 TYR A CB  1 
ATOM   881  C CG  . TYR A 1 110 ? 5.718   -13.811 -0.879  1.00 26.69 ? 108 TYR A CG  1 
ATOM   882  C CD1 . TYR A 1 110 ? 6.220   -14.034 -2.144  1.00 30.64 ? 108 TYR A CD1 1 
ATOM   883  C CD2 . TYR A 1 110 ? 4.413   -13.415 -0.738  1.00 27.38 ? 108 TYR A CD2 1 
ATOM   884  C CE1 . TYR A 1 110 ? 5.439   -13.822 -3.308  1.00 34.90 ? 108 TYR A CE1 1 
ATOM   885  C CE2 . TYR A 1 110 ? 3.613   -13.161 -1.875  1.00 31.86 ? 108 TYR A CE2 1 
ATOM   886  C CZ  . TYR A 1 110 ? 4.145   -13.378 -3.150  1.00 33.28 ? 108 TYR A CZ  1 
ATOM   887  O OH  . TYR A 1 110 ? 3.365   -13.191 -4.308  1.00 36.66 ? 108 TYR A OH  1 
ATOM   888  N N   . LYS A 1 111 ? 7.047   -16.612 2.825   1.00 23.00 ? 109 LYS A N   1 
ATOM   889  C CA  . LYS A 1 111 ? 7.964   -16.964 3.935   1.00 23.29 ? 109 LYS A CA  1 
ATOM   890  C C   . LYS A 1 111 ? 8.868   -15.791 4.294   1.00 25.30 ? 109 LYS A C   1 
ATOM   891  O O   . LYS A 1 111 ? 10.053  -15.920 4.669   1.00 25.86 ? 109 LYS A O   1 
ATOM   892  C CB  . LYS A 1 111 ? 8.754   -18.231 3.546   1.00 26.20 ? 109 LYS A CB  1 
ATOM   893  C CG  . LYS A 1 111 ? 7.834   -19.415 3.190   1.00 25.73 ? 109 LYS A CG  1 
ATOM   894  C CD  . LYS A 1 111 ? 6.976   -19.781 4.361   1.00 33.01 ? 109 LYS A CD  1 
ATOM   895  C CE  . LYS A 1 111 ? 6.287   -21.144 4.222   1.00 40.76 ? 109 LYS A CE  1 
ATOM   896  N NZ  . LYS A 1 111 ? 5.018   -21.038 3.482   1.00 43.84 ? 109 LYS A NZ  1 
ATOM   897  N N   . ALA A 1 112 ? 8.318   -14.570 4.149   1.00 21.32 ? 110 ALA A N   1 
ATOM   898  C CA  . ALA A 1 112 ? 9.053   -13.377 4.535   1.00 20.52 ? 110 ALA A CA  1 
ATOM   899  C C   . ALA A 1 112 ? 9.338   -13.265 6.023   1.00 19.69 ? 110 ALA A C   1 
ATOM   900  O O   . ALA A 1 112 ? 8.502   -13.536 6.880   1.00 22.12 ? 110 ALA A O   1 
ATOM   901  C CB  . ALA A 1 112 ? 8.198   -12.154 4.090   1.00 23.10 ? 110 ALA A CB  1 
ATOM   902  N N   . ARG A 1 113 ? 10.510  -12.755 6.321   1.00 20.63 ? 111 ARG A N   1 
ATOM   903  C CA  . ARG A 1 113 ? 10.956  -12.434 7.679   1.00 22.38 ? 111 ARG A CA  1 
ATOM   904  C C   . ARG A 1 113 ? 10.799  -10.933 8.004   1.00 23.35 ? 111 ARG A C   1 
ATOM   905  O O   . ARG A 1 113 ? 10.739  -10.567 9.187   1.00 23.97 ? 111 ARG A O   1 
ATOM   906  C CB  . ARG A 1 113 ? 12.432  -12.781 7.905   1.00 23.64 ? 111 ARG A CB  1 
ATOM   907  C CG  . ARG A 1 113 ? 12.614  -14.216 8.258   1.00 25.43 ? 111 ARG A CG  1 
ATOM   908  C CD  . ARG A 1 113 ? 12.405  -15.169 7.139   1.00 22.77 ? 111 ARG A CD  1 
ATOM   909  N NE  . ARG A 1 113 ? 13.094  -16.450 7.483   1.00 23.46 ? 111 ARG A NE  1 
ATOM   910  C CZ  . ARG A 1 113 ? 12.951  -17.570 6.816   1.00 24.75 ? 111 ARG A CZ  1 
ATOM   911  N NH1 . ARG A 1 113 ? 12.075  -17.692 5.825   1.00 25.48 ? 111 ARG A NH1 1 
ATOM   912  N NH2 . ARG A 1 113 ? 13.727  -18.626 7.181   1.00 23.83 ? 111 ARG A NH2 1 
ATOM   913  N N   . LEU A 1 114 ? 10.541  -10.153 6.954   1.00 21.25 ? 112 LEU A N   1 
ATOM   914  C CA  . LEU A 1 114 ? 10.549  -8.690  7.091   1.00 20.32 ? 112 LEU A CA  1 
ATOM   915  C C   . LEU A 1 114 ? 9.512   -8.128  6.114   1.00 17.78 ? 112 LEU A C   1 
ATOM   916  O O   . LEU A 1 114 ? 9.469   -8.576  4.971   1.00 18.71 ? 112 LEU A O   1 
ATOM   917  C CB  . LEU A 1 114 ? 11.946  -8.193  6.694   1.00 24.08 ? 112 LEU A CB  1 
ATOM   918  C CG  . LEU A 1 114 ? 12.338  -6.748  7.002   1.00 25.32 ? 112 LEU A CG  1 
ATOM   919  C CD1 . LEU A 1 114 ? 12.740  -6.677  8.492   1.00 26.44 ? 112 LEU A CD1 1 
ATOM   920  C CD2 . LEU A 1 114 ? 13.502  -6.347  6.112   1.00 27.30 ? 112 LEU A CD2 1 
ATOM   921  N N   . MET A 1 115 ? 8.828   -7.063  6.548   1.00 18.84 ? 113 MET A N   1 
ATOM   922  C CA  . MET A 1 115 ? 8.040   -6.218  5.613   1.00 18.24 ? 113 MET A CA  1 
ATOM   923  C C   . MET A 1 115 ? 8.773   -4.863  5.539   1.00 17.01 ? 113 MET A C   1 
ATOM   924  O O   . MET A 1 115 ? 9.151   -4.274  6.565   1.00 18.37 ? 113 MET A O   1 
ATOM   925  C CB  . MET A 1 115 ? 6.653   -5.997  6.132   1.00 20.45 ? 113 MET A CB  1 
ATOM   926  C CG  . MET A 1 115 ? 5.775   -5.202  5.160   1.00 22.65 ? 113 MET A CG  1 
ATOM   927  S SD  . MET A 1 115 ? 5.226   -6.149  3.741   1.00 24.03 ? 113 MET A SD  1 
ATOM   928  C CE  . MET A 1 115 ? 3.880   -6.891  4.542   1.00 23.61 ? 113 MET A CE  1 
ATOM   929  N N   . LYS A 1 116 ? 8.958   -4.374  4.319   1.00 18.64 ? 114 LYS A N   1 
ATOM   930  C CA  . LYS A 1 116 ? 9.497   -3.059  4.068   1.00 17.16 ? 114 LYS A CA  1 
ATOM   931  C C   . LYS A 1 116 ? 8.334   -2.153  3.645   1.00 18.73 ? 114 LYS A C   1 
ATOM   932  O O   . LYS A 1 116 ? 7.430   -2.635  2.893   1.00 19.65 ? 114 LYS A O   1 
ATOM   933  C CB  . LYS A 1 116 ? 10.475  -3.105  2.953   1.00 17.32 ? 114 LYS A CB  1 
ATOM   934  C CG  . LYS A 1 116 ? 11.750  -3.949  3.174   1.00 20.55 ? 114 LYS A CG  1 
ATOM   935  C CD  . LYS A 1 116 ? 12.821  -3.791  2.112   1.00 23.40 ? 114 LYS A CD  1 
ATOM   936  C CE  . LYS A 1 116 ? 14.012  -4.750  2.363   1.00 26.09 ? 114 LYS A CE  1 
ATOM   937  N NZ  . LYS A 1 116 ? 15.136  -4.491  1.473   1.00 30.65 ? 114 LYS A NZ  1 
ATOM   938  N N   . ILE A 1 117 ? 8.379   -0.912  4.117   1.00 18.94 ? 115 ILE A N   1 
ATOM   939  C CA  . ILE A 1 117 ? 7.410   0.108   3.659   1.00 18.41 ? 115 ILE A CA  1 
ATOM   940  C C   . ILE A 1 117 ? 8.242   1.358   3.444   1.00 19.12 ? 115 ILE A C   1 
ATOM   941  O O   . ILE A 1 117 ? 8.952   1.791   4.359   1.00 22.38 ? 115 ILE A O   1 
ATOM   942  C CB  . ILE A 1 117 ? 6.291   0.346   4.658   1.00 21.39 ? 115 ILE A CB  1 
ATOM   943  C CG1 . ILE A 1 117 ? 5.406   -0.876  4.900   1.00 21.66 ? 115 ILE A CG1 1 
ATOM   944  C CG2 . ILE A 1 117 ? 5.421   1.501   4.109   1.00 23.35 ? 115 ILE A CG2 1 
ATOM   945  C CD1 . ILE A 1 117 ? 4.323   -0.779  5.949   1.00 27.29 ? 115 ILE A CD1 1 
ATOM   946  N N   . SER A 1 118 ? 8.072   2.043   2.318   1.00 18.50 ? 116 SER A N   1 
ATOM   947  C CA  . SER A 1 118 ? 8.693   3.346   2.019   1.00 18.69 ? 116 SER A CA  1 
ATOM   948  C C   . SER A 1 118 ? 7.584   4.374   2.023   1.00 18.62 ? 116 SER A C   1 
ATOM   949  O O   . SER A 1 118 ? 6.568   4.214   1.353   1.00 20.26 ? 116 SER A O   1 
ATOM   950  C CB  . SER A 1 118 ? 9.346   3.335   0.680   1.00 20.67 ? 116 SER A CB  1 
ATOM   951  O OG  . SER A 1 118 ? 10.531  2.439   0.755   1.00 26.80 ? 116 SER A OG  1 
ATOM   952  N N   . CYS A 1 119 ? 7.804   5.426   2.797   1.00 16.68 ? 117 CYS A N   1 
ATOM   953  C CA  . CYS A 1 119 ? 6.759   6.452   2.996   1.00 16.78 ? 117 CYS A CA  1 
ATOM   954  C C   . CYS A 1 119 ? 7.377   7.829   2.742   1.00 16.74 ? 117 CYS A C   1 
ATOM   955  O O   . CYS A 1 119 ? 8.434   8.182   3.226   1.00 17.33 ? 117 CYS A O   1 
ATOM   956  C CB  . CYS A 1 119 ? 6.292   6.417   4.420   1.00 20.02 ? 117 CYS A CB  1 
ATOM   957  S SG  . CYS A 1 119 ? 4.902   7.492   4.770   1.00 21.95 ? 117 CYS A SG  1 
ATOM   958  N N   . PHE A 1 120 ? 6.739   8.654   1.910   1.00 16.69 ? 118 PHE A N   1 
ATOM   959  C CA  . PHE A 1 120 ? 7.278   9.996   1.628   1.00 16.29 ? 118 PHE A CA  1 
ATOM   960  C C   . PHE A 1 120 ? 7.130   10.909  2.835   1.00 14.95 ? 118 PHE A C   1 
ATOM   961  O O   . PHE A 1 120 ? 6.208   10.796  3.671   1.00 16.83 ? 118 PHE A O   1 
ATOM   962  C CB  . PHE A 1 120 ? 6.518   10.599  0.434   1.00 16.04 ? 118 PHE A CB  1 
ATOM   963  C CG  . PHE A 1 120 ? 6.899   9.958   -0.874  1.00 16.44 ? 118 PHE A CG  1 
ATOM   964  C CD1 . PHE A 1 120 ? 8.093   10.260  -1.531  1.00 18.48 ? 118 PHE A CD1 1 
ATOM   965  C CD2 . PHE A 1 120 ? 6.133   8.942   -1.430  1.00 17.52 ? 118 PHE A CD2 1 
ATOM   966  C CE1 . PHE A 1 120 ? 8.468   9.582   -2.670  1.00 19.40 ? 118 PHE A CE1 1 
ATOM   967  C CE2 . PHE A 1 120 ? 6.504   8.297   -2.580  1.00 18.61 ? 118 PHE A CE2 1 
ATOM   968  C CZ  . PHE A 1 120 ? 7.623   8.619   -3.222  1.00 18.76 ? 118 PHE A CZ  1 
ATOM   969  N N   . ASN A 1 121 ? 8.085   11.831  2.942   1.00 16.41 ? 119 ASN A N   1 
ATOM   970  C CA  . ASN A 1 121 ? 8.201   12.688  4.091   1.00 16.54 ? 119 ASN A CA  1 
ATOM   971  C C   . ASN A 1 121 ? 6.927   13.465  4.369   1.00 15.97 ? 119 ASN A C   1 
ATOM   972  O O   . ASN A 1 121 ? 6.572   13.682  5.543   1.00 16.45 ? 119 ASN A O   1 
ATOM   973  C CB  . ASN A 1 121 ? 9.443   13.595  4.034   1.00 15.57 ? 119 ASN A CB  1 
ATOM   974  C CG  . ASN A 1 121 ? 9.332   14.665  2.972   1.00 16.89 ? 119 ASN A CG  1 
ATOM   975  O OD1 . ASN A 1 121 ? 9.571   14.383  1.809   1.00 18.75 ? 119 ASN A OD1 1 
ATOM   976  N ND2 . ASN A 1 121 ? 8.947   15.854  3.390   1.00 17.59 ? 119 ASN A ND2 1 
ATOM   977  N N   . ALA A 1 122 ? 6.231   13.919  3.325   1.00 16.67 ? 120 ALA A N   1 
ATOM   978  C CA  . ALA A 1 122 ? 5.078   14.769  3.598   1.00 18.22 ? 120 ALA A CA  1 
ATOM   979  C C   . ALA A 1 122 ? 3.869   14.042  4.159   1.00 20.70 ? 120 ALA A C   1 
ATOM   980  O O   . ALA A 1 122 ? 2.934   14.672  4.704   1.00 22.83 ? 120 ALA A O   1 
ATOM   981  C CB  . ALA A 1 122 ? 4.657   15.420  2.312   1.00 21.19 ? 120 ALA A CB  1 
ATOM   982  N N   . ASN A 1 123 ? 3.868   12.721  4.056   1.00 17.88 ? 121 ASN A N   1 
ATOM   983  C CA  . ASN A 1 123 ? 2.731   11.951  4.496   1.00 19.80 ? 121 ASN A CA  1 
ATOM   984  C C   . ASN A 1 123 ? 2.833   11.630  5.988   1.00 19.22 ? 121 ASN A C   1 
ATOM   985  O O   . ASN A 1 123 ? 3.162   10.546  6.428   1.00 19.16 ? 121 ASN A O   1 
ATOM   986  C CB  . ASN A 1 123 ? 2.703   10.674  3.627   1.00 20.40 ? 121 ASN A CB  1 
ATOM   987  C CG  . ASN A 1 123 ? 1.488   9.879   3.825   1.00 27.07 ? 121 ASN A CG  1 
ATOM   988  O OD1 . ASN A 1 123 ? 0.547   10.262  4.573   1.00 29.15 ? 121 ASN A OD1 1 
ATOM   989  N ND2 . ASN A 1 123 ? 1.495   8.725   3.188   1.00 28.47 ? 121 ASN A ND2 1 
ATOM   990  N N   . ALA A 1 124 ? 2.579   12.600  6.846   1.00 19.00 ? 122 ALA A N   1 
ATOM   991  C CA  . ALA A 1 124 ? 2.685   12.452  8.304   1.00 20.54 ? 122 ALA A CA  1 
ATOM   992  C C   . ALA A 1 124 ? 1.789   11.340  8.857   1.00 20.28 ? 122 ALA A C   1 
ATOM   993  O O   . ALA A 1 124 ? 2.210   10.591  9.714   1.00 20.66 ? 122 ALA A O   1 
ATOM   994  C CB  . ALA A 1 124 ? 2.387   13.762  8.984   1.00 21.61 ? 122 ALA A CB  1 
ATOM   995  N N   . ALA A 1 125 ? 0.586   11.276  8.328   1.00 22.22 ? 123 ALA A N   1 
ATOM   996  C CA  . ALA A 1 125 ? -0.403  10.252  8.784   1.00 22.99 ? 123 ALA A CA  1 
ATOM   997  C C   . ALA A 1 125 ? 0.116   8.854   8.518   1.00 20.71 ? 123 ALA A C   1 
ATOM   998  O O   . ALA A 1 125 ? 0.007   7.990   9.365   1.00 23.66 ? 123 ALA A O   1 
ATOM   999  C CB  . ALA A 1 125 ? -1.734  10.474  8.110   1.00 23.63 ? 123 ALA A CB  1 
ATOM   1000 N N   . GLY A 1 126 ? 0.724   8.680   7.366   1.00 20.94 ? 124 GLY A N   1 
ATOM   1001 C CA  . GLY A 1 126 ? 1.347   7.366   7.067   1.00 22.39 ? 124 GLY A CA  1 
ATOM   1002 C C   . GLY A 1 126 ? 2.510   7.075   7.975   1.00 20.27 ? 124 GLY A C   1 
ATOM   1003 O O   . GLY A 1 126 ? 2.611   5.988   8.525   1.00 19.65 ? 124 GLY A O   1 
ATOM   1004 N N   . LEU A 1 127 ? 3.418   8.070   8.153   1.00 18.14 ? 125 LEU A N   1 
ATOM   1005 C CA  . LEU A 1 127 ? 4.589   7.817   9.016   1.00 18.66 ? 125 LEU A CA  1 
ATOM   1006 C C   . LEU A 1 127 ? 4.178   7.400   10.404  1.00 17.47 ? 125 LEU A C   1 
ATOM   1007 O O   . LEU A 1 127 ? 4.785   6.496   11.019  1.00 20.02 ? 125 LEU A O   1 
ATOM   1008 C CB  . LEU A 1 127 ? 5.535   9.022   9.044   1.00 16.82 ? 125 LEU A CB  1 
ATOM   1009 C CG  . LEU A 1 127 ? 6.231   9.409   7.780   1.00 18.99 ? 125 LEU A CG  1 
ATOM   1010 C CD1 . LEU A 1 127 ? 6.800   10.820  7.926   1.00 20.37 ? 125 LEU A CD1 1 
ATOM   1011 C CD2 . LEU A 1 127 ? 7.357   8.474   7.392   1.00 21.10 ? 125 LEU A CD2 1 
ATOM   1012 N N   . LEU A 1 128 ? 3.148   8.064   10.942  1.00 20.42 ? 126 LEU A N   1 
ATOM   1013 C CA  . LEU A 1 128 ? 2.683   7.785   12.313  1.00 19.77 ? 126 LEU A CA  1 
ATOM   1014 C C   . LEU A 1 128 ? 1.908   6.447   12.419  1.00 19.96 ? 126 LEU A C   1 
ATOM   1015 O O   . LEU A 1 128 ? 2.187   5.728   13.335  1.00 21.69 ? 126 LEU A O   1 
ATOM   1016 C CB  . LEU A 1 128 ? 1.797   8.951   12.766  1.00 22.83 ? 126 LEU A CB  1 
ATOM   1017 C CG  . LEU A 1 128 ? 2.587   10.261  13.009  1.00 21.72 ? 126 LEU A CG  1 
ATOM   1018 C CD1 . LEU A 1 128 ? 1.591   11.375  13.259  1.00 24.14 ? 126 LEU A CD1 1 
ATOM   1019 C CD2 . LEU A 1 128 ? 3.633   10.133  14.034  1.00 21.54 ? 126 LEU A CD2 1 
ATOM   1020 N N   . LEU A 1 129 ? 1.178   6.109   11.394  1.00 21.16 ? 127 LEU A N   1 
ATOM   1021 C CA  . LEU A 1 129 ? 0.486   4.784   11.339  1.00 22.17 ? 127 LEU A CA  1 
ATOM   1022 C C   . LEU A 1 129 ? 1.515   3.674   11.300  1.00 21.56 ? 127 LEU A C   1 
ATOM   1023 O O   . LEU A 1 129 ? 1.474   2.764   12.122  1.00 22.27 ? 127 LEU A O   1 
ATOM   1024 C CB  . LEU A 1 129 ? -0.435  4.659   10.190  1.00 22.00 ? 127 LEU A CB  1 
ATOM   1025 C CG  . LEU A 1 129 ? -1.087  3.233   10.246  1.00 24.76 ? 127 LEU A CG  1 
ATOM   1026 C CD1 . LEU A 1 129 ? -1.975  3.009   11.459  1.00 26.03 ? 127 LEU A CD1 1 
ATOM   1027 C CD2 . LEU A 1 129 ? -1.833  3.098   8.999   1.00 27.74 ? 127 LEU A CD2 1 
ATOM   1028 N N   . TYR A 1 130 ? 2.504   3.800   10.415  1.00 19.98 ? 128 TYR A N   1 
ATOM   1029 C CA  . TYR A 1 130 ? 3.419   2.652   10.262  1.00 20.04 ? 128 TYR A CA  1 
ATOM   1030 C C   . TYR A 1 130 ? 4.213   2.550   11.584  1.00 20.65 ? 128 TYR A C   1 
ATOM   1031 O O   . TYR A 1 130 ? 4.577   1.471   12.092  1.00 20.97 ? 128 TYR A O   1 
ATOM   1032 C CB  . TYR A 1 130 ? 4.350   2.777   9.029   1.00 21.24 ? 128 TYR A CB  1 
ATOM   1033 C CG  . TYR A 1 130 ? 3.608   3.005   7.720   1.00 20.98 ? 128 TYR A CG  1 
ATOM   1034 C CD1 . TYR A 1 130 ? 2.570   2.150   7.361   1.00 29.70 ? 128 TYR A CD1 1 
ATOM   1035 C CD2 . TYR A 1 130 ? 3.952   3.975   6.830   1.00 22.93 ? 128 TYR A CD2 1 
ATOM   1036 C CE1 . TYR A 1 130 ? 1.890   2.333   6.171   1.00 30.03 ? 128 TYR A CE1 1 
ATOM   1037 C CE2 . TYR A 1 130 ? 3.267   4.176   5.671   1.00 25.79 ? 128 TYR A CE2 1 
ATOM   1038 C CZ  . TYR A 1 130 ? 2.225   3.350   5.338   1.00 30.29 ? 128 TYR A CZ  1 
ATOM   1039 O OH  . TYR A 1 130 ? 1.517   3.510   4.114   1.00 34.63 ? 128 TYR A OH  1 
ATOM   1040 N N   . THR A 1 131 ? 4.580   3.670   12.214  1.00 20.91 ? 129 THR A N   1 
ATOM   1041 C CA  . THR A 1 131 ? 5.256   3.640   13.517  1.00 20.79 ? 129 THR A CA  1 
ATOM   1042 C C   . THR A 1 131 ? 4.425   2.946   14.599  1.00 22.38 ? 129 THR A C   1 
ATOM   1043 O O   . THR A 1 131 ? 4.931   2.095   15.336  1.00 23.55 ? 129 THR A O   1 
ATOM   1044 C CB  . THR A 1 131 ? 5.582   5.134   13.960  1.00 21.51 ? 129 THR A CB  1 
ATOM   1045 O OG1 . THR A 1 131 ? 6.447   5.721   12.992  1.00 21.65 ? 129 THR A OG1 1 
ATOM   1046 C CG2 . THR A 1 131 ? 6.282   5.122   15.273  1.00 26.05 ? 129 THR A CG2 1 
ATOM   1047 N N   . GLN A 1 132 ? 3.147   3.254   14.638  1.00 21.88 ? 130 GLN A N   1 
ATOM   1048 C CA  . GLN A 1 132 ? 2.169   2.639   15.621  1.00 24.36 ? 130 GLN A CA  1 
ATOM   1049 C C   . GLN A 1 132 ? 2.131   1.116   15.403  1.00 25.61 ? 130 GLN A C   1 
ATOM   1050 O O   . GLN A 1 132 ? 1.984   0.332   16.380  1.00 26.75 ? 130 GLN A O   1 
ATOM   1051 C CB  . GLN A 1 132 ? 0.738   3.123   15.434  1.00 31.72 ? 130 GLN A CB  1 
ATOM   1052 C CG  . GLN A 1 132 ? 0.314   4.556   15.718  1.00 44.70 ? 130 GLN A CG  1 
ATOM   1053 C CD  . GLN A 1 132 ? -1.215  4.699   15.535  1.00 43.71 ? 130 GLN A CD  1 
ATOM   1054 O OE1 . GLN A 1 132 ? -1.989  4.140   16.312  1.00 60.27 ? 130 GLN A OE1 1 
ATOM   1055 N NE2 . GLN A 1 132 ? -1.633  5.414   14.506  1.00 56.33 ? 130 GLN A NE2 1 
ATOM   1056 N N   . LEU A 1 133 ? 2.325   0.679   14.165  1.00 23.22 ? 131 LEU A N   1 
ATOM   1057 C CA  . LEU A 1 133 ? 2.273   -0.725  13.812  1.00 22.97 ? 131 LEU A CA  1 
ATOM   1058 C C   . LEU A 1 133 ? 3.588   -1.407  13.971  1.00 22.05 ? 131 LEU A C   1 
ATOM   1059 O O   . LEU A 1 133 ? 3.721   -2.615  13.655  1.00 24.59 ? 131 LEU A O   1 
ATOM   1060 C CB  . LEU A 1 133 ? 1.700   -0.924  12.383  1.00 23.62 ? 131 LEU A CB  1 
ATOM   1061 C CG  . LEU A 1 133 ? 0.269   -0.448  12.236  1.00 24.34 ? 131 LEU A CG  1 
ATOM   1062 C CD1 . LEU A 1 133 ? -0.093  -0.665  10.796  1.00 23.62 ? 131 LEU A CD1 1 
ATOM   1063 C CD2 . LEU A 1 133 ? -0.684  -1.102  13.253  1.00 29.86 ? 131 LEU A CD2 1 
ATOM   1064 N N   . GLY A 1 134 ? 4.604   -0.697  14.469  1.00 21.41 ? 132 GLY A N   1 
ATOM   1065 C CA  . GLY A 1 134 ? 5.865   -1.334  14.815  1.00 23.64 ? 132 GLY A CA  1 
ATOM   1066 C C   . GLY A 1 134 ? 6.954   -1.227  13.773  1.00 24.10 ? 132 GLY A C   1 
ATOM   1067 O O   . GLY A 1 134 ? 7.977   -1.875  13.892  1.00 24.86 ? 132 GLY A O   1 
ATOM   1068 N N   . TYR A 1 135 ? 6.735   -0.485  12.667  1.00 20.85 ? 133 TYR A N   1 
ATOM   1069 C CA  . TYR A 1 135 ? 7.776   -0.259  11.678  1.00 18.65 ? 133 TYR A CA  1 
ATOM   1070 C C   . TYR A 1 135 ? 8.778   0.801   12.247  1.00 21.52 ? 133 TYR A C   1 
ATOM   1071 O O   . TYR A 1 135 ? 8.373   1.761   12.885  1.00 23.05 ? 133 TYR A O   1 
ATOM   1072 C CB  . TYR A 1 135 ? 7.157   0.247   10.379  1.00 18.00 ? 133 TYR A CB  1 
ATOM   1073 C CG  . TYR A 1 135 ? 6.345   -0.868  9.678   1.00 16.79 ? 133 TYR A CG  1 
ATOM   1074 C CD1 . TYR A 1 135 ? 5.083   -1.230  10.126  1.00 18.53 ? 133 TYR A CD1 1 
ATOM   1075 C CD2 . TYR A 1 135 ? 6.931   -1.550  8.639   1.00 18.02 ? 133 TYR A CD2 1 
ATOM   1076 C CE1 . TYR A 1 135 ? 4.406   -2.292  9.553   1.00 19.71 ? 133 TYR A CE1 1 
ATOM   1077 C CE2 . TYR A 1 135 ? 6.257   -2.633  8.018   1.00 19.12 ? 133 TYR A CE2 1 
ATOM   1078 C CZ  . TYR A 1 135 ? 5.024   -2.988  8.538   1.00 20.09 ? 133 TYR A CZ  1 
ATOM   1079 O OH  . TYR A 1 135 ? 4.408   -4.070  7.951   1.00 21.89 ? 133 TYR A OH  1 
ATOM   1080 N N   . GLN A 1 136 ? 10.033  0.559   11.968  1.00 20.13 ? 134 GLN A N   1 
ATOM   1081 C CA  . GLN A 1 136 ? 11.154  1.432   12.398  1.00 21.32 ? 134 GLN A CA  1 
ATOM   1082 C C   . GLN A 1 136 ? 11.826  2.012   11.154  1.00 19.50 ? 134 GLN A C   1 
ATOM   1083 O O   . GLN A 1 136 ? 11.962  1.417   10.149  1.00 18.36 ? 134 GLN A O   1 
ATOM   1084 C CB  . GLN A 1 136 ? 12.177  0.707   13.201  1.00 23.59 ? 134 GLN A CB  1 
ATOM   1085 C CG  . GLN A 1 136 ? 11.698  0.351   14.588  1.00 31.85 ? 134 GLN A CG  1 
ATOM   1086 C CD  . GLN A 1 136 ? 12.796  -0.350  15.349  1.00 41.36 ? 134 GLN A CD  1 
ATOM   1087 O OE1 . GLN A 1 136 ? 13.838  0.242   15.670  1.00 56.22 ? 134 GLN A OE1 1 
ATOM   1088 N NE2 . GLN A 1 136 ? 12.602  -1.618  15.609  1.00 41.91 ? 134 GLN A NE2 1 
ATOM   1089 N N   . PRO A 1 137 ? 12.281  3.287   11.232  1.00 19.00 ? 135 PRO A N   1 
ATOM   1090 C CA  . PRO A 1 137 ? 13.004  3.870   10.142  1.00 18.55 ? 135 PRO A CA  1 
ATOM   1091 C C   . PRO A 1 137 ? 14.398  3.356   9.979   1.00 19.69 ? 135 PRO A C   1 
ATOM   1092 O O   . PRO A 1 137 ? 15.103  3.229   11.003  1.00 23.30 ? 135 PRO A O   1 
ATOM   1093 C CB  . PRO A 1 137 ? 12.973  5.362   10.440  1.00 20.66 ? 135 PRO A CB  1 
ATOM   1094 C CG  . PRO A 1 137 ? 12.924  5.432   11.919  1.00 21.16 ? 135 PRO A CG  1 
ATOM   1095 C CD  . PRO A 1 137 ? 12.113  4.233   12.367  1.00 22.21 ? 135 PRO A CD  1 
ATOM   1096 N N   . ARG A 1 138 ? 14.798  3.037   8.798   1.00 19.03 ? 136 ARG A N   1 
ATOM   1097 C CA  . ARG A 1 138 ? 16.124  2.495   8.506   1.00 20.61 ? 136 ARG A CA  1 
ATOM   1098 C C   . ARG A 1 138 ? 16.992  3.404   7.670   1.00 21.10 ? 136 ARG A C   1 
ATOM   1099 O O   . ARG A 1 138 ? 18.226  3.497   7.942   1.00 24.22 ? 136 ARG A O   1 
ATOM   1100 C CB  . ARG A 1 138 ? 15.953  1.147   7.848   1.00 22.49 ? 136 ARG A CB  1 
ATOM   1101 C CG  . ARG A 1 138 ? 15.248  0.140   8.728   1.00 27.60 ? 136 ARG A CG  1 
ATOM   1102 C CD  . ARG A 1 138 ? 16.064  -0.215  9.966   1.00 28.17 ? 136 ARG A CD  1 
ATOM   1103 N NE  . ARG A 1 138 ? 15.359  -1.116  10.868  1.00 31.21 ? 136 ARG A NE  1 
ATOM   1104 C CZ  . ARG A 1 138 ? 15.715  -1.412  12.120  1.00 37.54 ? 136 ARG A CZ  1 
ATOM   1105 N NH1 . ARG A 1 138 ? 16.833  -0.894  12.646  1.00 36.87 ? 136 ARG A NH1 1 
ATOM   1106 N NH2 . ARG A 1 138 ? 14.962  -2.251  12.837  1.00 34.46 ? 136 ARG A NH2 1 
ATOM   1107 N N   . ALA A 1 139 ? 16.420  4.162   6.690   1.00 18.25 ? 137 ALA A N   1 
ATOM   1108 C CA  . ALA A 1 139 ? 17.225  4.993   5.857   1.00 18.97 ? 137 ALA A CA  1 
ATOM   1109 C C   . ALA A 1 139 ? 16.297  6.030   5.237   1.00 20.30 ? 137 ALA A C   1 
ATOM   1110 O O   . ALA A 1 139 ? 15.093  5.871   5.243   1.00 19.56 ? 137 ALA A O   1 
ATOM   1111 C CB  . ALA A 1 139 ? 17.909  4.218   4.738   1.00 21.60 ? 137 ALA A CB  1 
ATOM   1112 N N   . ILE A 1 140 ? 16.911  7.069   4.718   1.00 19.27 ? 138 ILE A N   1 
ATOM   1113 C CA  . ILE A 1 140 ? 16.199  8.146   3.966   1.00 18.79 ? 138 ILE A CA  1 
ATOM   1114 C C   . ILE A 1 140 ? 16.880  8.288   2.637   1.00 20.20 ? 138 ILE A C   1 
ATOM   1115 O O   . ILE A 1 140 ? 18.116  8.496   2.556   1.00 20.96 ? 138 ILE A O   1 
ATOM   1116 C CB  . ILE A 1 140 ? 16.259  9.462   4.754   1.00 18.08 ? 138 ILE A CB  1 
ATOM   1117 C CG1 . ILE A 1 140 ? 15.641  9.326   6.133   1.00 19.21 ? 138 ILE A CG1 1 
ATOM   1118 C CG2 . ILE A 1 140 ? 15.568  10.507  3.905   1.00 19.98 ? 138 ILE A CG2 1 
ATOM   1119 C CD1 . ILE A 1 140 ? 15.595  10.533  6.998   1.00 20.01 ? 138 ILE A CD1 1 
ATOM   1120 N N   . ALA A 1 141 ? 16.076  8.267   1.554   1.00 18.47 ? 139 ALA A N   1 
ATOM   1121 C CA  . ALA A 1 141 ? 16.590  8.330   0.210   1.00 20.06 ? 139 ALA A CA  1 
ATOM   1122 C C   . ALA A 1 141 ? 16.083  9.617   -0.415  1.00 21.33 ? 139 ALA A C   1 
ATOM   1123 O O   . ALA A 1 141 ? 14.948  10.016  -0.188  1.00 22.02 ? 139 ALA A O   1 
ATOM   1124 C CB  . ALA A 1 141 ? 16.132  7.131   -0.627  1.00 24.80 ? 139 ALA A CB  1 
ATOM   1125 N N   . GLU A 1 142 ? 16.901  10.227  -1.266  1.00 22.25 ? 140 GLU A N   1 
ATOM   1126 C CA  . GLU A 1 142 ? 16.473  11.385  -2.044  1.00 21.55 ? 140 GLU A CA  1 
ATOM   1127 C C   . GLU A 1 142 ? 15.685  10.872  -3.249  1.00 22.61 ? 140 GLU A C   1 
ATOM   1128 O O   . GLU A 1 142 ? 16.140  9.991   -4.002  1.00 25.35 ? 140 GLU A O   1 
ATOM   1129 C CB  . GLU A 1 142 ? 17.678  12.192  -2.525  1.00 25.00 ? 140 GLU A CB  1 
ATOM   1130 C CG  . GLU A 1 142 ? 17.265  13.394  -3.350  1.00 28.19 ? 140 GLU A CG  1 
ATOM   1131 C CD  . GLU A 1 142 ? 18.436  14.057  -4.067  1.00 38.11 ? 140 GLU A CD  1 
ATOM   1132 O OE1 . GLU A 1 142 ? 18.800  13.585  -5.168  1.00 44.40 ? 140 GLU A OE1 1 
ATOM   1133 O OE2 . GLU A 1 142 ? 18.948  15.059  -3.517  1.00 41.40 ? 140 GLU A OE2 1 
ATOM   1134 N N   . ARG A 1 143 ? 14.515  11.436  -3.440  1.00 20.46 ? 141 ARG A N   1 
ATOM   1135 C CA  A ARG A 1 143 ? 13.721  11.225  -4.654  0.80 22.74 ? 141 ARG A CA  1 
ATOM   1136 C CA  B ARG A 1 143 ? 13.722  11.220  -4.644  0.20 21.74 ? 141 ARG A CA  1 
ATOM   1137 C C   . ARG A 1 143 ? 13.144  12.575  -5.142  1.00 18.71 ? 141 ARG A C   1 
ATOM   1138 O O   . ARG A 1 143 ? 13.333  13.643  -4.517  1.00 20.99 ? 141 ARG A O   1 
ATOM   1139 C CB  A ARG A 1 143 ? 12.573  10.251  -4.422  0.80 23.11 ? 141 ARG A CB  1 
ATOM   1140 C CB  B ARG A 1 143 ? 12.619  10.175  -4.387  0.20 22.77 ? 141 ARG A CB  1 
ATOM   1141 C CG  A ARG A 1 143 ? 12.986  8.878   -3.982  0.80 28.12 ? 141 ARG A CG  1 
ATOM   1142 C CG  B ARG A 1 143 ? 13.123  8.737   -4.199  0.20 24.95 ? 141 ARG A CG  1 
ATOM   1143 C CD  A ARG A 1 143 ? 13.579  8.094   -5.121  0.80 29.84 ? 141 ARG A CD  1 
ATOM   1144 C CD  B ARG A 1 143 ? 13.901  8.269   -5.426  0.20 26.36 ? 141 ARG A CD  1 
ATOM   1145 N NE  A ARG A 1 143 ? 13.523  6.691   -4.755  0.80 35.80 ? 141 ARG A NE  1 
ATOM   1146 N NE  B ARG A 1 143 ? 14.497  6.935   -5.318  0.20 27.70 ? 141 ARG A NE  1 
ATOM   1147 C CZ  A ARG A 1 143 ? 14.526  6.039   -4.181  0.80 35.84 ? 141 ARG A CZ  1 
ATOM   1148 C CZ  B ARG A 1 143 ? 15.172  6.351   -6.301  0.20 29.42 ? 141 ARG A CZ  1 
ATOM   1149 N NH1 A ARG A 1 143 ? 15.660  6.659   -3.953  0.80 33.74 ? 141 ARG A NH1 1 
ATOM   1150 N NH1 B ARG A 1 143 ? 15.677  5.136   -6.150  0.20 29.31 ? 141 ARG A NH1 1 
ATOM   1151 N NH2 A ARG A 1 143 ? 14.377  4.749   -3.849  0.80 32.48 ? 141 ARG A NH2 1 
ATOM   1152 N NH2 B ARG A 1 143 ? 15.350  6.993   -7.446  0.20 31.06 ? 141 ARG A NH2 1 
ATOM   1153 N N   . HIS A 1 144 ? 12.525  12.528  -6.311  1.00 21.42 ? 142 HIS A N   1 
ATOM   1154 C CA  . HIS A 1 144 ? 11.908  13.724  -6.844  1.00 20.79 ? 142 HIS A CA  1 
ATOM   1155 C C   . HIS A 1 144 ? 10.417  13.537  -7.133  1.00 20.40 ? 142 HIS A C   1 
ATOM   1156 O O   . HIS A 1 144 ? 9.966   12.443  -7.493  1.00 20.40 ? 142 HIS A O   1 
ATOM   1157 C CB  . HIS A 1 144 ? 12.622  14.110  -8.173  1.00 22.91 ? 142 HIS A CB  1 
ATOM   1158 C CG  . HIS A 1 144 ? 14.025  14.570  -7.958  1.00 22.94 ? 142 HIS A CG  1 
ATOM   1159 N ND1 . HIS A 1 144 ? 15.058  13.687  -7.794  1.00 26.31 ? 142 HIS A ND1 1 
ATOM   1160 C CD2 . HIS A 1 144 ? 14.556  15.807  -7.818  1.00 28.47 ? 142 HIS A CD2 1 
ATOM   1161 C CE1 . HIS A 1 144 ? 16.184  14.360  -7.603  1.00 27.99 ? 142 HIS A CE1 1 
ATOM   1162 N NE2 . HIS A 1 144 ? 15.903  15.647  -7.604  1.00 26.80 ? 142 HIS A NE2 1 
ATOM   1163 N N   . ASP A 1 145 ? 9.692   14.611  -6.922  1.00 21.10 ? 143 ASP A N   1 
ATOM   1164 C CA  . ASP A 1 145 ? 8.237   14.630  -7.161  1.00 21.50 ? 143 ASP A CA  1 
ATOM   1165 C C   . ASP A 1 145 ? 7.967   15.070  -8.599  1.00 22.68 ? 143 ASP A C   1 
ATOM   1166 O O   . ASP A 1 145 ? 8.896   15.270  -9.395  1.00 21.65 ? 143 ASP A O   1 
ATOM   1167 C CB  . ASP A 1 145 ? 7.526   15.410  -6.095  1.00 20.16 ? 143 ASP A CB  1 
ATOM   1168 C CG  . ASP A 1 145 ? 7.630   16.952  -6.219  1.00 21.19 ? 143 ASP A CG  1 
ATOM   1169 O OD1 . ASP A 1 145 ? 8.147   17.415  -7.294  1.00 20.86 ? 143 ASP A OD1 1 
ATOM   1170 O OD2 . ASP A 1 145 ? 7.307   17.631  -5.213  1.00 24.25 ? 143 ASP A OD2 1 
ATOM   1171 N N   . PRO A 1 146 ? 6.690   15.150  -8.977  1.00 21.58 ? 144 PRO A N   1 
ATOM   1172 C CA  . PRO A 1 146 ? 6.385   15.417  -10.402 1.00 23.01 ? 144 PRO A CA  1 
ATOM   1173 C C   . PRO A 1 146 ? 6.801   16.797  -10.857 1.00 25.73 ? 144 PRO A C   1 
ATOM   1174 O O   . PRO A 1 146 ? 6.977   16.989  -12.088 1.00 26.61 ? 144 PRO A O   1 
ATOM   1175 C CB  . PRO A 1 146 ? 4.866   15.257  -10.412 1.00 26.00 ? 144 PRO A CB  1 
ATOM   1176 C CG  . PRO A 1 146 ? 4.631   14.175  -9.389  1.00 24.95 ? 144 PRO A CG  1 
ATOM   1177 C CD  . PRO A 1 146 ? 5.542   14.585  -8.256  1.00 23.31 ? 144 PRO A CD  1 
ATOM   1178 N N   . ASP A 1 147 ? 7.037   17.708  -9.914  1.00 22.99 ? 145 ASP A N   1 
ATOM   1179 C CA  . ASP A 1 147 ? 7.464   19.083  -10.266 1.00 22.67 ? 145 ASP A CA  1 
ATOM   1180 C C   . ASP A 1 147 ? 8.996   19.151  -10.276 1.00 23.29 ? 145 ASP A C   1 
ATOM   1181 O O   . ASP A 1 147 ? 9.549   20.246  -10.354 1.00 23.91 ? 145 ASP A O   1 
ATOM   1182 C CB  . ASP A 1 147 ? 6.904   20.096  -9.312  1.00 23.53 ? 145 ASP A CB  1 
ATOM   1183 C CG  . ASP A 1 147 ? 5.378   20.157  -9.370  1.00 30.61 ? 145 ASP A CG  1 
ATOM   1184 O OD1 . ASP A 1 147 ? 4.859   20.386  -10.480 1.00 35.00 ? 145 ASP A OD1 1 
ATOM   1185 O OD2 . ASP A 1 147 ? 4.724   19.872  -8.311  1.00 37.71 ? 145 ASP A OD2 1 
ATOM   1186 N N   . GLY A 1 148 ? 9.651   18.025  -10.102 1.00 21.28 ? 146 GLY A N   1 
ATOM   1187 C CA  . GLY A 1 148 ? 11.129  17.974  -10.003 1.00 21.80 ? 146 GLY A CA  1 
ATOM   1188 C C   . GLY A 1 148 ? 11.679  18.465  -8.707  1.00 22.60 ? 146 GLY A C   1 
ATOM   1189 O O   . GLY A 1 148 ? 12.924  18.709  -8.619  1.00 23.93 ? 146 GLY A O   1 
ATOM   1190 N N   . ARG A 1 149 ? 10.848  18.587  -7.660  1.00 21.73 ? 147 ARG A N   1 
ATOM   1191 C CA  . ARG A 1 149 ? 11.297  19.028  -6.333  1.00 20.53 ? 147 ARG A CA  1 
ATOM   1192 C C   . ARG A 1 149 ? 11.814  17.808  -5.551  1.00 20.59 ? 147 ARG A C   1 
ATOM   1193 O O   . ARG A 1 149 ? 11.304  16.685  -5.659  1.00 20.26 ? 147 ARG A O   1 
ATOM   1194 C CB  . ARG A 1 149 ? 10.226  19.762  -5.582  1.00 21.05 ? 147 ARG A CB  1 
ATOM   1195 C CG  . ARG A 1 149 ? 9.763   21.059  -6.253  1.00 22.43 ? 147 ARG A CG  1 
ATOM   1196 C CD  . ARG A 1 149 ? 8.810   21.862  -5.376  1.00 24.41 ? 147 ARG A CD  1 
ATOM   1197 N NE  . ARG A 1 149 ? 8.490   23.132  -6.014  1.00 25.02 ? 147 ARG A NE  1 
ATOM   1198 C CZ  . ARG A 1 149 ? 7.407   23.384  -6.724  1.00 26.92 ? 147 ARG A CZ  1 
ATOM   1199 N NH1 . ARG A 1 149 ? 6.437   22.470  -6.861  1.00 29.23 ? 147 ARG A NH1 1 
ATOM   1200 N NH2 . ARG A 1 149 ? 7.296   24.572  -7.290  1.00 26.86 ? 147 ARG A NH2 1 
ATOM   1201 N N   . ARG A 1 150 ? 12.814  18.041  -4.699  1.00 21.01 ? 148 ARG A N   1 
ATOM   1202 C CA  . ARG A 1 150 ? 13.407  16.976  -3.906  1.00 21.14 ? 148 ARG A CA  1 
ATOM   1203 C C   . ARG A 1 150 ? 12.494  16.615  -2.722  1.00 20.59 ? 148 ARG A C   1 
ATOM   1204 O O   . ARG A 1 150 ? 12.020  17.507  -2.037  1.00 23.07 ? 148 ARG A O   1 
ATOM   1205 C CB  . ARG A 1 150 ? 14.753  17.463  -3.409  1.00 23.48 ? 148 ARG A CB  1 
ATOM   1206 C CG  . ARG A 1 150 ? 15.752  17.560  -4.523  1.00 26.14 ? 148 ARG A CG  1 
ATOM   1207 C CD  . ARG A 1 150 ? 16.993  18.305  -4.039  1.00 29.87 ? 148 ARG A CD  1 
ATOM   1208 N NE  . ARG A 1 150 ? 17.823  17.548  -3.100  1.00 34.49 ? 148 ARG A NE  1 
ATOM   1209 C CZ  . ARG A 1 150 ? 18.136  17.927  -1.837  1.00 35.28 ? 148 ARG A CZ  1 
ATOM   1210 N NH1 . ARG A 1 150 ? 18.963  17.160  -1.113  1.00 38.37 ? 148 ARG A NH1 1 
ATOM   1211 N NH2 . ARG A 1 150 ? 17.651  19.037  -1.299  1.00 37.36 ? 148 ARG A NH2 1 
ATOM   1212 N N   . VAL A 1 151 ? 12.277  15.317  -2.534  1.00 19.97 ? 149 VAL A N   1 
ATOM   1213 C CA  . VAL A 1 151 ? 11.492  14.798  -1.393  1.00 17.20 ? 149 VAL A CA  1 
ATOM   1214 C C   . VAL A 1 151 ? 12.363  13.727  -0.716  1.00 17.13 ? 149 VAL A C   1 
ATOM   1215 O O   . VAL A 1 151 ? 13.320  13.210  -1.295  1.00 18.41 ? 149 VAL A O   1 
ATOM   1216 C CB  . VAL A 1 151 ? 10.141  14.181  -1.820  1.00 17.67 ? 149 VAL A CB  1 
ATOM   1217 C CG1 . VAL A 1 151 ? 9.256   15.311  -2.351  1.00 20.84 ? 149 VAL A CG1 1 
ATOM   1218 C CG2 . VAL A 1 151 ? 10.354  13.063  -2.807  1.00 20.48 ? 149 VAL A CG2 1 
ATOM   1219 N N   . ALA A 1 152 ? 12.022  13.395  0.518   1.00 17.33 ? 150 ALA A N   1 
ATOM   1220 C CA  . ALA A 1 152 ? 12.788  12.412  1.310   1.00 18.08 ? 150 ALA A CA  1 
ATOM   1221 C C   . ALA A 1 152 ? 11.894  11.183  1.459   1.00 17.44 ? 150 ALA A C   1 
ATOM   1222 O O   . ALA A 1 152 ? 10.787  11.254  2.005   1.00 19.87 ? 150 ALA A O   1 
ATOM   1223 C CB  . ALA A 1 152 ? 13.119  12.990  2.662   1.00 17.33 ? 150 ALA A CB  1 
ATOM   1224 N N   . LEU A 1 153 ? 12.354  10.062  0.940   1.00 17.40 ? 151 LEU A N   1 
ATOM   1225 C CA  . LEU A 1 153 ? 11.637  8.783   1.063   1.00 17.92 ? 151 LEU A CA  1 
ATOM   1226 C C   . LEU A 1 153 ? 12.142  8.048   2.276   1.00 17.11 ? 151 LEU A C   1 
ATOM   1227 O O   . LEU A 1 153 ? 13.326  7.687   2.322   1.00 19.59 ? 151 LEU A O   1 
ATOM   1228 C CB  . LEU A 1 153 ? 11.766  7.978   -0.201  1.00 17.98 ? 151 LEU A CB  1 
ATOM   1229 C CG  . LEU A 1 153 ? 11.012  6.675   -0.299  1.00 18.73 ? 151 LEU A CG  1 
ATOM   1230 C CD1 . LEU A 1 153 ? 9.501   6.930   -0.237  1.00 20.28 ? 151 LEU A CD1 1 
ATOM   1231 C CD2 . LEU A 1 153 ? 11.383  5.949   -1.597  1.00 20.32 ? 151 LEU A CD2 1 
ATOM   1232 N N   . ILE A 1 154 ? 11.289  7.849   3.266   1.00 17.99 ? 152 ILE A N   1 
ATOM   1233 C CA  . ILE A 1 154 ? 11.716  7.242   4.523   1.00 17.37 ? 152 ILE A CA  1 
ATOM   1234 C C   . ILE A 1 154 ? 11.458  5.721   4.396   1.00 17.52 ? 152 ILE A C   1 
ATOM   1235 O O   . ILE A 1 154 ? 10.322  5.275   4.303   1.00 18.55 ? 152 ILE A O   1 
ATOM   1236 C CB  . ILE A 1 154 ? 10.993  7.883   5.716   1.00 19.42 ? 152 ILE A CB  1 
ATOM   1237 C CG1 . ILE A 1 154 ? 11.344  9.429   5.705   1.00 25.02 ? 152 ILE A CG1 1 
ATOM   1238 C CG2 . ILE A 1 154 ? 11.336  7.187   7.023   1.00 19.38 ? 152 ILE A CG2 1 
ATOM   1239 C CD1 . ILE A 1 154 ? 10.570  10.251  6.663   1.00 32.34 ? 152 ILE A CD1 1 
ATOM   1240 N N   . GLN A 1 155 ? 12.542  4.934   4.435   1.00 17.30 ? 153 GLN A N   1 
ATOM   1241 C CA  . GLN A 1 155 ? 12.494  3.520   4.233   1.00 17.68 ? 153 GLN A CA  1 
ATOM   1242 C C   . GLN A 1 155 ? 12.403  2.877   5.615   1.00 18.38 ? 153 GLN A C   1 
ATOM   1243 O O   . GLN A 1 155 ? 13.267  3.104   6.446   1.00 20.88 ? 153 GLN A O   1 
ATOM   1244 C CB  . GLN A 1 155 ? 13.729  3.090   3.448   1.00 20.54 ? 153 GLN A CB  1 
ATOM   1245 C CG  . GLN A 1 155 ? 13.806  3.711   2.041   1.00 22.82 ? 153 GLN A CG  1 
ATOM   1246 C CD  . GLN A 1 155 ? 15.126  3.569   1.301   1.00 32.41 ? 153 GLN A CD  1 
ATOM   1247 O OE1 . GLN A 1 155 ? 16.197  3.862   1.815   1.00 38.82 ? 153 GLN A OE1 1 
ATOM   1248 N NE2 . GLN A 1 155 ? 15.028  3.207   0.072   1.00 36.73 ? 153 GLN A NE2 1 
ATOM   1249 N N   . MET A 1 156 ? 11.301  2.182   5.897   1.00 18.66 ? 154 MET A N   1 
ATOM   1250 C CA  . MET A 1 156 ? 11.014  1.580   7.184   1.00 18.89 ? 154 MET A CA  1 
ATOM   1251 C C   . MET A 1 156 ? 10.898  0.048   6.997   1.00 18.92 ? 154 MET A C   1 
ATOM   1252 O O   . MET A 1 156 ? 10.650  -0.475  5.890   1.00 20.06 ? 154 MET A O   1 
ATOM   1253 C CB  . MET A 1 156 ? 9.675   2.076   7.740   1.00 20.31 ? 154 MET A CB  1 
ATOM   1254 C CG  . MET A 1 156 ? 9.570   3.592   7.682   1.00 21.53 ? 154 MET A CG  1 
ATOM   1255 S SD  . MET A 1 156 ? 8.046   4.325   8.233   1.00 22.12 ? 154 MET A SD  1 
ATOM   1256 C CE  . MET A 1 156 ? 8.142   4.094   9.948   1.00 24.95 ? 154 MET A CE  1 
ATOM   1257 N N   . ASP A 1 157 ? 11.038  -0.645  8.117   1.00 19.42 ? 155 ASP A N   1 
ATOM   1258 C CA  . ASP A 1 157 ? 10.824  -2.114  8.084   1.00 19.53 ? 155 ASP A CA  1 
ATOM   1259 C C   . ASP A 1 157 ? 10.367  -2.643  9.422   1.00 20.39 ? 155 ASP A C   1 
ATOM   1260 O O   . ASP A 1 157 ? 10.386  -1.964  10.429  1.00 20.56 ? 155 ASP A O   1 
ATOM   1261 C CB  . ASP A 1 157 ? 12.028  -2.873  7.549   1.00 19.91 ? 155 ASP A CB  1 
ATOM   1262 C CG  . ASP A 1 157 ? 13.283  -2.776  8.420   1.00 20.09 ? 155 ASP A CG  1 
ATOM   1263 O OD1 . ASP A 1 157 ? 13.142  -2.455  9.611   1.00 21.54 ? 155 ASP A OD1 1 
ATOM   1264 O OD2 . ASP A 1 157 ? 14.352  -3.068  7.803   1.00 26.61 ? 155 ASP A OD2 1 
ATOM   1265 N N   . LYS A 1 158 ? 9.898   -3.912  9.415   1.00 20.18 ? 156 LYS A N   1 
ATOM   1266 C CA  . LYS A 1 158 ? 9.340   -4.558  10.601  1.00 21.00 ? 156 LYS A CA  1 
ATOM   1267 C C   . LYS A 1 158 ? 9.569   -6.077  10.470  1.00 20.91 ? 156 LYS A C   1 
ATOM   1268 O O   . LYS A 1 158 ? 9.292   -6.676  9.452   1.00 20.23 ? 156 LYS A O   1 
ATOM   1269 C CB  . LYS A 1 158 ? 7.838   -4.316  10.715  1.00 22.09 ? 156 LYS A CB  1 
ATOM   1270 C CG  . LYS A 1 158 ? 7.146   -4.941  11.931  1.00 27.43 ? 156 LYS A CG  1 
ATOM   1271 C CD  . LYS A 1 158 ? 5.619   -4.882  11.699  1.00 25.38 ? 156 LYS A CD  1 
ATOM   1272 C CE  . LYS A 1 158 ? 4.772   -5.674  12.638  1.00 28.91 ? 156 LYS A CE  1 
ATOM   1273 N NZ  . LYS A 1 158 ? 3.411   -5.122  12.545  1.00 27.10 ? 156 LYS A NZ  1 
ATOM   1274 N N   . PRO A 1 159 ? 10.123  -6.711  11.513  1.00 20.67 ? 157 PRO A N   1 
ATOM   1275 C CA  . PRO A 1 159 ? 10.179  -8.188  11.414  1.00 21.67 ? 157 PRO A CA  1 
ATOM   1276 C C   . PRO A 1 159 ? 8.797   -8.782  11.563  1.00 20.04 ? 157 PRO A C   1 
ATOM   1277 O O   . PRO A 1 159 ? 7.970   -8.283  12.318  1.00 22.21 ? 157 PRO A O   1 
ATOM   1278 C CB  . PRO A 1 159 ? 10.990  -8.546  12.677  1.00 23.46 ? 157 PRO A CB  1 
ATOM   1279 C CG  . PRO A 1 159 ? 11.494  -7.302  13.267  1.00 29.96 ? 157 PRO A CG  1 
ATOM   1280 C CD  . PRO A 1 159 ? 10.583  -6.171  12.788  1.00 22.22 ? 157 PRO A CD  1 
ATOM   1281 N N   A LEU A 1 160 ? 8.534   -9.912  10.892  0.50 22.07 ? 158 LEU A N   1 
ATOM   1282 N N   B LEU A 1 160 ? 8.570   -9.888  10.844  0.50 24.25 ? 158 LEU A N   1 
ATOM   1283 C CA  A LEU A 1 160 ? 7.189   -10.512 10.867  0.50 23.59 ? 158 LEU A CA  1 
ATOM   1284 C CA  B LEU A 1 160 ? 7.282   -10.556 10.808  0.50 27.68 ? 158 LEU A CA  1 
ATOM   1285 C C   A LEU A 1 160 ? 7.083   -11.691 11.847  0.50 28.57 ? 158 LEU A C   1 
ATOM   1286 C C   B LEU A 1 160 ? 7.356   -11.776 11.725  0.50 37.62 ? 158 LEU A C   1 
ATOM   1287 O O   A LEU A 1 160 ? 8.119   -12.270 12.218  0.50 25.49 ? 158 LEU A O   1 
ATOM   1288 O O   B LEU A 1 160 ? 7.924   -12.808 11.365  0.50 38.73 ? 158 LEU A O   1 
ATOM   1289 C CB  A LEU A 1 160 ? 6.869   -10.939 9.432   0.50 22.97 ? 158 LEU A CB  1 
ATOM   1290 C CB  B LEU A 1 160 ? 6.951   -10.949 9.367   0.50 25.79 ? 158 LEU A CB  1 
ATOM   1291 C CG  A LEU A 1 160 ? 6.773   -9.750  8.445   0.50 23.11 ? 158 LEU A CG  1 
ATOM   1292 C CG  B LEU A 1 160 ? 6.792   -9.741  8.412   0.50 25.29 ? 158 LEU A CG  1 
ATOM   1293 C CD1 A LEU A 1 160 ? 6.380   -10.193 7.049   0.50 25.05 ? 158 LEU A CD1 1 
ATOM   1294 C CD1 B LEU A 1 160 ? 6.382   -10.168 7.016   0.50 26.82 ? 158 LEU A CD1 1 
ATOM   1295 C CD2 A LEU A 1 160 ? 5.781   -8.706  8.953   0.50 26.49 ? 158 LEU A CD2 1 
ATOM   1296 C CD2 B LEU A 1 160 ? 5.784   -8.733  8.960   0.50 28.72 ? 158 LEU A CD2 1 
ATOM   1297 N N   A GLU A 1 161 ? 5.873   -12.034 12.286  0.50 30.80 ? 159 GLU A N   1 
ATOM   1298 N N   B GLU A 1 161 ? 6.839   -11.624 12.936  0.50 44.18 ? 159 GLU A N   1 
ATOM   1299 C CA  A GLU A 1 161 ? 5.760   -13.092 13.318  0.50 41.12 ? 159 GLU A CA  1 
ATOM   1300 C CA  B GLU A 1 161 ? 6.919   -12.699 13.925  0.50 48.48 ? 159 GLU A CA  1 
ATOM   1301 C C   A GLU A 1 161 ? 4.448   -13.010 14.111  0.50 43.40 ? 159 GLU A C   1 
ATOM   1302 C C   B GLU A 1 161 ? 6.506   -12.189 15.299  0.50 48.43 ? 159 GLU A C   1 
ATOM   1303 O O   A GLU A 1 161 ? 3.556   -13.864 13.958  0.50 44.26 ? 159 GLU A O   1 
ATOM   1304 O O   B GLU A 1 161 ? 7.272   -11.486 15.954  0.50 55.46 ? 159 GLU A O   1 
ATOM   1305 C CB  A GLU A 1 161 ? 7.015   -13.057 14.237  0.50 46.32 ? 159 GLU A CB  1 
ATOM   1306 C CB  B GLU A 1 161 ? 8.345   -13.269 13.975  0.50 46.81 ? 159 GLU A CB  1 
ATOM   1307 C CG  A GLU A 1 161 ? 7.197   -11.796 15.090  0.50 46.13 ? 159 GLU A CG  1 
ATOM   1308 C CG  B GLU A 1 161 ? 8.427   -14.695 14.479  0.50 48.12 ? 159 GLU A CG  1 
ATOM   1309 C CD  A GLU A 1 161 ? 8.654   -11.347 15.258  0.50 48.06 ? 159 GLU A CD  1 
ATOM   1310 C CD  B GLU A 1 161 ? 7.744   -15.662 13.541  0.50 48.33 ? 159 GLU A CD  1 
ATOM   1311 O OE1 A GLU A 1 161 ? 8.898   -10.364 15.994  0.50 53.45 ? 159 GLU A OE1 1 
ATOM   1312 O OE1 B GLU A 1 161 ? 6.856   -15.241 12.777  0.50 49.92 ? 159 GLU A OE1 1 
ATOM   1313 O OE2 A GLU A 1 161 ? 9.567   -11.949 14.657  0.50 55.04 ? 159 GLU A OE2 1 
ATOM   1314 O OE2 B GLU A 1 161 ? 8.102   -16.840 13.557  0.50 46.06 ? 159 GLU A OE2 1 
HETATM 1315 S S   A SO4 B 2 .   ? -0.640  -12.710 -6.862  0.80 51.51 ? 201 SO4 A S   1 
HETATM 1316 O O1  A SO4 B 2 .   ? -1.272  -12.390 -5.562  0.80 55.37 ? 201 SO4 A O1  1 
HETATM 1317 O O2  A SO4 B 2 .   ? -1.268  -11.996 -8.011  0.80 51.56 ? 201 SO4 A O2  1 
HETATM 1318 O O3  A SO4 B 2 .   ? 0.781   -12.375 -6.859  0.80 59.99 ? 201 SO4 A O3  1 
HETATM 1319 O O4  A SO4 B 2 .   ? -0.802  -14.178 -6.997  0.80 59.78 ? 201 SO4 A O4  1 
HETATM 1320 S S   . SO4 C 2 .   ? -6.181  3.785   9.196   0.70 25.58 ? 202 SO4 A S   1 
HETATM 1321 O O1  . SO4 C 2 .   ? -7.229  4.335   10.132  0.70 26.37 ? 202 SO4 A O1  1 
HETATM 1322 O O2  . SO4 C 2 .   ? -6.859  3.726   7.809   0.70 28.31 ? 202 SO4 A O2  1 
HETATM 1323 O O3  . SO4 C 2 .   ? -5.020  4.702   9.163   0.70 27.65 ? 202 SO4 A O3  1 
HETATM 1324 O O4  . SO4 C 2 .   ? -5.903  2.440   9.704   0.70 23.50 ? 202 SO4 A O4  1 
HETATM 1325 S S   . SO4 D 2 .   ? 14.619  10.378  -8.580  0.90 50.07 ? 203 SO4 A S   1 
HETATM 1326 O O1  . SO4 D 2 .   ? 13.261  10.316  -7.965  0.90 51.43 ? 203 SO4 A O1  1 
HETATM 1327 O O2  . SO4 D 2 .   ? 14.575  11.073  -9.890  0.90 55.92 ? 203 SO4 A O2  1 
HETATM 1328 O O3  . SO4 D 2 .   ? 15.488  11.084  -7.589  0.90 52.99 ? 203 SO4 A O3  1 
HETATM 1329 O O4  . SO4 D 2 .   ? 15.144  9.017   -8.814  0.90 55.73 ? 203 SO4 A O4  1 
HETATM 1330 S S   . SO4 E 2 .   ? 17.320  -2.328  15.820  0.50 59.88 ? 204 SO4 A S   1 
HETATM 1331 O O1  . SO4 E 2 .   ? 17.554  -0.876  15.962  0.50 52.61 ? 204 SO4 A O1  1 
HETATM 1332 O O2  . SO4 E 2 .   ? 15.873  -2.615  15.877  0.50 53.33 ? 204 SO4 A O2  1 
HETATM 1333 O O3  . SO4 E 2 .   ? 17.876  -2.786  14.527  0.50 56.91 ? 204 SO4 A O3  1 
HETATM 1334 O O4  . SO4 E 2 .   ? 17.970  -3.089  16.916  0.50 56.59 ? 204 SO4 A O4  1 
HETATM 1335 C C   . CE3 F 3 .   ? 8.133   2.940   -3.676  1.00 20.11 ? 205 CE3 A C   1 
HETATM 1336 C C1  . CE3 F 3 .   ? 8.936   2.600   -4.977  1.00 20.61 ? 205 CE3 A C1  1 
HETATM 1337 S S   . CE3 F 3 .   ? 7.973   4.646   -3.172  1.00 20.52 ? 205 CE3 A S   1 
HETATM 1338 C C2  . CE3 F 3 .   ? 6.448   4.365   -2.195  1.00 20.44 ? 205 CE3 A C2  1 
HETATM 1339 C C3  . CE3 F 3 .   ? 5.404   3.502   -2.919  1.00 17.81 ? 205 CE3 A C3  1 
HETATM 1340 C C4  . CE3 F 3 .   ? 5.601   2.741   -3.950  1.00 17.05 ? 205 CE3 A C4  1 
HETATM 1341 N N   . CE3 F 3 .   ? 6.915   2.529   -4.412  1.00 17.97 ? 205 CE3 A N   1 
HETATM 1342 C C5  . CE3 F 3 .   ? 7.586   2.053   -5.501  1.00 20.78 ? 205 CE3 A C5  1 
HETATM 1343 O O   . CE3 F 3 .   ? 7.256   1.460   -6.493  1.00 21.00 ? 205 CE3 A O   1 
HETATM 1344 N N1  . CE3 F 3 .   ? 9.498   3.666   -5.751  1.00 23.02 ? 205 CE3 A N1  1 
HETATM 1345 C C6  . CE3 F 3 .   ? 10.666  4.243   -5.477  1.00 28.27 ? 205 CE3 A C6  1 
HETATM 1346 O O2  . CE3 F 3 .   ? 11.296  3.964   -4.498  1.00 30.61 ? 205 CE3 A O2  1 
HETATM 1347 C C7  . CE3 F 3 .   ? 11.177  5.100   -6.554  1.00 30.83 ? 205 CE3 A C7  1 
HETATM 1348 N N2  . CE3 F 3 .   ? 12.040  4.695   -7.444  1.00 40.79 ? 205 CE3 A N2  1 
HETATM 1349 O O1  . CE3 F 3 .   ? 12.463  3.349   -7.305  1.00 53.36 ? 205 CE3 A O1  1 
HETATM 1350 C C8  . CE3 F 3 .   ? 12.562  2.724   -8.611  1.00 59.45 ? 205 CE3 A C8  1 
HETATM 1351 C C14 . CE3 F 3 .   ? 10.713  6.472   -6.644  1.00 29.29 ? 205 CE3 A C14 1 
HETATM 1352 N N3  . CE3 F 3 .   ? 11.226  7.324   -7.629  1.00 29.94 ? 205 CE3 A N3  1 
HETATM 1353 C C15 . CE3 F 3 .   ? 10.662  8.512   -7.513  1.00 30.07 ? 205 CE3 A C15 1 
HETATM 1354 N N4  . CE3 F 3 .   ? 10.891  9.617   -8.271  1.00 32.69 ? 205 CE3 A N4  1 
HETATM 1355 S S1  . CE3 F 3 .   ? 9.557   8.717   -6.209  1.00 26.43 ? 205 CE3 A S1  1 
HETATM 1356 C C13 . CE3 F 3 .   ? 9.814   7.072   -5.823  1.00 24.27 ? 205 CE3 A C13 1 
HETATM 1357 C C9  . CE3 F 3 .   ? 4.038   3.648   -2.340  1.00 18.27 ? 205 CE3 A C9  1 
HETATM 1358 O O3  . CE3 F 3 .   ? 4.031   2.998   -0.995  1.00 21.96 ? 205 CE3 A O3  1 
HETATM 1359 C C10 . CE3 F 3 .   ? 2.806   2.758   -0.346  1.00 26.28 ? 205 CE3 A C10 1 
HETATM 1360 O O4  . CE3 F 3 .   ? 1.767   3.092   -0.880  1.00 22.98 ? 205 CE3 A O4  1 
HETATM 1361 C C11 . CE3 F 3 .   ? 3.023   2.121   0.989   1.00 25.37 ? 205 CE3 A C11 1 
HETATM 1362 C C12 . CE3 F 3 .   ? 4.549   2.101   -4.833  1.00 18.42 ? 205 CE3 A C12 1 
HETATM 1363 O O5  . CE3 F 3 .   ? 4.451   2.501   -6.062  1.00 18.10 ? 205 CE3 A O5  1 
HETATM 1364 O O6  . CE3 F 3 .   ? 3.808   1.256   -4.297  1.00 19.00 ? 205 CE3 A O6  1 
HETATM 1365 C C1  A EDO G 4 .   ? -5.657  6.601   -0.116  0.50 33.77 ? 206 EDO A C1  1 
HETATM 1366 O O1  A EDO G 4 .   ? -4.732  6.699   0.961   0.50 35.06 ? 206 EDO A O1  1 
HETATM 1367 C C2  A EDO G 4 .   ? -5.379  7.339   -1.399  0.50 31.63 ? 206 EDO A C2  1 
HETATM 1368 O O2  A EDO G 4 .   ? -3.986  7.416   -1.685  0.50 37.43 ? 206 EDO A O2  1 
HETATM 1369 C C1  . EDO H 4 .   ? 4.258   15.872  -4.016  1.00 45.14 ? 207 EDO A C1  1 
HETATM 1370 O O1  . EDO H 4 .   ? 5.507   16.434  -3.585  1.00 35.13 ? 207 EDO A O1  1 
HETATM 1371 C C2  . EDO H 4 .   ? 3.722   16.570  -5.261  1.00 47.98 ? 207 EDO A C2  1 
HETATM 1372 O O2  . EDO H 4 .   ? 2.587   15.788  -5.670  1.00 45.92 ? 207 EDO A O2  1 
HETATM 1373 C C1  . EDO I 4 .   ? -11.315 7.451   -10.986 1.00 26.57 ? 208 EDO A C1  1 
HETATM 1374 O O1  . EDO I 4 .   ? -10.280 7.722   -11.906 1.00 39.00 ? 208 EDO A O1  1 
HETATM 1375 C C2  . EDO I 4 .   ? -12.072 6.154   -11.360 1.00 36.36 ? 208 EDO A C2  1 
HETATM 1376 O O2  . EDO I 4 .   ? -13.174 5.886   -10.437 1.00 34.28 ? 208 EDO A O2  1 
HETATM 1377 C C1  . EDO J 4 .   ? 21.014  11.635  0.032   1.00 47.49 ? 209 EDO A C1  1 
HETATM 1378 O O1  . EDO J 4 .   ? 20.288  10.603  0.733   1.00 52.87 ? 209 EDO A O1  1 
HETATM 1379 C C2  . EDO J 4 .   ? 20.595  13.077  0.434   1.00 47.46 ? 209 EDO A C2  1 
HETATM 1380 O O2  . EDO J 4 .   ? 20.859  14.015  -0.671  1.00 53.13 ? 209 EDO A O2  1 
HETATM 1381 C C1  . EDO K 4 .   ? 8.250   11.401  -11.008 0.80 35.38 ? 210 EDO A C1  1 
HETATM 1382 O O1  . EDO K 4 .   ? 7.485   11.833  -12.139 0.80 36.67 ? 210 EDO A O1  1 
HETATM 1383 C C2  . EDO K 4 .   ? 7.388   11.367  -9.761  0.80 37.46 ? 210 EDO A C2  1 
HETATM 1384 O O2  . EDO K 4 .   ? 5.963   11.186  -10.020 0.80 36.80 ? 210 EDO A O2  1 
HETATM 1385 O O   . HOH L 5 .   ? 7.109   13.975  0.501   1.00 18.95 ? 301 HOH A O   1 
HETATM 1386 O O   . HOH L 5 .   ? 19.661  7.229   5.750   1.00 23.09 ? 302 HOH A O   1 
HETATM 1387 O O   . HOH L 5 .   ? -0.819  -7.775  -8.103  1.00 22.91 ? 303 HOH A O   1 
HETATM 1388 O O   . HOH L 5 .   ? 5.536   3.610   -8.345  1.00 21.90 ? 304 HOH A O   1 
HETATM 1389 O O   . HOH L 5 .   ? 6.275   1.212   0.253   1.00 24.22 ? 305 HOH A O   1 
HETATM 1390 O O   . HOH L 5 .   ? 8.967   4.411   13.287  1.00 22.24 ? 306 HOH A O   1 
HETATM 1391 O O   . HOH L 5 .   ? 2.054   9.717   -9.017  1.00 23.08 ? 307 HOH A O   1 
HETATM 1392 O O   . HOH L 5 .   ? -14.624 -8.700  -11.679 1.00 25.42 ? 308 HOH A O   1 
HETATM 1393 O O   . HOH L 5 .   ? -16.359 -4.294  -6.968  1.00 22.78 ? 309 HOH A O   1 
HETATM 1394 O O   . HOH L 5 .   ? 5.875   19.810  -5.718  1.00 28.34 ? 310 HOH A O   1 
HETATM 1395 O O   . HOH L 5 .   ? 14.049  20.724  -4.725  1.00 25.76 ? 311 HOH A O   1 
HETATM 1396 O O   . HOH L 5 .   ? 15.640  -16.955 4.866   1.00 25.88 ? 312 HOH A O   1 
HETATM 1397 O O   . HOH L 5 .   ? -1.961  8.064   11.259  1.00 28.56 ? 313 HOH A O   1 
HETATM 1398 O O   . HOH L 5 .   ? -14.022 5.321   -5.508  1.00 28.59 ? 314 HOH A O   1 
HETATM 1399 O O   . HOH L 5 .   ? -11.162 -12.239 -5.366  1.00 27.88 ? 315 HOH A O   1 
HETATM 1400 O O   . HOH L 5 .   ? 10.615  -2.856  13.799  1.00 29.09 ? 316 HOH A O   1 
HETATM 1401 O O   . HOH L 5 .   ? -16.862 -1.560  -6.427  1.00 31.42 ? 317 HOH A O   1 
HETATM 1402 O O   . HOH L 5 .   ? 15.540  2.703   13.726  1.00 35.30 ? 318 HOH A O   1 
HETATM 1403 O O   . HOH L 5 .   ? -13.686 -1.736  -12.694 1.00 27.06 ? 319 HOH A O   1 
HETATM 1404 O O   . HOH L 5 .   ? 0.719   12.235  -8.906  1.00 28.41 ? 320 HOH A O   1 
HETATM 1405 O O   . HOH L 5 .   ? 8.054   17.781  1.339   1.00 30.15 ? 321 HOH A O   1 
HETATM 1406 O O   . HOH L 5 .   ? -11.876 -12.042 5.009   1.00 33.30 ? 322 HOH A O   1 
HETATM 1407 O O   . HOH L 5 .   ? 8.307   4.175   -8.374  1.00 27.40 ? 323 HOH A O   1 
HETATM 1408 O O   . HOH L 5 .   ? 5.856   16.095  -0.836  1.00 28.96 ? 324 HOH A O   1 
HETATM 1409 O O   . HOH L 5 .   ? -3.963  -6.351  -14.548 1.00 34.29 ? 325 HOH A O   1 
HETATM 1410 O O   . HOH L 5 .   ? -15.502 -0.659  -9.460  1.00 28.39 ? 326 HOH A O   1 
HETATM 1411 O O   . HOH L 5 .   ? 7.635   1.462   15.699  1.00 33.34 ? 327 HOH A O   1 
HETATM 1412 O O   . HOH L 5 .   ? -9.438  3.784   7.522   1.00 30.23 ? 328 HOH A O   1 
HETATM 1413 O O   . HOH L 5 .   ? 12.622  -3.499  12.075  1.00 30.91 ? 329 HOH A O   1 
HETATM 1414 O O   . HOH L 5 .   ? 10.616  -8.334  -6.555  1.00 40.72 ? 330 HOH A O   1 
HETATM 1415 O O   . HOH L 5 .   ? -8.283  3.547   -18.029 1.00 35.43 ? 331 HOH A O   1 
HETATM 1416 O O   . HOH L 5 .   ? -10.327 5.008   -15.688 1.00 30.50 ? 332 HOH A O   1 
HETATM 1417 O O   . HOH L 5 .   ? -5.543  -7.293  10.110  1.00 35.63 ? 333 HOH A O   1 
HETATM 1418 O O   . HOH L 5 .   ? 7.391   15.770  -14.327 1.00 32.58 ? 334 HOH A O   1 
HETATM 1419 O O   . HOH L 5 .   ? -2.331  -4.369  11.757  1.00 34.61 ? 335 HOH A O   1 
HETATM 1420 O O   . HOH L 5 .   ? 11.064  -12.180 11.699  1.00 31.68 ? 336 HOH A O   1 
HETATM 1421 O O   . HOH L 5 .   ? -15.213 7.168   -0.325  1.00 40.97 ? 337 HOH A O   1 
HETATM 1422 O O   . HOH L 5 .   ? -2.193  -9.900  -7.749  1.00 34.36 ? 338 HOH A O   1 
HETATM 1423 O O   . HOH L 5 .   ? 12.498  -0.204  3.634   1.00 36.59 ? 339 HOH A O   1 
HETATM 1424 O O   . HOH L 5 .   ? 5.657   1.261   -10.046 1.00 30.62 ? 340 HOH A O   1 
HETATM 1425 O O   . HOH L 5 .   ? -17.330 -0.951  -3.501  1.00 33.18 ? 341 HOH A O   1 
HETATM 1426 O O   . HOH L 5 .   ? -16.061 2.304   -2.113  1.00 31.65 ? 342 HOH A O   1 
HETATM 1427 O O   . HOH L 5 .   ? -11.847 -10.294 -15.519 1.00 41.36 ? 343 HOH A O   1 
HETATM 1428 O O   . HOH L 5 .   ? -7.179  -11.986 0.048   1.00 31.94 ? 344 HOH A O   1 
HETATM 1429 O O   . HOH L 5 .   ? 20.498  5.082   7.294   1.00 32.26 ? 345 HOH A O   1 
HETATM 1430 O O   . HOH L 5 .   ? 19.541  9.241   -1.676  1.00 35.65 ? 346 HOH A O   1 
HETATM 1431 O O   . HOH L 5 .   ? -16.326 -7.835  -13.621 1.00 35.35 ? 347 HOH A O   1 
HETATM 1432 O O   . HOH L 5 .   ? 1.337   13.233  -11.433 1.00 35.83 ? 348 HOH A O   1 
HETATM 1433 O O   . HOH L 5 .   ? 14.507  -3.678  -1.360  1.00 37.87 ? 349 HOH A O   1 
HETATM 1434 O O   . HOH L 5 .   ? 3.288   17.644  4.850   1.00 39.25 ? 350 HOH A O   1 
HETATM 1435 O O   . HOH L 5 .   ? -4.356  13.928  1.687   1.00 40.20 ? 351 HOH A O   1 
HETATM 1436 O O   . HOH L 5 .   ? -17.073 -7.273  4.854   1.00 34.72 ? 352 HOH A O   1 
HETATM 1437 O O   . HOH L 5 .   ? 15.173  20.864  -2.041  1.00 36.79 ? 353 HOH A O   1 
HETATM 1438 O O   . HOH L 5 .   ? -3.560  -12.594 4.679   1.00 33.01 ? 354 HOH A O   1 
HETATM 1439 O O   . HOH L 5 .   ? 7.758   18.751  -2.659  1.00 38.02 ? 355 HOH A O   1 
HETATM 1440 O O   . HOH L 5 .   ? -7.083  6.261   6.584   1.00 33.53 ? 356 HOH A O   1 
HETATM 1441 O O   . HOH L 5 .   ? -13.499 9.291   7.981   1.00 50.65 ? 357 HOH A O   1 
HETATM 1442 O O   . HOH L 5 .   ? -3.294  -1.550  -18.403 1.00 35.69 ? 358 HOH A O   1 
HETATM 1443 O O   . HOH L 5 .   ? 19.699  20.582  -3.157  1.00 39.33 ? 359 HOH A O   1 
HETATM 1444 O O   . HOH L 5 .   ? 18.929  1.100   11.832  1.00 40.03 ? 360 HOH A O   1 
HETATM 1445 O O   . HOH L 5 .   ? -15.994 -8.644  -9.300  1.00 34.80 ? 361 HOH A O   1 
HETATM 1446 O O   . HOH L 5 .   ? 16.106  -4.611  9.178   1.00 37.93 ? 362 HOH A O   1 
HETATM 1447 O O   . HOH L 5 .   ? -2.074  17.754  -4.605  1.00 45.27 ? 363 HOH A O   1 
HETATM 1448 O O   . HOH L 5 .   ? 0.270   -10.118 -11.247 1.00 36.75 ? 364 HOH A O   1 
HETATM 1449 O O   . HOH L 5 .   ? 9.683   18.619  -1.078  1.00 35.86 ? 365 HOH A O   1 
HETATM 1450 O O   . HOH L 5 .   ? -2.791  -4.383  -17.901 1.00 42.30 ? 366 HOH A O   1 
HETATM 1451 O O   . HOH L 5 .   ? -18.232 -9.850  -10.242 1.00 34.70 ? 367 HOH A O   1 
HETATM 1452 O O   . HOH L 5 .   ? -8.120  -14.462 0.447   1.00 44.43 ? 368 HOH A O   1 
HETATM 1453 O O   . HOH L 5 .   ? -0.334  5.834   0.834   1.00 41.57 ? 369 HOH A O   1 
HETATM 1454 O O   . HOH L 5 .   ? 0.160   -4.944  11.763  1.00 42.52 ? 370 HOH A O   1 
HETATM 1455 O O   . HOH L 5 .   ? 5.318   24.781  -9.894  1.00 45.04 ? 371 HOH A O   1 
HETATM 1456 O O   . HOH L 5 .   ? 2.379   -7.256  14.461  1.00 47.36 ? 372 HOH A O   1 
HETATM 1457 O O   . HOH L 5 .   ? 11.105  -14.534 -4.981  1.00 40.79 ? 373 HOH A O   1 
HETATM 1458 O O   . HOH L 5 .   ? -19.122 -5.567  6.729   1.00 41.59 ? 374 HOH A O   1 
HETATM 1459 O O   . HOH L 5 .   ? -8.000  7.448   13.532  1.00 32.59 ? 375 HOH A O   1 
HETATM 1460 O O   . HOH L 5 .   ? -15.364 5.020   -3.053  1.00 38.17 ? 376 HOH A O   1 
HETATM 1461 O O   . HOH L 5 .   ? 16.988  -6.437  1.956   1.00 43.99 ? 377 HOH A O   1 
HETATM 1462 O O   . HOH L 5 .   ? -10.415 -10.772 8.014   1.00 43.03 ? 378 HOH A O   1 
HETATM 1463 O O   . HOH L 5 .   ? 14.325  -5.786  11.962  1.00 41.03 ? 379 HOH A O   1 
HETATM 1464 O O   . HOH L 5 .   ? 0.559   -13.124 -3.723  1.00 42.00 ? 380 HOH A O   1 
HETATM 1465 O O   . HOH L 5 .   ? -4.377  -10.572 -6.297  1.00 40.09 ? 381 HOH A O   1 
HETATM 1466 O O   . HOH L 5 .   ? -4.315  17.499  -7.508  1.00 33.43 ? 382 HOH A O   1 
HETATM 1467 O O   . HOH L 5 .   ? 1.366   4.425   -14.838 1.00 43.30 ? 383 HOH A O   1 
HETATM 1468 O O   . HOH L 5 .   ? -14.864 6.288   -8.404  1.00 40.58 ? 384 HOH A O   1 
HETATM 1469 O O   . HOH L 5 .   ? 14.660  -10.620 5.910   1.00 34.12 ? 385 HOH A O   1 
HETATM 1470 O O   . HOH L 5 .   ? -4.932  -11.417 -1.754  1.00 39.43 ? 386 HOH A O   1 
HETATM 1471 O O   A HOH L 5 .   ? 6.739   -15.015 -8.090  0.80 55.92 ? 387 HOH A O   1 
HETATM 1472 O O   . HOH L 5 .   ? -8.992  -11.902 -9.061  1.00 47.22 ? 388 HOH A O   1 
HETATM 1473 O O   . HOH L 5 .   ? 1.996   -4.103  -16.493 1.00 44.48 ? 389 HOH A O   1 
HETATM 1474 O O   . HOH L 5 .   ? -5.000  -12.629 7.078   1.00 50.84 ? 390 HOH A O   1 
HETATM 1475 O O   . HOH L 5 .   ? -4.335  -12.893 2.006   1.00 40.71 ? 391 HOH A O   1 
HETATM 1476 O O   . HOH L 5 .   ? 6.392   27.397  -9.296  1.00 45.59 ? 392 HOH A O   1 
HETATM 1477 O O   . HOH L 5 .   ? 16.357  -8.662  3.964   1.00 45.10 ? 393 HOH A O   1 
HETATM 1478 O O   . HOH L 5 .   ? 2.462   18.610  -9.593  1.00 52.32 ? 394 HOH A O   1 
HETATM 1479 O O   . HOH L 5 .   ? 8.959   6.346   -9.998  1.00 45.05 ? 395 HOH A O   1 
HETATM 1480 O O   . HOH L 5 .   ? 11.881  -1.257  -0.777  1.00 46.24 ? 396 HOH A O   1 
HETATM 1481 O O   B HOH L 5 .   ? -14.409 -6.056  -15.295 0.50 35.97 ? 397 HOH A O   1 
HETATM 1482 O O   . HOH L 5 .   ? -8.631  -2.037  12.212  1.00 41.20 ? 398 HOH A O   1 
HETATM 1483 O O   . HOH L 5 .   ? -15.227 -10.165 0.932   1.00 50.14 ? 399 HOH A O   1 
HETATM 1484 O O   . HOH L 5 .   ? 12.967  20.158  -1.044  1.00 45.86 ? 400 HOH A O   1 
HETATM 1485 O O   . HOH L 5 .   ? 21.408  19.365  -1.753  1.00 42.53 ? 401 HOH A O   1 
HETATM 1486 O O   . HOH L 5 .   ? 10.238  -0.280  0.836   1.00 41.97 ? 402 HOH A O   1 
HETATM 1487 O O   . HOH L 5 .   ? 11.881  2.423   -1.583  1.00 49.47 ? 403 HOH A O   1 
HETATM 1488 O O   . HOH L 5 .   ? -0.099  15.185  -14.677 1.00 41.99 ? 404 HOH A O   1 
HETATM 1489 O O   . HOH L 5 .   ? -1.814  8.424   -0.606  1.00 46.57 ? 405 HOH A O   1 
HETATM 1490 O O   . HOH L 5 .   ? -0.522  -9.335  10.983  1.00 44.64 ? 406 HOH A O   1 
HETATM 1491 O O   . HOH L 5 .   ? 18.690  4.143   0.833   1.00 46.76 ? 407 HOH A O   1 
HETATM 1492 O O   . HOH L 5 .   ? 0.151   15.511  2.917   1.00 45.44 ? 408 HOH A O   1 
HETATM 1493 O O   . HOH L 5 .   ? 14.695  -2.487  5.062   1.00 44.45 ? 409 HOH A O   1 
HETATM 1494 O O   . HOH L 5 .   ? 16.570  -11.899 -1.701  1.00 43.02 ? 410 HOH A O   1 
HETATM 1495 O O   A HOH L 5 .   ? 15.864  6.758   -7.565  0.80 52.47 ? 411 HOH A O   1 
HETATM 1496 O O   . HOH L 5 .   ? -8.403  13.894  0.529   1.00 53.81 ? 412 HOH A O   1 
HETATM 1497 O O   . HOH L 5 .   ? -18.928 0.936   3.966   1.00 46.86 ? 413 HOH A O   1 
HETATM 1498 O O   . HOH L 5 .   ? -9.722  16.806  -4.288  1.00 49.46 ? 414 HOH A O   1 
HETATM 1499 O O   . HOH L 5 .   ? -10.794 -14.056 0.774   1.00 48.60 ? 415 HOH A O   1 
HETATM 1500 O O   . HOH L 5 .   ? -2.111  10.035  1.022   1.00 52.03 ? 416 HOH A O   1 
HETATM 1501 O O   . HOH L 5 .   ? -7.439  17.687  -7.109  1.00 48.51 ? 417 HOH A O   1 
HETATM 1502 O O   . HOH L 5 .   ? 4.231   20.661  -3.852  1.00 51.03 ? 418 HOH A O   1 
HETATM 1503 O O   . HOH L 5 .   ? -6.311  -9.917  9.775   1.00 59.18 ? 419 HOH A O   1 
HETATM 1504 O O   . HOH L 5 .   ? 5.794   7.953   -14.877 1.00 41.94 ? 420 HOH A O   1 
HETATM 1505 O O   . HOH L 5 .   ? -3.443  10.146  -16.749 1.00 47.02 ? 421 HOH A O   1 
HETATM 1506 O O   . HOH L 5 .   ? 3.501   12.143  -12.389 1.00 50.85 ? 422 HOH A O   1 
HETATM 1507 O O   . HOH L 5 .   ? 16.209  -2.085  1.988   1.00 41.78 ? 423 HOH A O   1 
HETATM 1508 O O   . HOH L 5 .   ? 21.693  12.220  -2.674  1.00 54.17 ? 424 HOH A O   1 
HETATM 1509 O O   . HOH L 5 .   ? -7.536  -8.262  -11.825 1.00 56.81 ? 425 HOH A O   1 
HETATM 1510 O O   . HOH L 5 .   ? 4.247   18.302  -13.345 1.00 55.40 ? 426 HOH A O   1 
HETATM 1511 O O   . HOH L 5 .   ? -5.857  -9.495  -7.786  1.00 54.53 ? 427 HOH A O   1 
HETATM 1512 O O   B HOH L 5 .   ? -5.012  7.471   2.317   0.50 32.91 ? 428 HOH A O   1 
HETATM 1513 O O   . HOH L 5 .   ? 21.870  14.696  -3.998  1.00 46.84 ? 429 HOH A O   1 
HETATM 1514 O O   . HOH L 5 .   ? 3.250   -9.421  11.827  1.00 43.05 ? 430 HOH A O   1 
HETATM 1515 O O   . HOH L 5 .   ? -8.659  9.058   -15.721 1.00 42.38 ? 431 HOH A O   1 
HETATM 1516 O O   . HOH L 5 .   ? -3.668  -13.205 -2.532  1.00 52.70 ? 432 HOH A O   1 
HETATM 1517 O O   . HOH L 5 .   ? -4.054  6.106   7.008   1.00 50.11 ? 433 HOH A O   1 
HETATM 1518 O O   . HOH L 5 .   ? 20.973  6.962   3.175   1.00 55.79 ? 434 HOH A O   1 
HETATM 1519 O O   . HOH L 5 .   ? -5.512  8.573   7.260   1.00 58.07 ? 435 HOH A O   1 
HETATM 1520 O O   . HOH L 5 .   ? -0.407  6.156   4.117   1.00 58.74 ? 436 HOH A O   1 
HETATM 1521 O O   . HOH L 5 .   ? -7.956  18.980  -4.455  1.00 49.40 ? 437 HOH A O   1 
HETATM 1522 O O   . HOH L 5 .   ? -1.764  8.487   4.540   1.00 43.14 ? 438 HOH A O   1 
HETATM 1523 O O   . HOH L 5 .   ? 3.431   -6.694  -16.502 1.00 53.54 ? 439 HOH A O   1 
HETATM 1524 O O   . HOH L 5 .   ? 13.371  -6.992  -5.199  1.00 52.75 ? 440 HOH A O   1 
HETATM 1525 O O   . HOH L 5 .   ? 4.919   -17.392 11.442  1.00 53.73 ? 441 HOH A O   1 
HETATM 1526 O O   . HOH L 5 .   ? -2.407  -15.134 4.440   1.00 56.96 ? 442 HOH A O   1 
HETATM 1527 O O   . HOH L 5 .   ? 3.285   -3.854  16.956  1.00 55.91 ? 443 HOH A O   1 
HETATM 1528 O O   . HOH L 5 .   ? 9.456   -17.746 8.135   1.00 53.57 ? 444 HOH A O   1 
HETATM 1529 O O   . HOH L 5 .   ? -17.799 -10.044 -14.797 1.00 56.23 ? 445 HOH A O   1 
HETATM 1530 O O   . HOH L 5 .   ? -18.246 1.182   -3.565  1.00 45.41 ? 446 HOH A O   1 
HETATM 1531 O O   . HOH L 5 .   ? 3.657   18.981  0.504   1.00 45.12 ? 447 HOH A O   1 
HETATM 1532 O O   . HOH L 5 .   ? 10.874  0.139   -6.903  1.00 52.10 ? 448 HOH A O   1 
HETATM 1533 O O   . HOH L 5 .   ? 8.084   -0.443  -8.362  1.00 44.03 ? 449 HOH A O   1 
HETATM 1534 O O   . HOH L 5 .   ? 6.935   -4.726  -9.454  1.00 48.49 ? 450 HOH A O   1 
HETATM 1535 O O   . HOH L 5 .   ? 4.093   -1.058  -10.751 1.00 34.82 ? 451 HOH A O   1 
HETATM 1536 O O   . HOH L 5 .   ? -4.416  6.513   -18.184 1.00 46.98 ? 452 HOH A O   1 
HETATM 1537 O O   . HOH L 5 .   ? -2.546  -10.246 -11.945 1.00 47.48 ? 453 HOH A O   1 
HETATM 1538 O O   . HOH L 5 .   ? -0.670  13.430  6.768   1.00 32.63 ? 454 HOH A O   1 
HETATM 1539 O O   . HOH L 5 .   ? 4.155   3.825   18.993  1.00 56.45 ? 455 HOH A O   1 
HETATM 1540 O O   . HOH L 5 .   ? 17.106  -6.520  7.915   1.00 41.15 ? 456 HOH A O   1 
HETATM 1541 O O   . HOH L 5 .   ? 16.292  0.538   4.279   1.00 50.89 ? 457 HOH A O   1 
HETATM 1542 O O   . HOH L 5 .   ? 5.574   13.633  -14.227 1.00 42.36 ? 458 HOH A O   1 
HETATM 1543 O O   . HOH L 5 .   ? 3.936   7.765   1.264   1.00 27.14 ? 459 HOH A O   1 
HETATM 1544 O O   . HOH L 5 .   ? 1.771   5.537   2.275   1.00 42.71 ? 460 HOH A O   1 
HETATM 1545 O O   . HOH L 5 .   ? -17.015 3.341   -8.477  1.00 51.56 ? 461 HOH A O   1 
HETATM 1546 O O   . HOH L 5 .   ? 6.902   -8.229  -12.275 1.00 46.88 ? 462 HOH A O   1 
HETATM 1547 O O   . HOH L 5 .   ? -17.412 3.757   5.323   1.00 59.27 ? 463 HOH A O   1 
HETATM 1548 O O   A HOH L 5 .   ? -2.810  0.069   16.025  0.50 54.36 ? 464 HOH A O   1 
HETATM 1549 O O   . HOH L 5 .   ? 0.393   15.987  6.961   1.00 42.49 ? 465 HOH A O   1 
HETATM 1550 O O   . HOH L 5 .   ? 17.974  4.023   -2.514  1.00 61.39 ? 466 HOH A O   1 
HETATM 1551 O O   . HOH L 5 .   ? 4.688   1.135   18.599  1.00 61.02 ? 467 HOH A O   1 
HETATM 1552 O O   . HOH L 5 .   ? -10.883 -10.390 -11.816 1.00 34.52 ? 468 HOH A O   1 
HETATM 1553 O O   . HOH L 5 .   ? -13.331 -13.760 -9.611  1.00 65.64 ? 469 HOH A O   1 
HETATM 1554 O O   . HOH L 5 .   ? -0.170  -4.496  -18.216 1.00 49.85 ? 470 HOH A O   1 
HETATM 1555 O O   B HOH L 5 .   ? -5.417  6.641   0.111   0.50 24.27 ? 471 HOH A O   1 
HETATM 1556 O O   . HOH L 5 .   ? -15.055 -12.606 -11.475 1.00 58.57 ? 472 HOH A O   1 
HETATM 1557 O O   . HOH L 5 .   ? -3.432  -8.771  -13.771 1.00 53.10 ? 473 HOH A O   1 
HETATM 1558 O O   . HOH L 5 .   ? -4.309  18.005  -14.748 1.00 52.41 ? 474 HOH A O   1 
HETATM 1559 O O   . HOH L 5 .   ? 0.758   19.163  -5.782  1.00 49.61 ? 475 HOH A O   1 
HETATM 1560 O O   . HOH L 5 .   ? 17.880  10.456  -6.514  1.00 58.28 ? 476 HOH A O   1 
HETATM 1561 O O   . HOH L 5 .   ? 17.533  -4.869  12.530  1.00 62.34 ? 477 HOH A O   1 
HETATM 1562 O O   . HOH L 5 .   ? 10.456  5.646   -11.668 1.00 55.21 ? 478 HOH A O   1 
HETATM 1563 O O   . HOH L 5 .   ? 4.355   -9.845  -13.310 0.50 41.28 ? 479 HOH A O   1 
HETATM 1564 O O   . HOH L 5 .   ? 5.164   -9.180  13.660  0.50 37.92 ? 480 HOH A O   1 
HETATM 1565 O O   . HOH L 5 .   ? -13.138 -10.995 -12.157 1.00 47.11 ? 481 HOH A O   1 
HETATM 1566 O O   B HOH L 5 .   ? -6.900  3.756   12.955  0.50 32.20 ? 482 HOH A O   1 
HETATM 1567 O O   . HOH L 5 .   ? -2.394  4.582   4.449   1.00 49.02 ? 483 HOH A O   1 
HETATM 1568 O O   . HOH L 5 .   ? -10.676 13.104  1.322   0.50 46.19 ? 484 HOH A O   1 
HETATM 1569 O O   B HOH L 5 .   ? 13.952  4.591   -3.506  0.20 26.19 ? 485 HOH A O   1 
HETATM 1570 O O   . HOH L 5 .   ? -3.430  19.133  -3.289  1.00 41.10 ? 486 HOH A O   1 
HETATM 1571 O O   . HOH L 5 .   ? 5.036   10.007  -12.182 0.50 31.58 ? 487 HOH A O   1 
HETATM 1572 O O   . HOH L 5 .   ? 3.397   16.395  -0.606  1.00 40.08 ? 488 HOH A O   1 
# 
loop_
_pdbx_poly_seq_scheme.asym_id 
_pdbx_poly_seq_scheme.entity_id 
_pdbx_poly_seq_scheme.seq_id 
_pdbx_poly_seq_scheme.mon_id 
_pdbx_poly_seq_scheme.ndb_seq_num 
_pdbx_poly_seq_scheme.pdb_seq_num 
_pdbx_poly_seq_scheme.auth_seq_num 
_pdbx_poly_seq_scheme.pdb_mon_id 
_pdbx_poly_seq_scheme.auth_mon_id 
_pdbx_poly_seq_scheme.pdb_strand_id 
_pdbx_poly_seq_scheme.pdb_ins_code 
_pdbx_poly_seq_scheme.hetero 
A 1 1   GLY 1   -1  ?   ?   ?   A . n 
A 1 2   HIS 2   0   ?   ?   ?   A . n 
A 1 3   MET 3   1   1   MET MET A . n 
A 1 4   GLN 4   2   2   GLN GLN A . n 
A 1 5   LEU 5   3   3   LEU LEU A . n 
A 1 6   SER 6   4   4   SER SER A . n 
A 1 7   HIS 7   5   5   HIS HIS A . n 
A 1 8   ARG 8   6   6   ARG ARG A . n 
A 1 9   PRO 9   7   7   PRO PRO A . n 
A 1 10  ALA 10  8   8   ALA ALA A . n 
A 1 11  GLU 11  9   9   GLU GLU A . n 
A 1 12  THR 12  10  10  THR THR A . n 
A 1 13  GLY 13  11  11  GLY GLY A . n 
A 1 14  ASP 14  12  12  ASP ASP A . n 
A 1 15  LEU 15  13  13  LEU LEU A . n 
A 1 16  GLU 16  14  14  GLU GLU A . n 
A 1 17  THR 17  15  15  THR THR A . n 
A 1 18  VAL 18  16  16  VAL VAL A . n 
A 1 19  ALA 19  17  17  ALA ALA A . n 
A 1 20  GLY 20  18  18  GLY GLY A . n 
A 1 21  PHE 21  19  19  PHE PHE A . n 
A 1 22  PRO 22  20  20  PRO PRO A . n 
A 1 23  GLN 23  21  21  GLN GLN A . n 
A 1 24  ASP 24  22  22  ASP ASP A . n 
A 1 25  ARG 25  23  23  ARG ARG A . n 
A 1 26  ASP 26  24  24  ASP ASP A . n 
A 1 27  GLU 27  25  25  GLU GLU A . n 
A 1 28  LEU 28  26  26  LEU LEU A . n 
A 1 29  PHE 29  27  27  PHE PHE A . n 
A 1 30  TYR 30  28  28  TYR TYR A . n 
A 1 31  CYS 31  29  29  CYS CYS A . n 
A 1 32  TYR 32  30  30  TYR TYR A . n 
A 1 33  PRO 33  31  31  PRO PRO A . n 
A 1 34  LYS 34  32  32  LYS LYS A . n 
A 1 35  ALA 35  33  33  ALA ALA A . n 
A 1 36  ILE 36  34  34  ILE ILE A . n 
A 1 37  TRP 37  35  35  TRP TRP A . n 
A 1 38  PRO 38  36  36  PRO PRO A . n 
A 1 39  PHE 39  37  37  PHE PHE A . n 
A 1 40  SER 40  38  38  SER SER A . n 
A 1 41  VAL 41  39  39  VAL VAL A . n 
A 1 42  ALA 42  40  40  ALA ALA A . n 
A 1 43  GLN 43  41  41  GLN GLN A . n 
A 1 44  LEU 44  42  42  LEU LEU A . n 
A 1 45  ALA 45  43  43  ALA ALA A . n 
A 1 46  ALA 46  44  44  ALA ALA A . n 
A 1 47  ALA 47  45  45  ALA ALA A . n 
A 1 48  ILE 48  46  46  ILE ILE A . n 
A 1 49  ALA 49  47  47  ALA ALA A . n 
A 1 50  GLU 50  48  48  GLU GLU A . n 
A 1 51  ARG 51  49  49  ARG ARG A . n 
A 1 52  ARG 52  50  50  ARG ARG A . n 
A 1 53  GLY 53  51  51  GLY GLY A . n 
A 1 54  SER 54  52  52  SER SER A . n 
A 1 55  THR 55  53  53  THR THR A . n 
A 1 56  VAL 56  54  54  VAL VAL A . n 
A 1 57  ALA 57  55  55  ALA ALA A . n 
A 1 58  VAL 58  56  56  VAL VAL A . n 
A 1 59  HIS 59  57  57  HIS HIS A . n 
A 1 60  ASP 60  58  58  ASP ASP A . n 
A 1 61  GLY 61  59  59  GLY GLY A . n 
A 1 62  GLN 62  60  60  GLN GLN A . n 
A 1 63  VAL 63  61  61  VAL VAL A . n 
A 1 64  LEU 64  62  62  LEU LEU A . n 
A 1 65  GLY 65  63  63  GLY GLY A . n 
A 1 66  PHE 66  64  64  PHE PHE A . n 
A 1 67  ALA 67  65  65  ALA ALA A . n 
A 1 68  ASN 68  66  66  ASN ASN A . n 
A 1 69  PHE 69  67  67  PHE PHE A . n 
A 1 70  TYR 70  68  68  TYR TYR A . n 
A 1 71  GLN 71  69  69  GLN GLN A . n 
A 1 72  TRP 72  70  70  TRP TRP A . n 
A 1 73  GLN 73  71  71  GLN GLN A . n 
A 1 74  HIS 74  72  72  HIS HIS A . n 
A 1 75  GLY 75  73  73  GLY GLY A . n 
A 1 76  ASP 76  74  74  ASP ASP A . n 
A 1 77  PHE 77  75  75  PHE PHE A . n 
A 1 78  CYS 78  76  76  CYS CYS A . n 
A 1 79  ALA 79  77  77  ALA ALA A . n 
A 1 80  LEU 80  78  78  LEU LEU A . n 
A 1 81  GLY 81  79  79  GLY GLY A . n 
A 1 82  ASN 82  80  80  ASN ASN A . n 
A 1 83  MET 83  81  81  MET MET A . n 
A 1 84  MET 84  82  82  MET MET A . n 
A 1 85  VAL 85  83  83  VAL VAL A . n 
A 1 86  ALA 86  84  84  ALA ALA A . n 
A 1 87  PRO 87  85  85  PRO PRO A . n 
A 1 88  ALA 88  86  86  ALA ALA A . n 
A 1 89  ALA 89  87  87  ALA ALA A . n 
A 1 90  ARG 90  88  88  ARG ARG A . n 
A 1 91  GLY 91  89  89  GLY GLY A . n 
A 1 92  LEU 92  90  90  LEU LEU A . n 
A 1 93  GLY 93  91  91  GLY GLY A . n 
A 1 94  VAL 94  92  92  VAL VAL A . n 
A 1 95  ALA 95  93  93  ALA ALA A . n 
A 1 96  ARG 96  94  94  ARG ARG A . n 
A 1 97  TYR 97  95  95  TYR TYR A . n 
A 1 98  LEU 98  96  96  LEU LEU A . n 
A 1 99  ILE 99  97  97  ILE ILE A . n 
A 1 100 GLY 100 98  98  GLY GLY A . n 
A 1 101 VAL 101 99  99  VAL VAL A . n 
A 1 102 MET 102 100 100 MET MET A . n 
A 1 103 GLU 103 101 101 GLU GLU A . n 
A 1 104 ASN 104 102 102 ASN ASN A . n 
A 1 105 LEU 105 103 103 LEU LEU A . n 
A 1 106 ALA 106 104 104 ALA ALA A . n 
A 1 107 ARG 107 105 105 ARG ARG A . n 
A 1 108 GLU 108 106 106 GLU GLU A . n 
A 1 109 GLN 109 107 107 GLN GLN A . n 
A 1 110 TYR 110 108 108 TYR TYR A . n 
A 1 111 LYS 111 109 109 LYS LYS A . n 
A 1 112 ALA 112 110 110 ALA ALA A . n 
A 1 113 ARG 113 111 111 ARG ARG A . n 
A 1 114 LEU 114 112 112 LEU LEU A . n 
A 1 115 MET 115 113 113 MET MET A . n 
A 1 116 LYS 116 114 114 LYS LYS A . n 
A 1 117 ILE 117 115 115 ILE ILE A . n 
A 1 118 SER 118 116 116 SER SER A . n 
A 1 119 CYS 119 117 117 CYS CYS A . n 
A 1 120 PHE 120 118 118 PHE PHE A . n 
A 1 121 ASN 121 119 119 ASN ASN A . n 
A 1 122 ALA 122 120 120 ALA ALA A . n 
A 1 123 ASN 123 121 121 ASN ASN A . n 
A 1 124 ALA 124 122 122 ALA ALA A . n 
A 1 125 ALA 125 123 123 ALA ALA A . n 
A 1 126 GLY 126 124 124 GLY GLY A . n 
A 1 127 LEU 127 125 125 LEU LEU A . n 
A 1 128 LEU 128 126 126 LEU LEU A . n 
A 1 129 LEU 129 127 127 LEU LEU A . n 
A 1 130 TYR 130 128 128 TYR TYR A . n 
A 1 131 THR 131 129 129 THR THR A . n 
A 1 132 GLN 132 130 130 GLN GLN A . n 
A 1 133 LEU 133 131 131 LEU LEU A . n 
A 1 134 GLY 134 132 132 GLY GLY A . n 
A 1 135 TYR 135 133 133 TYR TYR A . n 
A 1 136 GLN 136 134 134 GLN GLN A . n 
A 1 137 PRO 137 135 135 PRO PRO A . n 
A 1 138 ARG 138 136 136 ARG ARG A . n 
A 1 139 ALA 139 137 137 ALA ALA A . n 
A 1 140 ILE 140 138 138 ILE ILE A . n 
A 1 141 ALA 141 139 139 ALA ALA A . n 
A 1 142 GLU 142 140 140 GLU GLU A . n 
A 1 143 ARG 143 141 141 ARG ARG A . n 
A 1 144 HIS 144 142 142 HIS HIS A . n 
A 1 145 ASP 145 143 143 ASP ASP A . n 
A 1 146 PRO 146 144 144 PRO PRO A . n 
A 1 147 ASP 147 145 145 ASP ASP A . n 
A 1 148 GLY 148 146 146 GLY GLY A . n 
A 1 149 ARG 149 147 147 ARG ARG A . n 
A 1 150 ARG 150 148 148 ARG ARG A . n 
A 1 151 VAL 151 149 149 VAL VAL A . n 
A 1 152 ALA 152 150 150 ALA ALA A . n 
A 1 153 LEU 153 151 151 LEU LEU A . n 
A 1 154 ILE 154 152 152 ILE ILE A . n 
A 1 155 GLN 155 153 153 GLN GLN A . n 
A 1 156 MET 156 154 154 MET MET A . n 
A 1 157 ASP 157 155 155 ASP ASP A . n 
A 1 158 LYS 158 156 156 LYS LYS A . n 
A 1 159 PRO 159 157 157 PRO PRO A . n 
A 1 160 LEU 160 158 158 LEU LEU A . n 
A 1 161 GLU 161 159 159 GLU GLU A . n 
A 1 162 PRO 162 160 ?   ?   ?   A . n 
# 
_pdbx_SG_project.id                    1 
_pdbx_SG_project.project_name          PSI:Biology 
_pdbx_SG_project.full_name_of_center   'Midwest Center for Structural Genomics' 
_pdbx_SG_project.initial_of_center     MCSG 
# 
loop_
_pdbx_nonpoly_scheme.asym_id 
_pdbx_nonpoly_scheme.entity_id 
_pdbx_nonpoly_scheme.mon_id 
_pdbx_nonpoly_scheme.ndb_seq_num 
_pdbx_nonpoly_scheme.pdb_seq_num 
_pdbx_nonpoly_scheme.auth_seq_num 
_pdbx_nonpoly_scheme.pdb_mon_id 
_pdbx_nonpoly_scheme.auth_mon_id 
_pdbx_nonpoly_scheme.pdb_strand_id 
_pdbx_nonpoly_scheme.pdb_ins_code 
B 2 SO4 1   201 1   SO4 SO4 A . 
C 2 SO4 1   202 2   SO4 SO4 A . 
D 2 SO4 1   203 3   SO4 SO4 A . 
E 2 SO4 1   204 4   SO4 SO4 A . 
F 3 CE3 1   205 1   CE3 CFT A . 
G 4 EDO 1   206 2   EDO EDO A . 
H 4 EDO 1   207 3   EDO EDO A . 
I 4 EDO 1   208 4   EDO EDO A . 
J 4 EDO 1   209 5   EDO EDO A . 
K 4 EDO 1   210 6   EDO EDO A . 
L 5 HOH 1   301 2   HOH HOH A . 
L 5 HOH 2   302 3   HOH HOH A . 
L 5 HOH 3   303 4   HOH HOH A . 
L 5 HOH 4   304 5   HOH HOH A . 
L 5 HOH 5   305 6   HOH HOH A . 
L 5 HOH 6   306 7   HOH HOH A . 
L 5 HOH 7   307 8   HOH HOH A . 
L 5 HOH 8   308 11  HOH HOH A . 
L 5 HOH 9   309 12  HOH HOH A . 
L 5 HOH 10  310 14  HOH HOH A . 
L 5 HOH 11  311 17  HOH HOH A . 
L 5 HOH 12  312 18  HOH HOH A . 
L 5 HOH 13  313 19  HOH HOH A . 
L 5 HOH 14  314 20  HOH HOH A . 
L 5 HOH 15  315 23  HOH HOH A . 
L 5 HOH 16  316 24  HOH HOH A . 
L 5 HOH 17  317 25  HOH HOH A . 
L 5 HOH 18  318 26  HOH HOH A . 
L 5 HOH 19  319 27  HOH HOH A . 
L 5 HOH 20  320 31  HOH HOH A . 
L 5 HOH 21  321 32  HOH HOH A . 
L 5 HOH 22  322 33  HOH HOH A . 
L 5 HOH 23  323 35  HOH HOH A . 
L 5 HOH 24  324 36  HOH HOH A . 
L 5 HOH 25  325 37  HOH HOH A . 
L 5 HOH 26  326 38  HOH HOH A . 
L 5 HOH 27  327 39  HOH HOH A . 
L 5 HOH 28  328 42  HOH HOH A . 
L 5 HOH 29  329 44  HOH HOH A . 
L 5 HOH 30  330 45  HOH HOH A . 
L 5 HOH 31  331 46  HOH HOH A . 
L 5 HOH 32  332 47  HOH HOH A . 
L 5 HOH 33  333 48  HOH HOH A . 
L 5 HOH 34  334 49  HOH HOH A . 
L 5 HOH 35  335 50  HOH HOH A . 
L 5 HOH 36  336 51  HOH HOH A . 
L 5 HOH 37  337 52  HOH HOH A . 
L 5 HOH 38  338 53  HOH HOH A . 
L 5 HOH 39  339 54  HOH HOH A . 
L 5 HOH 40  340 55  HOH HOH A . 
L 5 HOH 41  341 56  HOH HOH A . 
L 5 HOH 42  342 57  HOH HOH A . 
L 5 HOH 43  343 58  HOH HOH A . 
L 5 HOH 44  344 60  HOH HOH A . 
L 5 HOH 45  345 61  HOH HOH A . 
L 5 HOH 46  346 62  HOH HOH A . 
L 5 HOH 47  347 63  HOH HOH A . 
L 5 HOH 48  348 64  HOH HOH A . 
L 5 HOH 49  349 66  HOH HOH A . 
L 5 HOH 50  350 67  HOH HOH A . 
L 5 HOH 51  351 69  HOH HOH A . 
L 5 HOH 52  352 70  HOH HOH A . 
L 5 HOH 53  353 71  HOH HOH A . 
L 5 HOH 54  354 72  HOH HOH A . 
L 5 HOH 55  355 73  HOH HOH A . 
L 5 HOH 56  356 74  HOH HOH A . 
L 5 HOH 57  357 75  HOH HOH A . 
L 5 HOH 58  358 76  HOH HOH A . 
L 5 HOH 59  359 77  HOH HOH A . 
L 5 HOH 60  360 78  HOH HOH A . 
L 5 HOH 61  361 79  HOH HOH A . 
L 5 HOH 62  362 80  HOH HOH A . 
L 5 HOH 63  363 81  HOH HOH A . 
L 5 HOH 64  364 82  HOH HOH A . 
L 5 HOH 65  365 83  HOH HOH A . 
L 5 HOH 66  366 86  HOH HOH A . 
L 5 HOH 67  367 87  HOH HOH A . 
L 5 HOH 68  368 88  HOH HOH A . 
L 5 HOH 69  369 90  HOH HOH A . 
L 5 HOH 70  370 91  HOH HOH A . 
L 5 HOH 71  371 92  HOH HOH A . 
L 5 HOH 72  372 93  HOH HOH A . 
L 5 HOH 73  373 94  HOH HOH A . 
L 5 HOH 74  374 97  HOH HOH A . 
L 5 HOH 75  375 98  HOH HOH A . 
L 5 HOH 76  376 99  HOH HOH A . 
L 5 HOH 77  377 100 HOH HOH A . 
L 5 HOH 78  378 101 HOH HOH A . 
L 5 HOH 79  379 102 HOH HOH A . 
L 5 HOH 80  380 103 HOH HOH A . 
L 5 HOH 81  381 104 HOH HOH A . 
L 5 HOH 82  382 106 HOH HOH A . 
L 5 HOH 83  383 107 HOH HOH A . 
L 5 HOH 84  384 109 HOH HOH A . 
L 5 HOH 85  385 110 HOH HOH A . 
L 5 HOH 86  386 111 HOH HOH A . 
L 5 HOH 87  387 112 HOH HOH A . 
L 5 HOH 88  388 113 HOH HOH A . 
L 5 HOH 89  389 115 HOH HOH A . 
L 5 HOH 90  390 118 HOH HOH A . 
L 5 HOH 91  391 119 HOH HOH A . 
L 5 HOH 92  392 120 HOH HOH A . 
L 5 HOH 93  393 121 HOH HOH A . 
L 5 HOH 94  394 122 HOH HOH A . 
L 5 HOH 95  395 123 HOH HOH A . 
L 5 HOH 96  396 124 HOH HOH A . 
L 5 HOH 97  397 128 HOH HOH A . 
L 5 HOH 98  398 131 HOH HOH A . 
L 5 HOH 99  399 132 HOH HOH A . 
L 5 HOH 100 400 133 HOH HOH A . 
L 5 HOH 101 401 134 HOH HOH A . 
L 5 HOH 102 402 135 HOH HOH A . 
L 5 HOH 103 403 137 HOH HOH A . 
L 5 HOH 104 404 138 HOH HOH A . 
L 5 HOH 105 405 139 HOH HOH A . 
L 5 HOH 106 406 140 HOH HOH A . 
L 5 HOH 107 407 141 HOH HOH A . 
L 5 HOH 108 408 142 HOH HOH A . 
L 5 HOH 109 409 143 HOH HOH A . 
L 5 HOH 110 410 148 HOH HOH A . 
L 5 HOH 111 411 153 HOH HOH A . 
L 5 HOH 112 412 154 HOH HOH A . 
L 5 HOH 113 413 158 HOH HOH A . 
L 5 HOH 114 414 159 HOH HOH A . 
L 5 HOH 115 415 160 HOH HOH A . 
L 5 HOH 116 416 164 HOH HOH A . 
L 5 HOH 117 417 165 HOH HOH A . 
L 5 HOH 118 418 169 HOH HOH A . 
L 5 HOH 119 419 173 HOH HOH A . 
L 5 HOH 120 420 175 HOH HOH A . 
L 5 HOH 121 421 176 HOH HOH A . 
L 5 HOH 122 422 177 HOH HOH A . 
L 5 HOH 123 423 178 HOH HOH A . 
L 5 HOH 124 424 180 HOH HOH A . 
L 5 HOH 125 425 181 HOH HOH A . 
L 5 HOH 126 426 182 HOH HOH A . 
L 5 HOH 127 427 183 HOH HOH A . 
L 5 HOH 128 428 184 HOH HOH A . 
L 5 HOH 129 429 187 HOH HOH A . 
L 5 HOH 130 430 188 HOH HOH A . 
L 5 HOH 131 431 189 HOH HOH A . 
L 5 HOH 132 432 191 HOH HOH A . 
L 5 HOH 133 433 192 HOH HOH A . 
L 5 HOH 134 434 194 HOH HOH A . 
L 5 HOH 135 435 197 HOH HOH A . 
L 5 HOH 136 436 198 HOH HOH A . 
L 5 HOH 137 437 199 HOH HOH A . 
L 5 HOH 138 438 208 HOH HOH A . 
L 5 HOH 139 439 228 HOH HOH A . 
L 5 HOH 140 440 229 HOH HOH A . 
L 5 HOH 141 441 231 HOH HOH A . 
L 5 HOH 142 442 232 HOH HOH A . 
L 5 HOH 143 443 234 HOH HOH A . 
L 5 HOH 144 444 235 HOH HOH A . 
L 5 HOH 145 445 236 HOH HOH A . 
L 5 HOH 146 446 237 HOH HOH A . 
L 5 HOH 147 447 238 HOH HOH A . 
L 5 HOH 148 448 240 HOH HOH A . 
L 5 HOH 149 449 241 HOH HOH A . 
L 5 HOH 150 450 242 HOH HOH A . 
L 5 HOH 151 451 243 HOH HOH A . 
L 5 HOH 152 452 245 HOH HOH A . 
L 5 HOH 153 453 246 HOH HOH A . 
L 5 HOH 154 454 247 HOH HOH A . 
L 5 HOH 155 455 248 HOH HOH A . 
L 5 HOH 156 456 249 HOH HOH A . 
L 5 HOH 157 457 250 HOH HOH A . 
L 5 HOH 158 458 251 HOH HOH A . 
L 5 HOH 159 459 252 HOH HOH A . 
L 5 HOH 160 460 253 HOH HOH A . 
L 5 HOH 161 461 257 HOH HOH A . 
L 5 HOH 162 462 258 HOH HOH A . 
L 5 HOH 163 463 259 HOH HOH A . 
L 5 HOH 164 464 260 HOH HOH A . 
L 5 HOH 165 465 261 HOH HOH A . 
L 5 HOH 166 466 262 HOH HOH A . 
L 5 HOH 167 467 264 HOH HOH A . 
L 5 HOH 168 468 266 HOH HOH A . 
L 5 HOH 169 469 267 HOH HOH A . 
L 5 HOH 170 470 269 HOH HOH A . 
L 5 HOH 171 471 270 HOH HOH A . 
L 5 HOH 172 472 271 HOH HOH A . 
L 5 HOH 173 473 272 HOH HOH A . 
L 5 HOH 174 474 273 HOH HOH A . 
L 5 HOH 175 475 274 HOH HOH A . 
L 5 HOH 176 476 275 HOH HOH A . 
L 5 HOH 177 477 276 HOH HOH A . 
L 5 HOH 178 478 277 HOH HOH A . 
L 5 HOH 179 479 279 HOH HOH A . 
L 5 HOH 180 480 280 HOH HOH A . 
L 5 HOH 181 481 281 HOH HOH A . 
L 5 HOH 182 482 282 HOH HOH A . 
L 5 HOH 183 483 283 HOH HOH A . 
L 5 HOH 184 484 284 HOH HOH A . 
L 5 HOH 185 485 285 HOH HOH A . 
L 5 HOH 186 486 286 HOH HOH A . 
L 5 HOH 187 487 287 HOH HOH A . 
L 5 HOH 188 488 288 HOH HOH A . 
# 
_pdbx_struct_assembly.id                   1 
_pdbx_struct_assembly.details              author_and_software_defined_assembly 
_pdbx_struct_assembly.method_details       PISA 
_pdbx_struct_assembly.oligomeric_details   monomeric 
_pdbx_struct_assembly.oligomeric_count     1 
# 
_pdbx_struct_assembly_gen.assembly_id       1 
_pdbx_struct_assembly_gen.oper_expression   1 
_pdbx_struct_assembly_gen.asym_id_list      A,B,C,D,E,F,G,H,I,J,K,L 
# 
_pdbx_struct_oper_list.id                   1 
_pdbx_struct_oper_list.type                 'identity operation' 
_pdbx_struct_oper_list.name                 1_555 
_pdbx_struct_oper_list.symmetry_operation   x,y,z 
_pdbx_struct_oper_list.matrix[1][1]         1.0000000000 
_pdbx_struct_oper_list.matrix[1][2]         0.0000000000 
_pdbx_struct_oper_list.matrix[1][3]         0.0000000000 
_pdbx_struct_oper_list.vector[1]            0.0000000000 
_pdbx_struct_oper_list.matrix[2][1]         0.0000000000 
_pdbx_struct_oper_list.matrix[2][2]         1.0000000000 
_pdbx_struct_oper_list.matrix[2][3]         0.0000000000 
_pdbx_struct_oper_list.vector[2]            0.0000000000 
_pdbx_struct_oper_list.matrix[3][1]         0.0000000000 
_pdbx_struct_oper_list.matrix[3][2]         0.0000000000 
_pdbx_struct_oper_list.matrix[3][3]         1.0000000000 
_pdbx_struct_oper_list.vector[3]            0.0000000000 
# 
loop_
_pdbx_audit_revision_history.ordinal 
_pdbx_audit_revision_history.data_content_type 
_pdbx_audit_revision_history.major_revision 
_pdbx_audit_revision_history.minor_revision 
_pdbx_audit_revision_history.revision_date 
1 'Structure model' 1 0 2013-06-05 
2 'Structure model' 1 1 2013-09-18 
3 'Structure model' 1 2 2013-11-13 
4 'Structure model' 1 3 2017-11-15 
5 'Structure model' 1 4 2022-04-13 
6 'Structure model' 1 5 2023-09-20 
# 
_pdbx_audit_revision_details.ordinal             1 
_pdbx_audit_revision_details.revision_ordinal    1 
_pdbx_audit_revision_details.data_content_type   'Structure model' 
_pdbx_audit_revision_details.provider            repository 
_pdbx_audit_revision_details.type                'Initial release' 
_pdbx_audit_revision_details.description         ? 
_pdbx_audit_revision_details.details             ? 
# 
loop_
_pdbx_audit_revision_group.ordinal 
_pdbx_audit_revision_group.revision_ordinal 
_pdbx_audit_revision_group.data_content_type 
_pdbx_audit_revision_group.group 
1 2 'Structure model' 'Database references'    
2 3 'Structure model' 'Database references'    
3 4 'Structure model' 'Refinement description' 
4 5 'Structure model' 'Database references'    
5 5 'Structure model' 'Derived calculations'   
6 5 'Structure model' 'Structure summary'      
7 6 'Structure model' 'Data collection'        
8 6 'Structure model' 'Refinement description' 
# 
loop_
_pdbx_audit_revision_category.ordinal 
_pdbx_audit_revision_category.revision_ordinal 
_pdbx_audit_revision_category.data_content_type 
_pdbx_audit_revision_category.category 
1  4 'Structure model' software                      
2  5 'Structure model' audit_author                  
3  5 'Structure model' chem_comp                     
4  5 'Structure model' citation_author               
5  5 'Structure model' database_2                    
6  5 'Structure model' entity                        
7  5 'Structure model' pdbx_entity_nonpoly           
8  5 'Structure model' struct_ref_seq_dif            
9  5 'Structure model' struct_site                   
10 6 'Structure model' chem_comp_atom                
11 6 'Structure model' chem_comp_bond                
12 6 'Structure model' pdbx_initial_refinement_model 
# 
loop_
_pdbx_audit_revision_item.ordinal 
_pdbx_audit_revision_item.revision_ordinal 
_pdbx_audit_revision_item.data_content_type 
_pdbx_audit_revision_item.item 
1  5 'Structure model' '_audit_author.identifier_ORCID'      
2  5 'Structure model' '_chem_comp.name'                     
3  5 'Structure model' '_citation_author.identifier_ORCID'   
4  5 'Structure model' '_database_2.pdbx_DOI'                
5  5 'Structure model' '_database_2.pdbx_database_accession' 
6  5 'Structure model' '_entity.pdbx_description'            
7  5 'Structure model' '_pdbx_entity_nonpoly.name'           
8  5 'Structure model' '_struct_ref_seq_dif.details'         
9  5 'Structure model' '_struct_site.pdbx_auth_asym_id'      
10 5 'Structure model' '_struct_site.pdbx_auth_comp_id'      
11 5 'Structure model' '_struct_site.pdbx_auth_seq_id'       
# 
loop_
_software.name 
_software.classification 
_software.version 
_software.citation_id 
_software.pdbx_ordinal 
HKL-3000 phasing          MOLREP   ? 1 
REFMAC   refinement       5.7.0029 ? 2 
Coot     'model building' .        ? 3 
HKL-3000 'data reduction' .        ? 4 
HKL-3000 'data scaling'   .        ? 5 
# 
loop_
_pdbx_validate_torsion.id 
_pdbx_validate_torsion.PDB_model_num 
_pdbx_validate_torsion.auth_comp_id 
_pdbx_validate_torsion.auth_asym_id 
_pdbx_validate_torsion.auth_seq_id 
_pdbx_validate_torsion.PDB_ins_code 
_pdbx_validate_torsion.label_alt_id 
_pdbx_validate_torsion.phi 
_pdbx_validate_torsion.psi 
1 1 TYR A 30 ? ? -161.14 73.27  
2 1 ASP A 74 ? ? -130.11 -81.45 
# 
loop_
_pdbx_unobs_or_zero_occ_atoms.id 
_pdbx_unobs_or_zero_occ_atoms.PDB_model_num 
_pdbx_unobs_or_zero_occ_atoms.polymer_flag 
_pdbx_unobs_or_zero_occ_atoms.occupancy_flag 
_pdbx_unobs_or_zero_occ_atoms.auth_asym_id 
_pdbx_unobs_or_zero_occ_atoms.auth_comp_id 
_pdbx_unobs_or_zero_occ_atoms.auth_seq_id 
_pdbx_unobs_or_zero_occ_atoms.PDB_ins_code 
_pdbx_unobs_or_zero_occ_atoms.auth_atom_id 
_pdbx_unobs_or_zero_occ_atoms.label_alt_id 
_pdbx_unobs_or_zero_occ_atoms.label_asym_id 
_pdbx_unobs_or_zero_occ_atoms.label_comp_id 
_pdbx_unobs_or_zero_occ_atoms.label_seq_id 
_pdbx_unobs_or_zero_occ_atoms.label_atom_id 
1 1 Y 1 A LYS 32  ? CE  ? A LYS 34  CE  
2 1 Y 1 A LYS 32  ? NZ  ? A LYS 34  NZ  
3 1 Y 1 A ARG 105 ? NH1 ? A ARG 107 NH1 
4 1 Y 1 A ARG 105 ? NH2 ? A ARG 107 NH2 
# 
loop_
_pdbx_unobs_or_zero_occ_residues.id 
_pdbx_unobs_or_zero_occ_residues.PDB_model_num 
_pdbx_unobs_or_zero_occ_residues.polymer_flag 
_pdbx_unobs_or_zero_occ_residues.occupancy_flag 
_pdbx_unobs_or_zero_occ_residues.auth_asym_id 
_pdbx_unobs_or_zero_occ_residues.auth_comp_id 
_pdbx_unobs_or_zero_occ_residues.auth_seq_id 
_pdbx_unobs_or_zero_occ_residues.PDB_ins_code 
_pdbx_unobs_or_zero_occ_residues.label_asym_id 
_pdbx_unobs_or_zero_occ_residues.label_comp_id 
_pdbx_unobs_or_zero_occ_residues.label_seq_id 
1 1 Y 1 A GLY -1  ? A GLY 1   
2 1 Y 1 A HIS 0   ? A HIS 2   
3 1 Y 1 A PRO 160 ? A PRO 162 
# 
loop_
_chem_comp_atom.comp_id 
_chem_comp_atom.atom_id 
_chem_comp_atom.type_symbol 
_chem_comp_atom.pdbx_aromatic_flag 
_chem_comp_atom.pdbx_stereo_config 
_chem_comp_atom.pdbx_ordinal 
ALA N    N N N 1   
ALA CA   C N S 2   
ALA C    C N N 3   
ALA O    O N N 4   
ALA CB   C N N 5   
ALA OXT  O N N 6   
ALA H    H N N 7   
ALA H2   H N N 8   
ALA HA   H N N 9   
ALA HB1  H N N 10  
ALA HB2  H N N 11  
ALA HB3  H N N 12  
ALA HXT  H N N 13  
ARG N    N N N 14  
ARG CA   C N S 15  
ARG C    C N N 16  
ARG O    O N N 17  
ARG CB   C N N 18  
ARG CG   C N N 19  
ARG CD   C N N 20  
ARG NE   N N N 21  
ARG CZ   C N N 22  
ARG NH1  N N N 23  
ARG NH2  N N N 24  
ARG OXT  O N N 25  
ARG H    H N N 26  
ARG H2   H N N 27  
ARG HA   H N N 28  
ARG HB2  H N N 29  
ARG HB3  H N N 30  
ARG HG2  H N N 31  
ARG HG3  H N N 32  
ARG HD2  H N N 33  
ARG HD3  H N N 34  
ARG HE   H N N 35  
ARG HH11 H N N 36  
ARG HH12 H N N 37  
ARG HH21 H N N 38  
ARG HH22 H N N 39  
ARG HXT  H N N 40  
ASN N    N N N 41  
ASN CA   C N S 42  
ASN C    C N N 43  
ASN O    O N N 44  
ASN CB   C N N 45  
ASN CG   C N N 46  
ASN OD1  O N N 47  
ASN ND2  N N N 48  
ASN OXT  O N N 49  
ASN H    H N N 50  
ASN H2   H N N 51  
ASN HA   H N N 52  
ASN HB2  H N N 53  
ASN HB3  H N N 54  
ASN HD21 H N N 55  
ASN HD22 H N N 56  
ASN HXT  H N N 57  
ASP N    N N N 58  
ASP CA   C N S 59  
ASP C    C N N 60  
ASP O    O N N 61  
ASP CB   C N N 62  
ASP CG   C N N 63  
ASP OD1  O N N 64  
ASP OD2  O N N 65  
ASP OXT  O N N 66  
ASP H    H N N 67  
ASP H2   H N N 68  
ASP HA   H N N 69  
ASP HB2  H N N 70  
ASP HB3  H N N 71  
ASP HD2  H N N 72  
ASP HXT  H N N 73  
CE3 C    C N R 74  
CE3 C1   C N R 75  
CE3 S    S N N 76  
CE3 C2   C N N 77  
CE3 C3   C N N 78  
CE3 C4   C N N 79  
CE3 N    N N N 80  
CE3 C5   C N N 81  
CE3 O    O N N 82  
CE3 N1   N N N 83  
CE3 C6   C N N 84  
CE3 O2   O N N 85  
CE3 C7   C N N 86  
CE3 N2   N N N 87  
CE3 O1   O N N 88  
CE3 C8   C N N 89  
CE3 C14  C Y N 90  
CE3 N3   N Y N 91  
CE3 C15  C Y N 92  
CE3 N4   N N N 93  
CE3 S1   S Y N 94  
CE3 C13  C Y N 95  
CE3 C9   C N N 96  
CE3 O3   O N N 97  
CE3 C10  C N N 98  
CE3 O4   O N N 99  
CE3 C11  C N N 100 
CE3 C12  C N N 101 
CE3 O5   O N N 102 
CE3 O6   O N N 103 
CE3 HC   H N N 104 
CE3 H1   H N N 105 
CE3 H21  H N N 106 
CE3 H22  H N N 107 
CE3 HN1  H N N 108 
CE3 H81  H N N 109 
CE3 H82  H N N 110 
CE3 H83  H N N 111 
CE3 H41  H N N 112 
CE3 H42  H N N 113 
CE3 H13  H N N 114 
CE3 H91  H N N 115 
CE3 H92  H N N 116 
CE3 H111 H N N 117 
CE3 H112 H N N 118 
CE3 H113 H N N 119 
CE3 HO6  H N N 120 
CYS N    N N N 121 
CYS CA   C N R 122 
CYS C    C N N 123 
CYS O    O N N 124 
CYS CB   C N N 125 
CYS SG   S N N 126 
CYS OXT  O N N 127 
CYS H    H N N 128 
CYS H2   H N N 129 
CYS HA   H N N 130 
CYS HB2  H N N 131 
CYS HB3  H N N 132 
CYS HG   H N N 133 
CYS HXT  H N N 134 
EDO C1   C N N 135 
EDO O1   O N N 136 
EDO C2   C N N 137 
EDO O2   O N N 138 
EDO H11  H N N 139 
EDO H12  H N N 140 
EDO HO1  H N N 141 
EDO H21  H N N 142 
EDO H22  H N N 143 
EDO HO2  H N N 144 
GLN N    N N N 145 
GLN CA   C N S 146 
GLN C    C N N 147 
GLN O    O N N 148 
GLN CB   C N N 149 
GLN CG   C N N 150 
GLN CD   C N N 151 
GLN OE1  O N N 152 
GLN NE2  N N N 153 
GLN OXT  O N N 154 
GLN H    H N N 155 
GLN H2   H N N 156 
GLN HA   H N N 157 
GLN HB2  H N N 158 
GLN HB3  H N N 159 
GLN HG2  H N N 160 
GLN HG3  H N N 161 
GLN HE21 H N N 162 
GLN HE22 H N N 163 
GLN HXT  H N N 164 
GLU N    N N N 165 
GLU CA   C N S 166 
GLU C    C N N 167 
GLU O    O N N 168 
GLU CB   C N N 169 
GLU CG   C N N 170 
GLU CD   C N N 171 
GLU OE1  O N N 172 
GLU OE2  O N N 173 
GLU OXT  O N N 174 
GLU H    H N N 175 
GLU H2   H N N 176 
GLU HA   H N N 177 
GLU HB2  H N N 178 
GLU HB3  H N N 179 
GLU HG2  H N N 180 
GLU HG3  H N N 181 
GLU HE2  H N N 182 
GLU HXT  H N N 183 
GLY N    N N N 184 
GLY CA   C N N 185 
GLY C    C N N 186 
GLY O    O N N 187 
GLY OXT  O N N 188 
GLY H    H N N 189 
GLY H2   H N N 190 
GLY HA2  H N N 191 
GLY HA3  H N N 192 
GLY HXT  H N N 193 
HIS N    N N N 194 
HIS CA   C N S 195 
HIS C    C N N 196 
HIS O    O N N 197 
HIS CB   C N N 198 
HIS CG   C Y N 199 
HIS ND1  N Y N 200 
HIS CD2  C Y N 201 
HIS CE1  C Y N 202 
HIS NE2  N Y N 203 
HIS OXT  O N N 204 
HIS H    H N N 205 
HIS H2   H N N 206 
HIS HA   H N N 207 
HIS HB2  H N N 208 
HIS HB3  H N N 209 
HIS HD1  H N N 210 
HIS HD2  H N N 211 
HIS HE1  H N N 212 
HIS HE2  H N N 213 
HIS HXT  H N N 214 
HOH O    O N N 215 
HOH H1   H N N 216 
HOH H2   H N N 217 
ILE N    N N N 218 
ILE CA   C N S 219 
ILE C    C N N 220 
ILE O    O N N 221 
ILE CB   C N S 222 
ILE CG1  C N N 223 
ILE CG2  C N N 224 
ILE CD1  C N N 225 
ILE OXT  O N N 226 
ILE H    H N N 227 
ILE H2   H N N 228 
ILE HA   H N N 229 
ILE HB   H N N 230 
ILE HG12 H N N 231 
ILE HG13 H N N 232 
ILE HG21 H N N 233 
ILE HG22 H N N 234 
ILE HG23 H N N 235 
ILE HD11 H N N 236 
ILE HD12 H N N 237 
ILE HD13 H N N 238 
ILE HXT  H N N 239 
LEU N    N N N 240 
LEU CA   C N S 241 
LEU C    C N N 242 
LEU O    O N N 243 
LEU CB   C N N 244 
LEU CG   C N N 245 
LEU CD1  C N N 246 
LEU CD2  C N N 247 
LEU OXT  O N N 248 
LEU H    H N N 249 
LEU H2   H N N 250 
LEU HA   H N N 251 
LEU HB2  H N N 252 
LEU HB3  H N N 253 
LEU HG   H N N 254 
LEU HD11 H N N 255 
LEU HD12 H N N 256 
LEU HD13 H N N 257 
LEU HD21 H N N 258 
LEU HD22 H N N 259 
LEU HD23 H N N 260 
LEU HXT  H N N 261 
LYS N    N N N 262 
LYS CA   C N S 263 
LYS C    C N N 264 
LYS O    O N N 265 
LYS CB   C N N 266 
LYS CG   C N N 267 
LYS CD   C N N 268 
LYS CE   C N N 269 
LYS NZ   N N N 270 
LYS OXT  O N N 271 
LYS H    H N N 272 
LYS H2   H N N 273 
LYS HA   H N N 274 
LYS HB2  H N N 275 
LYS HB3  H N N 276 
LYS HG2  H N N 277 
LYS HG3  H N N 278 
LYS HD2  H N N 279 
LYS HD3  H N N 280 
LYS HE2  H N N 281 
LYS HE3  H N N 282 
LYS HZ1  H N N 283 
LYS HZ2  H N N 284 
LYS HZ3  H N N 285 
LYS HXT  H N N 286 
MET N    N N N 287 
MET CA   C N S 288 
MET C    C N N 289 
MET O    O N N 290 
MET CB   C N N 291 
MET CG   C N N 292 
MET SD   S N N 293 
MET CE   C N N 294 
MET OXT  O N N 295 
MET H    H N N 296 
MET H2   H N N 297 
MET HA   H N N 298 
MET HB2  H N N 299 
MET HB3  H N N 300 
MET HG2  H N N 301 
MET HG3  H N N 302 
MET HE1  H N N 303 
MET HE2  H N N 304 
MET HE3  H N N 305 
MET HXT  H N N 306 
PHE N    N N N 307 
PHE CA   C N S 308 
PHE C    C N N 309 
PHE O    O N N 310 
PHE CB   C N N 311 
PHE CG   C Y N 312 
PHE CD1  C Y N 313 
PHE CD2  C Y N 314 
PHE CE1  C Y N 315 
PHE CE2  C Y N 316 
PHE CZ   C Y N 317 
PHE OXT  O N N 318 
PHE H    H N N 319 
PHE H2   H N N 320 
PHE HA   H N N 321 
PHE HB2  H N N 322 
PHE HB3  H N N 323 
PHE HD1  H N N 324 
PHE HD2  H N N 325 
PHE HE1  H N N 326 
PHE HE2  H N N 327 
PHE HZ   H N N 328 
PHE HXT  H N N 329 
PRO N    N N N 330 
PRO CA   C N S 331 
PRO C    C N N 332 
PRO O    O N N 333 
PRO CB   C N N 334 
PRO CG   C N N 335 
PRO CD   C N N 336 
PRO OXT  O N N 337 
PRO H    H N N 338 
PRO HA   H N N 339 
PRO HB2  H N N 340 
PRO HB3  H N N 341 
PRO HG2  H N N 342 
PRO HG3  H N N 343 
PRO HD2  H N N 344 
PRO HD3  H N N 345 
PRO HXT  H N N 346 
SER N    N N N 347 
SER CA   C N S 348 
SER C    C N N 349 
SER O    O N N 350 
SER CB   C N N 351 
SER OG   O N N 352 
SER OXT  O N N 353 
SER H    H N N 354 
SER H2   H N N 355 
SER HA   H N N 356 
SER HB2  H N N 357 
SER HB3  H N N 358 
SER HG   H N N 359 
SER HXT  H N N 360 
SO4 S    S N N 361 
SO4 O1   O N N 362 
SO4 O2   O N N 363 
SO4 O3   O N N 364 
SO4 O4   O N N 365 
THR N    N N N 366 
THR CA   C N S 367 
THR C    C N N 368 
THR O    O N N 369 
THR CB   C N R 370 
THR OG1  O N N 371 
THR CG2  C N N 372 
THR OXT  O N N 373 
THR H    H N N 374 
THR H2   H N N 375 
THR HA   H N N 376 
THR HB   H N N 377 
THR HG1  H N N 378 
THR HG21 H N N 379 
THR HG22 H N N 380 
THR HG23 H N N 381 
THR HXT  H N N 382 
TRP N    N N N 383 
TRP CA   C N S 384 
TRP C    C N N 385 
TRP O    O N N 386 
TRP CB   C N N 387 
TRP CG   C Y N 388 
TRP CD1  C Y N 389 
TRP CD2  C Y N 390 
TRP NE1  N Y N 391 
TRP CE2  C Y N 392 
TRP CE3  C Y N 393 
TRP CZ2  C Y N 394 
TRP CZ3  C Y N 395 
TRP CH2  C Y N 396 
TRP OXT  O N N 397 
TRP H    H N N 398 
TRP H2   H N N 399 
TRP HA   H N N 400 
TRP HB2  H N N 401 
TRP HB3  H N N 402 
TRP HD1  H N N 403 
TRP HE1  H N N 404 
TRP HE3  H N N 405 
TRP HZ2  H N N 406 
TRP HZ3  H N N 407 
TRP HH2  H N N 408 
TRP HXT  H N N 409 
TYR N    N N N 410 
TYR CA   C N S 411 
TYR C    C N N 412 
TYR O    O N N 413 
TYR CB   C N N 414 
TYR CG   C Y N 415 
TYR CD1  C Y N 416 
TYR CD2  C Y N 417 
TYR CE1  C Y N 418 
TYR CE2  C Y N 419 
TYR CZ   C Y N 420 
TYR OH   O N N 421 
TYR OXT  O N N 422 
TYR H    H N N 423 
TYR H2   H N N 424 
TYR HA   H N N 425 
TYR HB2  H N N 426 
TYR HB3  H N N 427 
TYR HD1  H N N 428 
TYR HD2  H N N 429 
TYR HE1  H N N 430 
TYR HE2  H N N 431 
TYR HH   H N N 432 
TYR HXT  H N N 433 
VAL N    N N N 434 
VAL CA   C N S 435 
VAL C    C N N 436 
VAL O    O N N 437 
VAL CB   C N N 438 
VAL CG1  C N N 439 
VAL CG2  C N N 440 
VAL OXT  O N N 441 
VAL H    H N N 442 
VAL H2   H N N 443 
VAL HA   H N N 444 
VAL HB   H N N 445 
VAL HG11 H N N 446 
VAL HG12 H N N 447 
VAL HG13 H N N 448 
VAL HG21 H N N 449 
VAL HG22 H N N 450 
VAL HG23 H N N 451 
VAL HXT  H N N 452 
# 
loop_
_chem_comp_bond.comp_id 
_chem_comp_bond.atom_id_1 
_chem_comp_bond.atom_id_2 
_chem_comp_bond.value_order 
_chem_comp_bond.pdbx_aromatic_flag 
_chem_comp_bond.pdbx_stereo_config 
_chem_comp_bond.pdbx_ordinal 
ALA N   CA   sing N N 1   
ALA N   H    sing N N 2   
ALA N   H2   sing N N 3   
ALA CA  C    sing N N 4   
ALA CA  CB   sing N N 5   
ALA CA  HA   sing N N 6   
ALA C   O    doub N N 7   
ALA C   OXT  sing N N 8   
ALA CB  HB1  sing N N 9   
ALA CB  HB2  sing N N 10  
ALA CB  HB3  sing N N 11  
ALA OXT HXT  sing N N 12  
ARG N   CA   sing N N 13  
ARG N   H    sing N N 14  
ARG N   H2   sing N N 15  
ARG CA  C    sing N N 16  
ARG CA  CB   sing N N 17  
ARG CA  HA   sing N N 18  
ARG C   O    doub N N 19  
ARG C   OXT  sing N N 20  
ARG CB  CG   sing N N 21  
ARG CB  HB2  sing N N 22  
ARG CB  HB3  sing N N 23  
ARG CG  CD   sing N N 24  
ARG CG  HG2  sing N N 25  
ARG CG  HG3  sing N N 26  
ARG CD  NE   sing N N 27  
ARG CD  HD2  sing N N 28  
ARG CD  HD3  sing N N 29  
ARG NE  CZ   sing N N 30  
ARG NE  HE   sing N N 31  
ARG CZ  NH1  sing N N 32  
ARG CZ  NH2  doub N N 33  
ARG NH1 HH11 sing N N 34  
ARG NH1 HH12 sing N N 35  
ARG NH2 HH21 sing N N 36  
ARG NH2 HH22 sing N N 37  
ARG OXT HXT  sing N N 38  
ASN N   CA   sing N N 39  
ASN N   H    sing N N 40  
ASN N   H2   sing N N 41  
ASN CA  C    sing N N 42  
ASN CA  CB   sing N N 43  
ASN CA  HA   sing N N 44  
ASN C   O    doub N N 45  
ASN C   OXT  sing N N 46  
ASN CB  CG   sing N N 47  
ASN CB  HB2  sing N N 48  
ASN CB  HB3  sing N N 49  
ASN CG  OD1  doub N N 50  
ASN CG  ND2  sing N N 51  
ASN ND2 HD21 sing N N 52  
ASN ND2 HD22 sing N N 53  
ASN OXT HXT  sing N N 54  
ASP N   CA   sing N N 55  
ASP N   H    sing N N 56  
ASP N   H2   sing N N 57  
ASP CA  C    sing N N 58  
ASP CA  CB   sing N N 59  
ASP CA  HA   sing N N 60  
ASP C   O    doub N N 61  
ASP C   OXT  sing N N 62  
ASP CB  CG   sing N N 63  
ASP CB  HB2  sing N N 64  
ASP CB  HB3  sing N N 65  
ASP CG  OD1  doub N N 66  
ASP CG  OD2  sing N N 67  
ASP OD2 HD2  sing N N 68  
ASP OXT HXT  sing N N 69  
CE3 C   C1   sing N N 70  
CE3 C   S    sing N N 71  
CE3 C   N    sing N N 72  
CE3 C   HC   sing N N 73  
CE3 C1  C5   sing N N 74  
CE3 C1  N1   sing N N 75  
CE3 C1  H1   sing N N 76  
CE3 S   C2   sing N N 77  
CE3 C2  C3   sing N N 78  
CE3 C2  H21  sing N N 79  
CE3 C2  H22  sing N N 80  
CE3 C3  C4   doub N N 81  
CE3 C3  C9   sing N N 82  
CE3 C4  N    sing N N 83  
CE3 C4  C12  sing N N 84  
CE3 N   C5   sing N N 85  
CE3 C5  O    doub N N 86  
CE3 N1  C6   sing N N 87  
CE3 N1  HN1  sing N N 88  
CE3 C6  O2   doub N N 89  
CE3 C6  C7   sing N N 90  
CE3 C7  N2   doub N Z 91  
CE3 C7  C14  sing N N 92  
CE3 N2  O1   sing N N 93  
CE3 O1  C8   sing N N 94  
CE3 C8  H81  sing N N 95  
CE3 C8  H82  sing N N 96  
CE3 C8  H83  sing N N 97  
CE3 C14 N3   sing Y N 98  
CE3 C14 C13  doub Y N 99  
CE3 N3  C15  doub Y N 100 
CE3 C15 N4   sing N N 101 
CE3 C15 S1   sing Y N 102 
CE3 N4  H41  sing N N 103 
CE3 N4  H42  sing N N 104 
CE3 S1  C13  sing Y N 105 
CE3 C13 H13  sing N N 106 
CE3 C9  O3   sing N N 107 
CE3 C9  H91  sing N N 108 
CE3 C9  H92  sing N N 109 
CE3 O3  C10  sing N N 110 
CE3 C10 O4   doub N N 111 
CE3 C10 C11  sing N N 112 
CE3 C11 H111 sing N N 113 
CE3 C11 H112 sing N N 114 
CE3 C11 H113 sing N N 115 
CE3 C12 O5   doub N N 116 
CE3 C12 O6   sing N N 117 
CE3 O6  HO6  sing N N 118 
CYS N   CA   sing N N 119 
CYS N   H    sing N N 120 
CYS N   H2   sing N N 121 
CYS CA  C    sing N N 122 
CYS CA  CB   sing N N 123 
CYS CA  HA   sing N N 124 
CYS C   O    doub N N 125 
CYS C   OXT  sing N N 126 
CYS CB  SG   sing N N 127 
CYS CB  HB2  sing N N 128 
CYS CB  HB3  sing N N 129 
CYS SG  HG   sing N N 130 
CYS OXT HXT  sing N N 131 
EDO C1  O1   sing N N 132 
EDO C1  C2   sing N N 133 
EDO C1  H11  sing N N 134 
EDO C1  H12  sing N N 135 
EDO O1  HO1  sing N N 136 
EDO C2  O2   sing N N 137 
EDO C2  H21  sing N N 138 
EDO C2  H22  sing N N 139 
EDO O2  HO2  sing N N 140 
GLN N   CA   sing N N 141 
GLN N   H    sing N N 142 
GLN N   H2   sing N N 143 
GLN CA  C    sing N N 144 
GLN CA  CB   sing N N 145 
GLN CA  HA   sing N N 146 
GLN C   O    doub N N 147 
GLN C   OXT  sing N N 148 
GLN CB  CG   sing N N 149 
GLN CB  HB2  sing N N 150 
GLN CB  HB3  sing N N 151 
GLN CG  CD   sing N N 152 
GLN CG  HG2  sing N N 153 
GLN CG  HG3  sing N N 154 
GLN CD  OE1  doub N N 155 
GLN CD  NE2  sing N N 156 
GLN NE2 HE21 sing N N 157 
GLN NE2 HE22 sing N N 158 
GLN OXT HXT  sing N N 159 
GLU N   CA   sing N N 160 
GLU N   H    sing N N 161 
GLU N   H2   sing N N 162 
GLU CA  C    sing N N 163 
GLU CA  CB   sing N N 164 
GLU CA  HA   sing N N 165 
GLU C   O    doub N N 166 
GLU C   OXT  sing N N 167 
GLU CB  CG   sing N N 168 
GLU CB  HB2  sing N N 169 
GLU CB  HB3  sing N N 170 
GLU CG  CD   sing N N 171 
GLU CG  HG2  sing N N 172 
GLU CG  HG3  sing N N 173 
GLU CD  OE1  doub N N 174 
GLU CD  OE2  sing N N 175 
GLU OE2 HE2  sing N N 176 
GLU OXT HXT  sing N N 177 
GLY N   CA   sing N N 178 
GLY N   H    sing N N 179 
GLY N   H2   sing N N 180 
GLY CA  C    sing N N 181 
GLY CA  HA2  sing N N 182 
GLY CA  HA3  sing N N 183 
GLY C   O    doub N N 184 
GLY C   OXT  sing N N 185 
GLY OXT HXT  sing N N 186 
HIS N   CA   sing N N 187 
HIS N   H    sing N N 188 
HIS N   H2   sing N N 189 
HIS CA  C    sing N N 190 
HIS CA  CB   sing N N 191 
HIS CA  HA   sing N N 192 
HIS C   O    doub N N 193 
HIS C   OXT  sing N N 194 
HIS CB  CG   sing N N 195 
HIS CB  HB2  sing N N 196 
HIS CB  HB3  sing N N 197 
HIS CG  ND1  sing Y N 198 
HIS CG  CD2  doub Y N 199 
HIS ND1 CE1  doub Y N 200 
HIS ND1 HD1  sing N N 201 
HIS CD2 NE2  sing Y N 202 
HIS CD2 HD2  sing N N 203 
HIS CE1 NE2  sing Y N 204 
HIS CE1 HE1  sing N N 205 
HIS NE2 HE2  sing N N 206 
HIS OXT HXT  sing N N 207 
HOH O   H1   sing N N 208 
HOH O   H2   sing N N 209 
ILE N   CA   sing N N 210 
ILE N   H    sing N N 211 
ILE N   H2   sing N N 212 
ILE CA  C    sing N N 213 
ILE CA  CB   sing N N 214 
ILE CA  HA   sing N N 215 
ILE C   O    doub N N 216 
ILE C   OXT  sing N N 217 
ILE CB  CG1  sing N N 218 
ILE CB  CG2  sing N N 219 
ILE CB  HB   sing N N 220 
ILE CG1 CD1  sing N N 221 
ILE CG1 HG12 sing N N 222 
ILE CG1 HG13 sing N N 223 
ILE CG2 HG21 sing N N 224 
ILE CG2 HG22 sing N N 225 
ILE CG2 HG23 sing N N 226 
ILE CD1 HD11 sing N N 227 
ILE CD1 HD12 sing N N 228 
ILE CD1 HD13 sing N N 229 
ILE OXT HXT  sing N N 230 
LEU N   CA   sing N N 231 
LEU N   H    sing N N 232 
LEU N   H2   sing N N 233 
LEU CA  C    sing N N 234 
LEU CA  CB   sing N N 235 
LEU CA  HA   sing N N 236 
LEU C   O    doub N N 237 
LEU C   OXT  sing N N 238 
LEU CB  CG   sing N N 239 
LEU CB  HB2  sing N N 240 
LEU CB  HB3  sing N N 241 
LEU CG  CD1  sing N N 242 
LEU CG  CD2  sing N N 243 
LEU CG  HG   sing N N 244 
LEU CD1 HD11 sing N N 245 
LEU CD1 HD12 sing N N 246 
LEU CD1 HD13 sing N N 247 
LEU CD2 HD21 sing N N 248 
LEU CD2 HD22 sing N N 249 
LEU CD2 HD23 sing N N 250 
LEU OXT HXT  sing N N 251 
LYS N   CA   sing N N 252 
LYS N   H    sing N N 253 
LYS N   H2   sing N N 254 
LYS CA  C    sing N N 255 
LYS CA  CB   sing N N 256 
LYS CA  HA   sing N N 257 
LYS C   O    doub N N 258 
LYS C   OXT  sing N N 259 
LYS CB  CG   sing N N 260 
LYS CB  HB2  sing N N 261 
LYS CB  HB3  sing N N 262 
LYS CG  CD   sing N N 263 
LYS CG  HG2  sing N N 264 
LYS CG  HG3  sing N N 265 
LYS CD  CE   sing N N 266 
LYS CD  HD2  sing N N 267 
LYS CD  HD3  sing N N 268 
LYS CE  NZ   sing N N 269 
LYS CE  HE2  sing N N 270 
LYS CE  HE3  sing N N 271 
LYS NZ  HZ1  sing N N 272 
LYS NZ  HZ2  sing N N 273 
LYS NZ  HZ3  sing N N 274 
LYS OXT HXT  sing N N 275 
MET N   CA   sing N N 276 
MET N   H    sing N N 277 
MET N   H2   sing N N 278 
MET CA  C    sing N N 279 
MET CA  CB   sing N N 280 
MET CA  HA   sing N N 281 
MET C   O    doub N N 282 
MET C   OXT  sing N N 283 
MET CB  CG   sing N N 284 
MET CB  HB2  sing N N 285 
MET CB  HB3  sing N N 286 
MET CG  SD   sing N N 287 
MET CG  HG2  sing N N 288 
MET CG  HG3  sing N N 289 
MET SD  CE   sing N N 290 
MET CE  HE1  sing N N 291 
MET CE  HE2  sing N N 292 
MET CE  HE3  sing N N 293 
MET OXT HXT  sing N N 294 
PHE N   CA   sing N N 295 
PHE N   H    sing N N 296 
PHE N   H2   sing N N 297 
PHE CA  C    sing N N 298 
PHE CA  CB   sing N N 299 
PHE CA  HA   sing N N 300 
PHE C   O    doub N N 301 
PHE C   OXT  sing N N 302 
PHE CB  CG   sing N N 303 
PHE CB  HB2  sing N N 304 
PHE CB  HB3  sing N N 305 
PHE CG  CD1  doub Y N 306 
PHE CG  CD2  sing Y N 307 
PHE CD1 CE1  sing Y N 308 
PHE CD1 HD1  sing N N 309 
PHE CD2 CE2  doub Y N 310 
PHE CD2 HD2  sing N N 311 
PHE CE1 CZ   doub Y N 312 
PHE CE1 HE1  sing N N 313 
PHE CE2 CZ   sing Y N 314 
PHE CE2 HE2  sing N N 315 
PHE CZ  HZ   sing N N 316 
PHE OXT HXT  sing N N 317 
PRO N   CA   sing N N 318 
PRO N   CD   sing N N 319 
PRO N   H    sing N N 320 
PRO CA  C    sing N N 321 
PRO CA  CB   sing N N 322 
PRO CA  HA   sing N N 323 
PRO C   O    doub N N 324 
PRO C   OXT  sing N N 325 
PRO CB  CG   sing N N 326 
PRO CB  HB2  sing N N 327 
PRO CB  HB3  sing N N 328 
PRO CG  CD   sing N N 329 
PRO CG  HG2  sing N N 330 
PRO CG  HG3  sing N N 331 
PRO CD  HD2  sing N N 332 
PRO CD  HD3  sing N N 333 
PRO OXT HXT  sing N N 334 
SER N   CA   sing N N 335 
SER N   H    sing N N 336 
SER N   H2   sing N N 337 
SER CA  C    sing N N 338 
SER CA  CB   sing N N 339 
SER CA  HA   sing N N 340 
SER C   O    doub N N 341 
SER C   OXT  sing N N 342 
SER CB  OG   sing N N 343 
SER CB  HB2  sing N N 344 
SER CB  HB3  sing N N 345 
SER OG  HG   sing N N 346 
SER OXT HXT  sing N N 347 
SO4 S   O1   doub N N 348 
SO4 S   O2   doub N N 349 
SO4 S   O3   sing N N 350 
SO4 S   O4   sing N N 351 
THR N   CA   sing N N 352 
THR N   H    sing N N 353 
THR N   H2   sing N N 354 
THR CA  C    sing N N 355 
THR CA  CB   sing N N 356 
THR CA  HA   sing N N 357 
THR C   O    doub N N 358 
THR C   OXT  sing N N 359 
THR CB  OG1  sing N N 360 
THR CB  CG2  sing N N 361 
THR CB  HB   sing N N 362 
THR OG1 HG1  sing N N 363 
THR CG2 HG21 sing N N 364 
THR CG2 HG22 sing N N 365 
THR CG2 HG23 sing N N 366 
THR OXT HXT  sing N N 367 
TRP N   CA   sing N N 368 
TRP N   H    sing N N 369 
TRP N   H2   sing N N 370 
TRP CA  C    sing N N 371 
TRP CA  CB   sing N N 372 
TRP CA  HA   sing N N 373 
TRP C   O    doub N N 374 
TRP C   OXT  sing N N 375 
TRP CB  CG   sing N N 376 
TRP CB  HB2  sing N N 377 
TRP CB  HB3  sing N N 378 
TRP CG  CD1  doub Y N 379 
TRP CG  CD2  sing Y N 380 
TRP CD1 NE1  sing Y N 381 
TRP CD1 HD1  sing N N 382 
TRP CD2 CE2  doub Y N 383 
TRP CD2 CE3  sing Y N 384 
TRP NE1 CE2  sing Y N 385 
TRP NE1 HE1  sing N N 386 
TRP CE2 CZ2  sing Y N 387 
TRP CE3 CZ3  doub Y N 388 
TRP CE3 HE3  sing N N 389 
TRP CZ2 CH2  doub Y N 390 
TRP CZ2 HZ2  sing N N 391 
TRP CZ3 CH2  sing Y N 392 
TRP CZ3 HZ3  sing N N 393 
TRP CH2 HH2  sing N N 394 
TRP OXT HXT  sing N N 395 
TYR N   CA   sing N N 396 
TYR N   H    sing N N 397 
TYR N   H2   sing N N 398 
TYR CA  C    sing N N 399 
TYR CA  CB   sing N N 400 
TYR CA  HA   sing N N 401 
TYR C   O    doub N N 402 
TYR C   OXT  sing N N 403 
TYR CB  CG   sing N N 404 
TYR CB  HB2  sing N N 405 
TYR CB  HB3  sing N N 406 
TYR CG  CD1  doub Y N 407 
TYR CG  CD2  sing Y N 408 
TYR CD1 CE1  sing Y N 409 
TYR CD1 HD1  sing N N 410 
TYR CD2 CE2  doub Y N 411 
TYR CD2 HD2  sing N N 412 
TYR CE1 CZ   doub Y N 413 
TYR CE1 HE1  sing N N 414 
TYR CE2 CZ   sing Y N 415 
TYR CE2 HE2  sing N N 416 
TYR CZ  OH   sing N N 417 
TYR OH  HH   sing N N 418 
TYR OXT HXT  sing N N 419 
VAL N   CA   sing N N 420 
VAL N   H    sing N N 421 
VAL N   H2   sing N N 422 
VAL CA  C    sing N N 423 
VAL CA  CB   sing N N 424 
VAL CA  HA   sing N N 425 
VAL C   O    doub N N 426 
VAL C   OXT  sing N N 427 
VAL CB  CG1  sing N N 428 
VAL CB  CG2  sing N N 429 
VAL CB  HB   sing N N 430 
VAL CG1 HG11 sing N N 431 
VAL CG1 HG12 sing N N 432 
VAL CG1 HG13 sing N N 433 
VAL CG2 HG21 sing N N 434 
VAL CG2 HG22 sing N N 435 
VAL CG2 HG23 sing N N 436 
VAL OXT HXT  sing N N 437 
# 
loop_
_pdbx_entity_nonpoly.entity_id 
_pdbx_entity_nonpoly.name 
_pdbx_entity_nonpoly.comp_id 
2 'SULFATE ION' SO4 
3 
;(6R,7R)-3-(acetyloxymethyl)-7-[[(2Z)-2-(2-amino-1,3-thiazol-4-yl)-2-methoxyimino-ethanoyl]amino]-8-oxo-5-thia-1-azabicy clo[4.2.0]oct-2-ene-2-carboxylic acid
;
CE3 
4 1,2-ETHANEDIOL EDO 
5 water HOH 
# 
_pdbx_initial_refinement_model.id               1 
_pdbx_initial_refinement_model.entity_id_list   ? 
_pdbx_initial_refinement_model.type             'experimental model' 
_pdbx_initial_refinement_model.source_name      PDB 
_pdbx_initial_refinement_model.accession_code   2I6C 
_pdbx_initial_refinement_model.details          ? 
# 
